data_2YUY
#
_entry.id   2YUY
#
_entity_poly.entity_id   1
_entity_poly.type   'polypeptide(L)'
_entity_poly.pdbx_seq_one_letter_code
;GSSGSSGGPKTVTLKRTSQGFGFTLRHFIVYPPESAIQFSYKDEENGNRGGKQRNRLEPMDTIFVKQVKEGGPAFEAGLC
TGDRIIKVNGESVIGKTYSQVIALIQNSDTTLELSVMPKDSGPSSG
;
_entity_poly.pdbx_strand_id   A
#
# COMPACT_ATOMS: atom_id res chain seq x y z
N GLY A 1 20.01 -24.96 0.38
CA GLY A 1 18.89 -24.53 1.20
C GLY A 1 18.26 -23.26 0.63
N SER A 2 17.97 -22.33 1.52
CA SER A 2 17.36 -21.07 1.12
C SER A 2 16.00 -21.33 0.45
N SER A 3 15.19 -20.30 0.39
CA SER A 3 13.88 -20.39 -0.22
C SER A 3 13.21 -19.02 -0.25
N GLY A 4 12.25 -18.89 -1.16
CA GLY A 4 11.52 -17.64 -1.30
C GLY A 4 10.34 -17.57 -0.34
N SER A 5 10.61 -17.90 0.92
CA SER A 5 9.58 -17.89 1.93
C SER A 5 8.53 -18.98 1.64
N SER A 6 8.55 -20.01 2.46
CA SER A 6 7.62 -21.11 2.30
C SER A 6 6.48 -20.98 3.30
N GLY A 7 5.50 -20.16 2.94
CA GLY A 7 4.35 -19.94 3.80
C GLY A 7 4.59 -18.77 4.75
N GLY A 8 3.58 -17.91 4.86
CA GLY A 8 3.67 -16.75 5.73
C GLY A 8 3.57 -15.45 4.92
N PRO A 9 3.16 -14.36 5.63
CA PRO A 9 3.01 -13.07 4.99
C PRO A 9 4.39 -12.43 4.75
N LYS A 10 4.51 -11.79 3.59
CA LYS A 10 5.75 -11.13 3.23
C LYS A 10 5.74 -9.70 3.78
N THR A 11 6.91 -9.25 4.20
CA THR A 11 7.05 -7.91 4.74
C THR A 11 8.27 -7.21 4.12
N VAL A 12 8.09 -5.94 3.80
CA VAL A 12 9.16 -5.16 3.21
C VAL A 12 9.17 -3.76 3.84
N THR A 13 10.35 -3.35 4.28
CA THR A 13 10.51 -2.05 4.91
C THR A 13 11.16 -1.07 3.94
N LEU A 14 10.68 0.16 3.99
CA LEU A 14 11.20 1.21 3.11
C LEU A 14 11.54 2.44 3.94
N LYS A 15 12.53 3.18 3.48
CA LYS A 15 12.95 4.39 4.17
C LYS A 15 12.57 5.61 3.32
N ARG A 16 11.99 6.59 4.00
CA ARG A 16 11.57 7.81 3.33
C ARG A 16 12.75 8.45 2.59
N THR A 17 12.66 8.44 1.27
CA THR A 17 13.71 9.01 0.45
C THR A 17 13.11 9.80 -0.71
N SER A 18 13.44 11.08 -0.75
CA SER A 18 12.94 11.96 -1.79
C SER A 18 11.42 11.79 -1.93
N GLN A 19 10.74 11.87 -0.80
CA GLN A 19 9.29 11.73 -0.78
C GLN A 19 8.90 10.30 -1.17
N GLY A 20 9.08 9.99 -2.44
CA GLY A 20 8.75 8.67 -2.95
C GLY A 20 9.54 7.59 -2.22
N PHE A 21 9.22 6.34 -2.56
CA PHE A 21 9.90 5.21 -1.95
C PHE A 21 10.37 4.22 -3.01
N GLY A 22 10.85 4.78 -4.11
CA GLY A 22 11.34 3.96 -5.21
C GLY A 22 10.18 3.43 -6.07
N PHE A 23 9.50 2.44 -5.54
CA PHE A 23 8.37 1.84 -6.24
C PHE A 23 7.22 2.84 -6.36
N THR A 24 6.14 2.38 -6.98
CA THR A 24 4.97 3.21 -7.16
C THR A 24 3.72 2.35 -7.37
N LEU A 25 2.57 2.99 -7.23
CA LEU A 25 1.30 2.28 -7.39
C LEU A 25 0.65 2.72 -8.70
N ARG A 26 -0.52 2.15 -8.97
CA ARG A 26 -1.25 2.46 -10.18
C ARG A 26 -2.53 3.24 -9.85
N HIS A 27 -2.75 4.31 -10.59
CA HIS A 27 -3.92 5.14 -10.39
C HIS A 27 -5.12 4.26 -10.07
N PHE A 28 -5.94 4.74 -9.14
CA PHE A 28 -7.13 4.01 -8.74
C PHE A 28 -8.13 3.92 -9.89
N ILE A 29 -8.70 2.73 -10.05
CA ILE A 29 -9.68 2.50 -11.10
C ILE A 29 -10.77 3.57 -11.02
N VAL A 30 -10.63 4.59 -11.86
CA VAL A 30 -11.59 5.67 -11.89
C VAL A 30 -13.01 5.10 -11.72
N TYR A 31 -13.85 5.88 -11.09
CA TYR A 31 -15.23 5.47 -10.86
C TYR A 31 -16.22 6.57 -11.27
N PRO A 32 -16.18 6.90 -12.59
CA PRO A 32 -17.06 7.93 -13.12
C PRO A 32 -18.50 7.42 -13.24
N PRO A 33 -19.46 8.38 -13.18
CA PRO A 33 -20.86 8.05 -13.29
C PRO A 33 -21.24 7.71 -14.73
N GLU A 34 -22.09 6.71 -14.87
CA GLU A 34 -22.54 6.28 -16.19
C GLU A 34 -23.14 7.46 -16.96
N SER A 35 -24.24 7.97 -16.41
CA SER A 35 -24.92 9.10 -17.03
C SER A 35 -25.05 10.25 -16.03
N ALA A 36 -24.49 11.39 -16.41
CA ALA A 36 -24.53 12.57 -15.56
C ALA A 36 -23.87 13.74 -16.29
N ILE A 37 -22.69 14.11 -15.82
CA ILE A 37 -21.96 15.22 -16.42
C ILE A 37 -22.80 16.49 -16.34
N GLN A 38 -22.77 17.11 -15.16
CA GLN A 38 -23.53 18.32 -14.94
C GLN A 38 -23.06 19.01 -13.66
N PHE A 39 -21.76 18.99 -13.45
CA PHE A 39 -21.18 19.60 -12.26
C PHE A 39 -19.82 20.23 -12.58
N SER A 40 -19.83 21.54 -12.75
CA SER A 40 -18.62 22.27 -13.06
C SER A 40 -17.97 21.71 -14.33
N TYR A 41 -16.85 22.28 -14.69
CA TYR A 41 -16.12 21.86 -15.87
C TYR A 41 -14.70 21.41 -15.51
N LYS A 42 -14.08 22.16 -14.62
CA LYS A 42 -12.73 21.86 -14.19
C LYS A 42 -12.59 22.19 -12.70
N ASP A 43 -12.92 21.21 -11.88
CA ASP A 43 -12.84 21.37 -10.44
C ASP A 43 -13.11 20.03 -9.76
N GLU A 44 -12.69 19.95 -8.50
CA GLU A 44 -12.87 18.73 -7.73
C GLU A 44 -14.35 18.29 -7.78
N GLU A 45 -14.59 17.12 -7.23
CA GLU A 45 -15.94 16.57 -7.20
C GLU A 45 -16.19 15.85 -5.88
N ASN A 46 -17.38 16.05 -5.35
CA ASN A 46 -17.76 15.42 -4.10
C ASN A 46 -17.57 13.91 -4.20
N GLY A 47 -17.01 13.34 -3.15
CA GLY A 47 -16.76 11.90 -3.12
C GLY A 47 -17.44 11.26 -1.91
N ASN A 48 -16.93 11.61 -0.74
CA ASN A 48 -17.46 11.07 0.50
C ASN A 48 -18.95 11.42 0.60
N ARG A 49 -19.66 10.64 1.41
CA ARG A 49 -21.08 10.85 1.60
C ARG A 49 -21.82 10.72 0.27
N GLY A 50 -23.13 10.58 0.36
CA GLY A 50 -23.97 10.44 -0.82
C GLY A 50 -25.36 9.94 -0.46
N GLY A 51 -25.45 8.64 -0.24
CA GLY A 51 -26.70 8.01 0.12
C GLY A 51 -26.55 6.50 0.27
N LYS A 52 -26.75 6.04 1.50
CA LYS A 52 -26.63 4.62 1.79
C LYS A 52 -27.93 3.91 1.39
N GLN A 53 -28.20 3.93 0.10
CA GLN A 53 -29.41 3.29 -0.42
C GLN A 53 -29.04 2.25 -1.48
N ARG A 54 -28.39 2.74 -2.53
CA ARG A 54 -27.98 1.86 -3.63
C ARG A 54 -26.49 1.55 -3.52
N ASN A 55 -25.68 2.60 -3.61
CA ASN A 55 -24.24 2.45 -3.52
C ASN A 55 -23.73 1.71 -4.77
N ARG A 56 -22.99 2.45 -5.58
CA ARG A 56 -22.44 1.89 -6.80
C ARG A 56 -21.47 0.75 -6.48
N LEU A 57 -21.47 -0.26 -7.33
CA LEU A 57 -20.60 -1.41 -7.15
C LEU A 57 -19.20 -1.06 -7.65
N GLU A 58 -18.44 -0.41 -6.78
CA GLU A 58 -17.08 -0.03 -7.12
C GLU A 58 -16.18 -1.26 -7.19
N PRO A 59 -15.05 -1.11 -7.95
CA PRO A 59 -14.11 -2.19 -8.11
C PRO A 59 -13.27 -2.39 -6.85
N MET A 60 -12.22 -1.59 -6.75
CA MET A 60 -11.32 -1.66 -5.60
C MET A 60 -10.99 -3.11 -5.26
N ASP A 61 -10.12 -3.70 -6.05
CA ASP A 61 -9.70 -5.07 -5.84
C ASP A 61 -8.42 -5.09 -5.01
N THR A 62 -7.36 -4.57 -5.60
CA THR A 62 -6.08 -4.52 -4.92
C THR A 62 -5.28 -3.30 -5.38
N ILE A 63 -4.15 -3.07 -4.70
CA ILE A 63 -3.31 -1.95 -5.02
C ILE A 63 -2.39 -2.32 -6.20
N PHE A 64 -1.66 -3.41 -6.01
CA PHE A 64 -0.74 -3.88 -7.03
C PHE A 64 0.33 -2.83 -7.34
N VAL A 65 1.56 -3.30 -7.42
CA VAL A 65 2.68 -2.43 -7.70
C VAL A 65 2.76 -2.17 -9.21
N LYS A 66 3.49 -1.13 -9.58
CA LYS A 66 3.65 -0.77 -10.97
C LYS A 66 5.10 -0.99 -11.39
N GLN A 67 5.99 -0.25 -10.74
CA GLN A 67 7.41 -0.36 -11.04
C GLN A 67 8.23 -0.25 -9.75
N VAL A 68 9.52 -0.52 -9.88
CA VAL A 68 10.41 -0.46 -8.74
C VAL A 68 11.72 0.24 -9.16
N LYS A 69 11.92 1.43 -8.60
CA LYS A 69 13.11 2.20 -8.91
C LYS A 69 14.33 1.28 -8.85
N GLU A 70 15.40 1.74 -9.48
CA GLU A 70 16.64 0.98 -9.51
C GLU A 70 17.68 1.64 -8.60
N GLY A 71 17.70 1.20 -7.35
CA GLY A 71 18.65 1.74 -6.38
C GLY A 71 17.93 2.56 -5.31
N GLY A 72 16.67 2.19 -5.07
CA GLY A 72 15.87 2.88 -4.07
C GLY A 72 15.63 1.99 -2.85
N PRO A 73 14.59 2.38 -2.06
CA PRO A 73 14.25 1.64 -0.86
C PRO A 73 13.55 0.32 -1.21
N ALA A 74 12.39 0.45 -1.83
CA ALA A 74 11.61 -0.71 -2.23
C ALA A 74 12.54 -1.73 -2.88
N PHE A 75 13.26 -1.27 -3.89
CA PHE A 75 14.19 -2.14 -4.60
C PHE A 75 14.99 -2.99 -3.63
N GLU A 76 15.48 -2.35 -2.57
CA GLU A 76 16.26 -3.04 -1.57
C GLU A 76 15.37 -3.97 -0.74
N ALA A 77 14.32 -3.38 -0.19
CA ALA A 77 13.38 -4.13 0.63
C ALA A 77 13.16 -5.51 0.00
N GLY A 78 13.27 -5.55 -1.33
CA GLY A 78 13.08 -6.79 -2.06
C GLY A 78 11.78 -6.76 -2.86
N LEU A 79 11.27 -5.56 -3.07
CA LEU A 79 10.04 -5.37 -3.81
C LEU A 79 10.30 -5.67 -5.29
N CYS A 80 9.23 -5.62 -6.07
CA CYS A 80 9.32 -5.87 -7.49
C CYS A 80 8.04 -5.39 -8.16
N THR A 81 7.83 -5.85 -9.39
CA THR A 81 6.64 -5.46 -10.13
C THR A 81 5.62 -6.61 -10.14
N GLY A 82 4.38 -6.25 -9.86
CA GLY A 82 3.31 -7.23 -9.83
C GLY A 82 2.91 -7.56 -8.39
N ASP A 83 3.85 -7.33 -7.48
CA ASP A 83 3.61 -7.60 -6.07
C ASP A 83 2.39 -6.81 -5.61
N ARG A 84 1.45 -7.53 -5.01
CA ARG A 84 0.23 -6.90 -4.51
C ARG A 84 0.39 -6.52 -3.04
N ILE A 85 -0.18 -5.37 -2.69
CA ILE A 85 -0.11 -4.89 -1.32
C ILE A 85 -1.23 -5.55 -0.49
N ILE A 86 -0.84 -6.01 0.68
CA ILE A 86 -1.78 -6.66 1.58
C ILE A 86 -1.87 -5.87 2.88
N LYS A 87 -0.71 -5.40 3.34
CA LYS A 87 -0.65 -4.63 4.56
C LYS A 87 0.25 -3.40 4.34
N VAL A 88 0.09 -2.43 5.23
CA VAL A 88 0.87 -1.21 5.14
C VAL A 88 1.05 -0.63 6.55
N ASN A 89 2.31 -0.39 6.89
CA ASN A 89 2.64 0.16 8.20
C ASN A 89 1.93 -0.66 9.28
N GLY A 90 2.20 -1.96 9.27
CA GLY A 90 1.60 -2.85 10.24
C GLY A 90 0.12 -2.53 10.44
N GLU A 91 -0.48 -1.97 9.40
CA GLU A 91 -1.89 -1.61 9.45
C GLU A 91 -2.69 -2.48 8.49
N SER A 92 -3.78 -3.02 9.00
CA SER A 92 -4.65 -3.88 8.20
C SER A 92 -5.40 -3.03 7.17
N VAL A 93 -5.00 -3.18 5.92
CA VAL A 93 -5.63 -2.45 4.83
C VAL A 93 -6.44 -3.41 3.96
N ILE A 94 -7.20 -4.26 4.63
CA ILE A 94 -8.02 -5.24 3.94
C ILE A 94 -9.27 -4.54 3.38
N GLY A 95 -9.99 -3.89 4.27
CA GLY A 95 -11.21 -3.18 3.88
C GLY A 95 -10.91 -1.71 3.60
N LYS A 96 -9.63 -1.38 3.59
CA LYS A 96 -9.20 -0.01 3.34
C LYS A 96 -9.11 0.23 1.83
N THR A 97 -9.23 1.49 1.45
CA THR A 97 -9.18 1.86 0.05
C THR A 97 -7.79 2.39 -0.30
N TYR A 98 -7.48 2.32 -1.59
CA TYR A 98 -6.19 2.79 -2.07
C TYR A 98 -5.91 4.21 -1.59
N SER A 99 -6.99 4.97 -1.41
CA SER A 99 -6.87 6.34 -0.95
C SER A 99 -6.48 6.37 0.53
N GLN A 100 -6.64 5.22 1.18
CA GLN A 100 -6.32 5.11 2.58
C GLN A 100 -4.84 4.71 2.75
N VAL A 101 -4.51 3.56 2.20
CA VAL A 101 -3.14 3.05 2.28
C VAL A 101 -2.18 4.15 1.83
N ILE A 102 -2.65 4.97 0.91
CA ILE A 102 -1.84 6.06 0.38
C ILE A 102 -1.38 6.96 1.54
N ALA A 103 -2.36 7.42 2.30
CA ALA A 103 -2.06 8.28 3.44
C ALA A 103 -1.06 7.59 4.36
N LEU A 104 -1.24 6.28 4.51
CA LEU A 104 -0.36 5.50 5.34
C LEU A 104 1.07 5.61 4.83
N ILE A 105 1.21 5.51 3.51
CA ILE A 105 2.51 5.60 2.88
C ILE A 105 3.05 7.02 3.06
N GLN A 106 2.14 7.97 3.09
CA GLN A 106 2.51 9.37 3.25
C GLN A 106 2.75 9.69 4.73
N ASN A 107 2.14 8.89 5.58
CA ASN A 107 2.28 9.07 7.02
C ASN A 107 3.34 8.10 7.55
N SER A 108 4.17 7.63 6.63
CA SER A 108 5.22 6.69 6.99
C SER A 108 6.22 7.36 7.95
N ASP A 109 6.09 8.69 8.04
CA ASP A 109 6.96 9.46 8.91
C ASP A 109 8.41 9.29 8.45
N THR A 110 9.09 8.35 9.08
CA THR A 110 10.49 8.08 8.76
C THR A 110 10.57 6.97 7.71
N THR A 111 10.11 5.80 8.10
CA THR A 111 10.14 4.64 7.21
C THR A 111 8.72 4.29 6.76
N LEU A 112 8.66 3.39 5.79
CA LEU A 112 7.37 2.96 5.26
C LEU A 112 7.38 1.44 5.08
N GLU A 113 6.62 0.78 5.94
CA GLU A 113 6.54 -0.67 5.90
C GLU A 113 5.38 -1.11 4.98
N LEU A 114 5.59 -2.24 4.32
CA LEU A 114 4.58 -2.76 3.42
C LEU A 114 4.49 -4.27 3.60
N SER A 115 3.72 -4.90 2.71
CA SER A 115 3.54 -6.34 2.76
C SER A 115 2.86 -6.83 1.48
N VAL A 116 3.40 -7.92 0.94
CA VAL A 116 2.86 -8.49 -0.28
C VAL A 116 2.71 -10.01 -0.10
N MET A 117 2.55 -10.69 -1.23
CA MET A 117 2.40 -12.14 -1.21
C MET A 117 3.10 -12.77 -2.41
N PRO A 118 4.29 -13.37 -2.12
CA PRO A 118 5.07 -14.02 -3.16
C PRO A 118 4.45 -15.36 -3.56
N LYS A 119 4.46 -15.62 -4.85
CA LYS A 119 3.90 -16.86 -5.38
C LYS A 119 5.00 -17.93 -5.43
N ASP A 120 4.57 -19.16 -5.62
CA ASP A 120 5.50 -20.28 -5.69
C ASP A 120 6.51 -20.02 -6.82
N SER A 121 7.78 -20.10 -6.47
CA SER A 121 8.84 -19.88 -7.43
C SER A 121 10.09 -20.69 -7.02
N GLY A 122 10.90 -20.99 -8.03
CA GLY A 122 12.11 -21.76 -7.81
C GLY A 122 12.77 -22.15 -9.13
N PRO A 123 13.66 -21.24 -9.61
CA PRO A 123 14.36 -21.48 -10.87
C PRO A 123 15.47 -22.53 -10.68
N SER A 124 15.94 -22.64 -9.44
CA SER A 124 16.99 -23.59 -9.13
C SER A 124 16.59 -24.42 -7.91
N SER A 125 17.14 -25.62 -7.84
CA SER A 125 16.86 -26.51 -6.74
C SER A 125 17.91 -26.35 -5.65
N GLY A 126 19.17 -26.50 -6.05
CA GLY A 126 20.27 -26.38 -5.11
C GLY A 126 20.99 -27.72 -4.92
N GLY A 1 7.49 -17.05 29.21
CA GLY A 1 6.15 -16.86 28.69
C GLY A 1 6.10 -15.76 27.64
N SER A 2 6.52 -16.11 26.43
CA SER A 2 6.53 -15.16 25.34
C SER A 2 5.69 -15.69 24.17
N SER A 3 6.08 -16.86 23.69
CA SER A 3 5.38 -17.48 22.58
C SER A 3 5.45 -16.58 21.34
N GLY A 4 6.26 -17.02 20.38
CA GLY A 4 6.41 -16.27 19.14
C GLY A 4 7.72 -16.65 18.44
N SER A 5 7.58 -17.51 17.43
CA SER A 5 8.74 -17.96 16.67
C SER A 5 8.28 -18.76 15.46
N SER A 6 7.99 -18.04 14.39
CA SER A 6 7.54 -18.66 13.16
C SER A 6 7.41 -17.61 12.05
N GLY A 7 7.60 -18.07 10.82
CA GLY A 7 7.51 -17.19 9.68
C GLY A 7 6.09 -16.64 9.52
N GLY A 8 5.78 -16.21 8.30
CA GLY A 8 4.47 -15.66 8.01
C GLY A 8 4.46 -14.96 6.65
N PRO A 9 3.81 -13.76 6.63
CA PRO A 9 3.72 -12.99 5.40
C PRO A 9 5.06 -12.30 5.08
N LYS A 10 5.11 -11.71 3.91
CA LYS A 10 6.32 -11.03 3.47
C LYS A 10 6.30 -9.59 3.99
N THR A 11 7.46 -9.15 4.44
CA THR A 11 7.59 -7.79 4.96
C THR A 11 8.76 -7.07 4.29
N VAL A 12 8.53 -5.80 3.98
CA VAL A 12 9.55 -4.99 3.34
C VAL A 12 9.50 -3.57 3.90
N THR A 13 10.67 -3.04 4.22
CA THR A 13 10.77 -1.71 4.77
C THR A 13 11.24 -0.73 3.70
N LEU A 14 10.79 0.52 3.83
CA LEU A 14 11.16 1.55 2.88
C LEU A 14 11.39 2.86 3.63
N LYS A 15 12.57 3.41 3.40
CA LYS A 15 12.95 4.67 4.05
C LYS A 15 12.70 5.82 3.09
N ARG A 16 11.80 6.71 3.50
CA ARG A 16 11.47 7.87 2.67
C ARG A 16 12.74 8.48 2.08
N THR A 17 12.85 8.37 0.77
CA THR A 17 14.00 8.90 0.07
C THR A 17 13.91 10.43 -0.01
N SER A 18 12.70 10.91 -0.24
CA SER A 18 12.48 12.34 -0.33
C SER A 18 11.06 12.61 -0.85
N GLN A 19 10.88 12.41 -2.15
CA GLN A 19 9.59 12.63 -2.78
C GLN A 19 9.06 11.31 -3.34
N GLY A 20 8.12 10.73 -2.60
CA GLY A 20 7.52 9.47 -3.02
C GLY A 20 8.53 8.33 -2.97
N PHE A 21 8.14 7.27 -2.28
CA PHE A 21 9.00 6.10 -2.15
C PHE A 21 9.43 5.57 -3.52
N GLY A 22 10.34 4.62 -3.49
CA GLY A 22 10.85 4.02 -4.72
C GLY A 22 9.69 3.46 -5.56
N PHE A 23 9.28 2.25 -5.21
CA PHE A 23 8.20 1.60 -5.92
C PHE A 23 7.01 2.55 -6.12
N THR A 24 6.03 2.08 -6.86
CA THR A 24 4.84 2.87 -7.13
C THR A 24 3.62 1.96 -7.27
N LEU A 25 2.44 2.59 -7.24
CA LEU A 25 1.20 1.86 -7.37
C LEU A 25 0.57 2.17 -8.72
N ARG A 26 -0.44 1.39 -9.06
CA ARG A 26 -1.14 1.56 -10.32
C ARG A 26 -2.64 1.70 -10.08
N HIS A 27 -3.31 2.33 -11.04
CA HIS A 27 -4.74 2.54 -10.94
C HIS A 27 -5.04 3.55 -9.83
N PHE A 28 -6.08 4.33 -10.06
CA PHE A 28 -6.47 5.34 -9.09
C PHE A 28 -7.86 5.03 -8.51
N ILE A 29 -8.79 4.78 -9.42
CA ILE A 29 -10.15 4.47 -9.01
C ILE A 29 -10.56 5.36 -7.85
N VAL A 30 -11.04 6.55 -8.19
CA VAL A 30 -11.46 7.51 -7.18
C VAL A 30 -12.89 7.19 -6.75
N TYR A 31 -13.15 7.42 -5.47
CA TYR A 31 -14.47 7.16 -4.93
C TYR A 31 -15.07 8.43 -4.31
N PRO A 32 -15.57 9.33 -5.19
CA PRO A 32 -16.16 10.57 -4.75
C PRO A 32 -17.55 10.34 -4.15
N PRO A 33 -17.90 11.21 -3.16
CA PRO A 33 -19.20 11.10 -2.50
C PRO A 33 -20.32 11.62 -3.41
N GLU A 34 -21.54 11.24 -3.06
CA GLU A 34 -22.70 11.67 -3.82
C GLU A 34 -22.96 13.15 -3.62
N SER A 35 -23.06 13.86 -4.74
CA SER A 35 -23.30 15.29 -4.70
C SER A 35 -22.09 16.02 -4.11
N ALA A 36 -21.84 15.75 -2.84
CA ALA A 36 -20.73 16.37 -2.15
C ALA A 36 -20.97 17.88 -2.05
N ILE A 37 -20.38 18.47 -1.02
CA ILE A 37 -20.52 19.90 -0.81
C ILE A 37 -19.33 20.62 -1.45
N GLN A 38 -18.38 21.00 -0.62
CA GLN A 38 -17.20 21.70 -1.09
C GLN A 38 -16.01 20.73 -1.18
N PHE A 39 -15.67 20.16 -0.04
CA PHE A 39 -14.56 19.22 0.02
C PHE A 39 -13.27 19.86 -0.49
N SER A 40 -12.34 20.06 0.43
CA SER A 40 -11.06 20.66 0.08
C SER A 40 -9.91 19.76 0.55
N TYR A 41 -8.83 19.80 -0.21
CA TYR A 41 -7.66 18.99 0.11
C TYR A 41 -6.71 19.76 1.02
N LYS A 42 -6.82 19.48 2.32
CA LYS A 42 -5.97 20.13 3.30
C LYS A 42 -4.50 19.88 2.95
N ASP A 43 -3.64 20.24 3.88
CA ASP A 43 -2.20 20.07 3.68
C ASP A 43 -1.55 19.73 5.02
N GLU A 44 -1.82 20.58 6.00
CA GLU A 44 -1.27 20.39 7.33
C GLU A 44 -2.38 20.38 8.38
N GLU A 45 -2.74 19.19 8.81
CA GLU A 45 -3.79 19.03 9.80
C GLU A 45 -3.80 17.61 10.36
N ASN A 46 -4.00 16.66 9.45
CA ASN A 46 -4.03 15.26 9.84
C ASN A 46 -4.15 14.39 8.59
N GLY A 47 -5.21 14.65 7.83
CA GLY A 47 -5.45 13.90 6.61
C GLY A 47 -6.96 13.78 6.33
N ASN A 48 -7.49 12.63 6.68
CA ASN A 48 -8.91 12.36 6.48
C ASN A 48 -9.26 10.99 7.05
N ARG A 49 -10.51 10.85 7.45
CA ARG A 49 -10.99 9.60 8.02
C ARG A 49 -12.51 9.65 8.23
N GLY A 50 -13.16 8.56 7.84
CA GLY A 50 -14.60 8.47 7.98
C GLY A 50 -15.26 8.18 6.63
N GLY A 51 -16.55 7.88 6.69
CA GLY A 51 -17.31 7.58 5.50
C GLY A 51 -18.21 6.35 5.71
N LYS A 52 -19.51 6.62 5.71
CA LYS A 52 -20.48 5.56 5.90
C LYS A 52 -21.88 6.09 5.57
N GLN A 53 -22.82 5.16 5.44
CA GLN A 53 -24.19 5.52 5.12
C GLN A 53 -24.24 6.31 3.81
N ARG A 54 -25.44 6.41 3.26
CA ARG A 54 -25.64 7.13 2.02
C ARG A 54 -24.88 6.46 0.88
N ASN A 55 -25.47 6.51 -0.30
CA ASN A 55 -24.86 5.92 -1.47
C ASN A 55 -24.71 4.42 -1.25
N ARG A 56 -24.84 3.67 -2.33
CA ARG A 56 -24.72 2.22 -2.28
C ARG A 56 -23.32 1.82 -1.78
N LEU A 57 -22.88 0.66 -2.24
CA LEU A 57 -21.58 0.15 -1.85
C LEU A 57 -20.49 0.90 -2.64
N GLU A 58 -19.38 0.22 -2.82
CA GLU A 58 -18.26 0.80 -3.56
C GLU A 58 -17.29 -0.29 -4.00
N PRO A 59 -16.47 0.06 -5.03
CA PRO A 59 -15.50 -0.88 -5.56
C PRO A 59 -14.30 -1.03 -4.61
N MET A 60 -13.21 -1.53 -5.16
CA MET A 60 -12.00 -1.73 -4.38
C MET A 60 -10.75 -1.50 -5.24
N ASP A 61 -9.61 -1.85 -4.66
CA ASP A 61 -8.35 -1.69 -5.37
C ASP A 61 -7.26 -2.45 -4.61
N THR A 62 -6.61 -3.36 -5.34
CA THR A 62 -5.54 -4.16 -4.74
C THR A 62 -4.22 -3.39 -4.76
N ILE A 63 -4.27 -2.22 -5.38
CA ILE A 63 -3.09 -1.38 -5.46
C ILE A 63 -2.06 -2.05 -6.38
N PHE A 64 -1.51 -3.15 -5.88
CA PHE A 64 -0.52 -3.90 -6.63
C PHE A 64 0.68 -3.01 -6.97
N VAL A 65 1.80 -3.67 -7.26
CA VAL A 65 3.02 -2.96 -7.60
C VAL A 65 3.11 -2.79 -9.12
N LYS A 66 3.75 -1.71 -9.52
CA LYS A 66 3.90 -1.41 -10.94
C LYS A 66 5.39 -1.43 -11.30
N GLN A 67 6.13 -0.53 -10.65
CA GLN A 67 7.56 -0.43 -10.89
C GLN A 67 8.31 -0.31 -9.56
N VAL A 68 9.61 -0.58 -9.63
CA VAL A 68 10.44 -0.51 -8.45
C VAL A 68 11.71 0.30 -8.77
N LYS A 69 11.86 1.40 -8.05
CA LYS A 69 13.00 2.27 -8.24
C LYS A 69 14.28 1.43 -8.22
N GLU A 70 14.75 1.10 -9.41
CA GLU A 70 15.95 0.30 -9.55
C GLU A 70 17.14 1.01 -8.89
N GLY A 71 17.38 0.65 -7.63
CA GLY A 71 18.47 1.24 -6.88
C GLY A 71 17.94 2.09 -5.72
N GLY A 72 16.65 1.93 -5.45
CA GLY A 72 16.01 2.67 -4.37
C GLY A 72 15.81 1.79 -3.15
N PRO A 73 14.78 2.16 -2.33
CA PRO A 73 14.47 1.41 -1.13
C PRO A 73 13.78 0.09 -1.47
N ALA A 74 12.59 0.21 -2.03
CA ALA A 74 11.81 -0.96 -2.41
C ALA A 74 12.74 -2.00 -3.04
N PHE A 75 13.41 -1.56 -4.09
CA PHE A 75 14.33 -2.44 -4.81
C PHE A 75 15.20 -3.24 -3.83
N GLU A 76 15.76 -2.52 -2.86
CA GLU A 76 16.60 -3.15 -1.87
C GLU A 76 15.76 -3.99 -0.91
N ALA A 77 14.75 -3.35 -0.35
CA ALA A 77 13.86 -4.03 0.59
C ALA A 77 13.59 -5.45 0.09
N GLY A 78 13.62 -5.60 -1.22
CA GLY A 78 13.38 -6.89 -1.83
C GLY A 78 12.10 -6.88 -2.67
N LEU A 79 11.54 -5.69 -2.82
CA LEU A 79 10.32 -5.53 -3.58
C LEU A 79 10.61 -5.80 -5.07
N CYS A 80 9.55 -5.74 -5.86
CA CYS A 80 9.69 -5.97 -7.29
C CYS A 80 8.34 -5.69 -7.96
N THR A 81 8.13 -6.31 -9.10
CA THR A 81 6.89 -6.13 -9.84
C THR A 81 5.99 -7.36 -9.66
N GLY A 82 4.73 -7.09 -9.37
CA GLY A 82 3.77 -8.15 -9.17
C GLY A 82 3.24 -8.16 -7.73
N ASP A 83 4.17 -8.15 -6.79
CA ASP A 83 3.83 -8.16 -5.39
C ASP A 83 2.79 -7.06 -5.12
N ARG A 84 1.78 -7.44 -4.35
CA ARG A 84 0.72 -6.50 -4.01
C ARG A 84 0.74 -6.20 -2.50
N ILE A 85 0.40 -4.96 -2.18
CA ILE A 85 0.38 -4.52 -0.80
C ILE A 85 -0.94 -4.95 -0.15
N ILE A 86 -0.82 -5.79 0.87
CA ILE A 86 -2.00 -6.28 1.57
C ILE A 86 -2.10 -5.57 2.92
N LYS A 87 -0.95 -5.18 3.44
CA LYS A 87 -0.90 -4.50 4.72
C LYS A 87 -0.01 -3.25 4.60
N VAL A 88 -0.11 -2.40 5.60
CA VAL A 88 0.68 -1.18 5.62
C VAL A 88 0.92 -0.75 7.07
N ASN A 89 2.18 -0.77 7.46
CA ASN A 89 2.56 -0.39 8.80
C ASN A 89 1.73 -1.20 9.81
N GLY A 90 1.42 -2.43 9.41
CA GLY A 90 0.64 -3.31 10.26
C GLY A 90 -0.84 -2.97 10.20
N GLU A 91 -1.16 -2.02 9.34
CA GLU A 91 -2.54 -1.58 9.18
C GLU A 91 -3.21 -2.33 8.02
N SER A 92 -4.23 -3.09 8.35
CA SER A 92 -4.95 -3.86 7.36
C SER A 92 -5.64 -2.91 6.36
N VAL A 93 -5.42 -3.18 5.09
CA VAL A 93 -6.00 -2.35 4.04
C VAL A 93 -7.44 -2.82 3.79
N ILE A 94 -7.70 -4.06 4.14
CA ILE A 94 -9.02 -4.63 3.97
C ILE A 94 -10.07 -3.58 4.33
N GLY A 95 -10.87 -3.21 3.34
CA GLY A 95 -11.91 -2.22 3.55
C GLY A 95 -11.41 -0.81 3.21
N LYS A 96 -10.21 -0.51 3.68
CA LYS A 96 -9.61 0.79 3.42
C LYS A 96 -9.51 1.02 1.92
N THR A 97 -9.68 2.28 1.53
CA THR A 97 -9.61 2.63 0.12
C THR A 97 -8.18 3.00 -0.27
N TYR A 98 -7.88 2.84 -1.55
CA TYR A 98 -6.56 3.14 -2.06
C TYR A 98 -6.01 4.44 -1.45
N SER A 99 -6.89 5.42 -1.36
CA SER A 99 -6.52 6.71 -0.80
C SER A 99 -6.05 6.53 0.65
N GLN A 100 -6.81 5.75 1.39
CA GLN A 100 -6.49 5.49 2.78
C GLN A 100 -5.07 4.92 2.91
N VAL A 101 -4.90 3.74 2.33
CA VAL A 101 -3.61 3.07 2.37
C VAL A 101 -2.53 4.05 1.89
N ILE A 102 -2.85 4.78 0.84
CA ILE A 102 -1.92 5.75 0.29
C ILE A 102 -1.40 6.66 1.41
N ALA A 103 -2.34 7.18 2.18
CA ALA A 103 -2.01 8.06 3.29
C ALA A 103 -1.18 7.28 4.31
N LEU A 104 -1.59 6.03 4.52
CA LEU A 104 -0.90 5.17 5.48
C LEU A 104 0.59 5.08 5.10
N ILE A 105 0.86 5.39 3.84
CA ILE A 105 2.23 5.35 3.35
C ILE A 105 2.87 6.73 3.50
N GLN A 106 2.15 7.74 3.03
CA GLN A 106 2.63 9.11 3.12
C GLN A 106 2.80 9.52 4.58
N ASN A 107 1.83 9.13 5.38
CA ASN A 107 1.86 9.45 6.81
C ASN A 107 2.63 8.37 7.56
N SER A 108 3.28 7.51 6.78
CA SER A 108 4.06 6.43 7.36
C SER A 108 5.32 7.00 8.04
N ASP A 109 5.54 8.28 7.83
CA ASP A 109 6.69 8.94 8.41
C ASP A 109 7.92 8.66 7.55
N THR A 110 9.09 8.82 8.17
CA THR A 110 10.34 8.59 7.48
C THR A 110 10.36 7.19 6.86
N THR A 111 10.27 6.19 7.73
CA THR A 111 10.27 4.81 7.30
C THR A 111 8.84 4.34 7.00
N LEU A 112 8.75 3.35 6.13
CA LEU A 112 7.46 2.81 5.75
C LEU A 112 7.61 1.31 5.46
N GLU A 113 6.81 0.52 6.17
CA GLU A 113 6.84 -0.92 6.01
C GLU A 113 5.62 -1.39 5.22
N LEU A 114 5.88 -2.31 4.29
CA LEU A 114 4.82 -2.85 3.46
C LEU A 114 4.75 -4.37 3.63
N SER A 115 3.67 -4.95 3.14
CA SER A 115 3.48 -6.38 3.23
C SER A 115 2.90 -6.92 1.93
N VAL A 116 3.60 -7.87 1.34
CA VAL A 116 3.17 -8.48 0.11
C VAL A 116 3.12 -10.00 0.26
N MET A 117 2.82 -10.67 -0.84
CA MET A 117 2.74 -12.12 -0.83
C MET A 117 3.53 -12.73 -2.00
N PRO A 118 4.69 -13.34 -1.64
CA PRO A 118 5.54 -13.96 -2.65
C PRO A 118 4.94 -15.28 -3.14
N LYS A 119 5.58 -15.83 -4.16
CA LYS A 119 5.13 -17.09 -4.73
C LYS A 119 6.33 -17.92 -5.18
N ASP A 120 7.02 -17.40 -6.20
CA ASP A 120 8.18 -18.08 -6.73
C ASP A 120 9.42 -17.62 -5.95
N SER A 121 9.77 -18.40 -4.95
CA SER A 121 10.93 -18.08 -4.12
C SER A 121 12.11 -17.72 -5.01
N GLY A 122 12.80 -16.65 -4.61
CA GLY A 122 13.96 -16.19 -5.37
C GLY A 122 15.26 -16.68 -4.72
N PRO A 123 16.39 -16.14 -5.26
CA PRO A 123 17.70 -16.52 -4.75
C PRO A 123 17.98 -15.86 -3.40
N SER A 124 17.97 -14.53 -3.42
CA SER A 124 18.22 -13.77 -2.21
C SER A 124 17.15 -12.68 -2.05
N SER A 125 17.21 -12.00 -0.92
CA SER A 125 16.25 -10.94 -0.62
C SER A 125 16.64 -10.23 0.68
N GLY A 126 17.02 -8.97 0.53
CA GLY A 126 17.42 -8.18 1.68
C GLY A 126 18.89 -8.38 2.01
N GLY A 1 24.13 -8.56 5.86
CA GLY A 1 23.07 -8.99 4.97
C GLY A 1 22.78 -10.49 5.15
N SER A 2 21.55 -10.78 5.51
CA SER A 2 21.13 -12.16 5.72
C SER A 2 19.61 -12.28 5.54
N SER A 3 19.22 -13.34 4.85
CA SER A 3 17.81 -13.58 4.59
C SER A 3 17.21 -14.43 5.72
N GLY A 4 16.36 -13.78 6.51
CA GLY A 4 15.71 -14.45 7.62
C GLY A 4 14.21 -14.61 7.37
N SER A 5 13.68 -15.72 7.87
CA SER A 5 12.27 -16.00 7.70
C SER A 5 11.73 -16.73 8.94
N SER A 6 10.41 -16.73 9.06
CA SER A 6 9.77 -17.38 10.19
C SER A 6 8.73 -18.39 9.68
N GLY A 7 7.86 -17.90 8.81
CA GLY A 7 6.82 -18.74 8.25
C GLY A 7 5.46 -18.04 8.30
N GLY A 8 5.12 -17.37 7.21
CA GLY A 8 3.87 -16.66 7.11
C GLY A 8 3.87 -15.69 5.93
N PRO A 9 3.36 -14.46 6.19
CA PRO A 9 3.29 -13.44 5.16
C PRO A 9 4.67 -12.84 4.89
N LYS A 10 4.74 -11.98 3.88
CA LYS A 10 5.98 -11.34 3.52
C LYS A 10 5.96 -9.90 4.04
N THR A 11 7.12 -9.48 4.54
CA THR A 11 7.26 -8.13 5.07
C THR A 11 8.43 -7.41 4.39
N VAL A 12 8.21 -6.13 4.11
CA VAL A 12 9.23 -5.32 3.47
C VAL A 12 9.21 -3.92 4.07
N THR A 13 10.40 -3.35 4.22
CA THR A 13 10.53 -2.02 4.78
C THR A 13 11.06 -1.05 3.72
N LEU A 14 10.80 0.23 3.95
CA LEU A 14 11.24 1.26 3.03
C LEU A 14 11.66 2.50 3.82
N LYS A 15 12.77 3.09 3.38
CA LYS A 15 13.29 4.28 4.04
C LYS A 15 13.39 5.41 3.02
N ARG A 16 12.58 6.43 3.25
CA ARG A 16 12.56 7.59 2.36
C ARG A 16 13.98 7.97 1.97
N THR A 17 14.27 7.83 0.68
CA THR A 17 15.59 8.15 0.17
C THR A 17 15.55 9.48 -0.58
N SER A 18 14.51 10.25 -0.31
CA SER A 18 14.34 11.55 -0.95
C SER A 18 12.88 12.00 -0.84
N GLN A 19 12.11 11.64 -1.85
CA GLN A 19 10.70 12.01 -1.89
C GLN A 19 9.83 10.75 -2.07
N GLY A 20 8.66 10.80 -1.45
CA GLY A 20 7.74 9.68 -1.53
C GLY A 20 8.45 8.35 -1.28
N PHE A 21 8.47 7.52 -2.32
CA PHE A 21 9.12 6.23 -2.21
C PHE A 21 9.36 5.62 -3.60
N GLY A 22 10.49 4.93 -3.72
CA GLY A 22 10.84 4.29 -4.99
C GLY A 22 9.61 3.70 -5.67
N PHE A 23 9.24 2.51 -5.22
CA PHE A 23 8.08 1.83 -5.78
C PHE A 23 6.87 2.76 -5.85
N THR A 24 5.83 2.29 -6.51
CA THR A 24 4.62 3.07 -6.66
C THR A 24 3.43 2.14 -6.96
N LEU A 25 2.25 2.63 -6.62
CA LEU A 25 1.03 1.87 -6.85
C LEU A 25 0.23 2.53 -7.98
N ARG A 26 -0.69 1.74 -8.54
CA ARG A 26 -1.52 2.23 -9.63
C ARG A 26 -2.95 1.70 -9.47
N HIS A 27 -3.91 2.57 -9.81
CA HIS A 27 -5.31 2.20 -9.71
C HIS A 27 -6.18 3.43 -9.98
N PHE A 28 -6.17 4.34 -9.02
CA PHE A 28 -6.95 5.56 -9.14
C PHE A 28 -8.38 5.26 -9.60
N ILE A 29 -8.84 4.07 -9.26
CA ILE A 29 -10.18 3.64 -9.64
C ILE A 29 -11.14 4.81 -9.48
N VAL A 30 -12.08 4.89 -10.40
CA VAL A 30 -13.07 5.95 -10.37
C VAL A 30 -14.44 5.39 -10.75
N TYR A 31 -15.44 5.73 -9.95
CA TYR A 31 -16.79 5.27 -10.19
C TYR A 31 -17.81 6.16 -9.48
N PRO A 32 -17.92 7.42 -9.99
CA PRO A 32 -18.85 8.38 -9.41
C PRO A 32 -20.29 8.05 -9.82
N PRO A 33 -21.24 8.80 -9.20
CA PRO A 33 -22.65 8.60 -9.48
C PRO A 33 -23.03 9.19 -10.85
N GLU A 34 -24.32 9.39 -11.03
CA GLU A 34 -24.82 9.95 -12.27
C GLU A 34 -25.00 11.47 -12.13
N SER A 35 -26.10 11.84 -11.51
CA SER A 35 -26.42 13.24 -11.30
C SER A 35 -26.45 13.56 -9.81
N ALA A 36 -25.36 13.21 -9.14
CA ALA A 36 -25.24 13.46 -7.71
C ALA A 36 -23.96 14.25 -7.44
N ILE A 37 -24.00 15.51 -7.82
CA ILE A 37 -22.85 16.39 -7.61
C ILE A 37 -22.75 16.75 -6.13
N GLN A 38 -21.52 16.71 -5.62
CA GLN A 38 -21.27 17.04 -4.23
C GLN A 38 -21.48 18.54 -3.99
N PHE A 39 -22.22 18.85 -2.94
CA PHE A 39 -22.48 20.23 -2.58
C PHE A 39 -21.23 21.08 -2.77
N SER A 40 -20.17 20.68 -2.09
CA SER A 40 -18.91 21.40 -2.16
C SER A 40 -18.20 21.09 -3.48
N TYR A 41 -16.94 21.48 -3.55
CA TYR A 41 -16.14 21.25 -4.74
C TYR A 41 -14.91 20.41 -4.43
N LYS A 42 -14.21 20.02 -5.48
CA LYS A 42 -13.01 19.21 -5.33
C LYS A 42 -13.39 17.87 -4.67
N ASP A 43 -13.60 16.88 -5.53
CA ASP A 43 -13.96 15.56 -5.05
C ASP A 43 -13.05 15.17 -3.88
N GLU A 44 -11.75 15.23 -4.14
CA GLU A 44 -10.77 14.90 -3.12
C GLU A 44 -11.24 13.70 -2.30
N GLU A 45 -10.98 12.52 -2.84
CA GLU A 45 -11.37 11.30 -2.16
C GLU A 45 -12.89 11.15 -2.15
N ASN A 46 -13.34 9.96 -1.83
CA ASN A 46 -14.77 9.68 -1.79
C ASN A 46 -15.48 10.82 -1.05
N GLY A 47 -16.29 11.54 -1.81
CA GLY A 47 -17.04 12.65 -1.25
C GLY A 47 -18.35 12.19 -0.63
N ASN A 48 -18.27 11.77 0.62
CA ASN A 48 -19.45 11.30 1.34
C ASN A 48 -19.15 11.26 2.84
N ARG A 49 -19.56 12.32 3.51
CA ARG A 49 -19.35 12.41 4.95
C ARG A 49 -20.13 11.32 5.68
N GLY A 50 -19.39 10.38 6.26
CA GLY A 50 -20.00 9.29 7.00
C GLY A 50 -20.26 8.10 6.07
N GLY A 51 -19.33 7.15 6.11
CA GLY A 51 -19.44 5.97 5.28
C GLY A 51 -20.88 5.43 5.29
N LYS A 52 -21.59 5.72 4.20
CA LYS A 52 -22.96 5.27 4.07
C LYS A 52 -23.42 5.45 2.62
N GLN A 53 -23.36 6.71 2.17
CA GLN A 53 -23.78 7.04 0.82
C GLN A 53 -22.73 6.52 -0.18
N ARG A 54 -22.82 5.24 -0.46
CA ARG A 54 -21.90 4.62 -1.41
C ARG A 54 -22.27 4.99 -2.85
N ASN A 55 -23.55 4.83 -3.15
CA ASN A 55 -24.04 5.15 -4.48
C ASN A 55 -23.33 4.26 -5.51
N ARG A 56 -24.14 3.54 -6.27
CA ARG A 56 -23.60 2.65 -7.29
C ARG A 56 -22.70 1.60 -6.65
N LEU A 57 -21.94 0.93 -7.51
CA LEU A 57 -21.02 -0.10 -7.04
C LEU A 57 -19.59 0.43 -7.11
N GLU A 58 -18.64 -0.45 -6.82
CA GLU A 58 -17.24 -0.08 -6.85
C GLU A 58 -16.36 -1.33 -6.79
N PRO A 59 -15.09 -1.16 -7.24
CA PRO A 59 -14.13 -2.26 -7.24
C PRO A 59 -13.63 -2.56 -5.83
N MET A 60 -12.58 -1.87 -5.45
CA MET A 60 -11.99 -2.05 -4.13
C MET A 60 -11.76 -3.54 -3.84
N ASP A 61 -10.67 -4.06 -4.40
CA ASP A 61 -10.33 -5.45 -4.21
C ASP A 61 -9.00 -5.55 -3.46
N THR A 62 -7.94 -5.16 -4.16
CA THR A 62 -6.61 -5.19 -3.56
C THR A 62 -5.69 -4.20 -4.27
N ILE A 63 -4.51 -4.02 -3.70
CA ILE A 63 -3.53 -3.11 -4.27
C ILE A 63 -2.45 -3.91 -4.99
N PHE A 64 -1.81 -3.26 -5.95
CA PHE A 64 -0.76 -3.89 -6.72
C PHE A 64 0.36 -2.90 -7.05
N VAL A 65 1.58 -3.40 -7.01
CA VAL A 65 2.74 -2.57 -7.30
C VAL A 65 2.73 -2.21 -8.80
N LYS A 66 3.35 -1.08 -9.10
CA LYS A 66 3.42 -0.61 -10.47
C LYS A 66 4.87 -0.72 -10.97
N GLN A 67 5.71 0.16 -10.43
CA GLN A 67 7.11 0.17 -10.81
C GLN A 67 7.99 0.15 -9.56
N VAL A 68 9.28 -0.07 -9.79
CA VAL A 68 10.24 -0.11 -8.69
C VAL A 68 11.49 0.67 -9.09
N LYS A 69 11.81 1.66 -8.27
CA LYS A 69 12.98 2.49 -8.52
C LYS A 69 14.25 1.65 -8.33
N GLU A 70 14.96 1.44 -9.43
CA GLU A 70 16.18 0.66 -9.39
C GLU A 70 17.26 1.40 -8.59
N GLY A 71 17.35 1.04 -7.32
CA GLY A 71 18.32 1.65 -6.44
C GLY A 71 17.64 2.52 -5.37
N GLY A 72 16.40 2.17 -5.08
CA GLY A 72 15.63 2.90 -4.10
C GLY A 72 15.44 2.07 -2.83
N PRO A 73 14.37 2.43 -2.06
CA PRO A 73 14.07 1.73 -0.82
C PRO A 73 13.45 0.36 -1.10
N ALA A 74 12.31 0.39 -1.77
CA ALA A 74 11.61 -0.84 -2.11
C ALA A 74 12.59 -1.82 -2.75
N PHE A 75 13.22 -1.36 -3.83
CA PHE A 75 14.17 -2.18 -4.55
C PHE A 75 15.04 -2.99 -3.58
N GLU A 76 15.50 -2.31 -2.54
CA GLU A 76 16.34 -2.95 -1.54
C GLU A 76 15.53 -3.98 -0.76
N ALA A 77 14.44 -3.51 -0.16
CA ALA A 77 13.59 -4.38 0.62
C ALA A 77 13.46 -5.73 -0.08
N GLY A 78 13.52 -5.68 -1.40
CA GLY A 78 13.41 -6.89 -2.21
C GLY A 78 12.08 -6.93 -2.97
N LEU A 79 11.35 -5.82 -2.87
CA LEU A 79 10.07 -5.72 -3.54
C LEU A 79 10.24 -6.07 -5.02
N CYS A 80 9.13 -6.01 -5.74
CA CYS A 80 9.15 -6.32 -7.16
C CYS A 80 7.89 -5.71 -7.80
N THR A 81 7.67 -6.08 -9.05
CA THR A 81 6.51 -5.59 -9.78
C THR A 81 5.44 -6.67 -9.86
N GLY A 82 4.20 -6.25 -9.63
CA GLY A 82 3.07 -7.16 -9.67
C GLY A 82 2.80 -7.74 -8.28
N ASP A 83 3.54 -7.24 -7.30
CA ASP A 83 3.38 -7.71 -5.94
C ASP A 83 2.04 -7.20 -5.38
N ARG A 84 1.36 -8.08 -4.66
CA ARG A 84 0.08 -7.74 -4.07
C ARG A 84 0.27 -7.25 -2.64
N ILE A 85 -0.33 -6.09 -2.37
CA ILE A 85 -0.23 -5.50 -1.04
C ILE A 85 -1.29 -6.14 -0.13
N ILE A 86 -0.83 -6.54 1.05
CA ILE A 86 -1.72 -7.15 2.02
C ILE A 86 -1.81 -6.27 3.26
N LYS A 87 -0.67 -5.72 3.65
CA LYS A 87 -0.61 -4.84 4.81
C LYS A 87 0.21 -3.60 4.47
N VAL A 88 0.09 -2.60 5.31
CA VAL A 88 0.81 -1.35 5.12
C VAL A 88 1.08 -0.71 6.48
N ASN A 89 2.30 -0.88 6.95
CA ASN A 89 2.70 -0.33 8.24
C ASN A 89 1.99 -1.08 9.37
N GLY A 90 1.86 -2.38 9.17
CA GLY A 90 1.20 -3.23 10.15
C GLY A 90 -0.30 -2.95 10.20
N GLU A 91 -0.77 -2.27 9.16
CA GLU A 91 -2.19 -1.93 9.07
C GLU A 91 -2.88 -2.80 8.03
N SER A 92 -4.10 -3.20 8.34
CA SER A 92 -4.88 -4.03 7.45
C SER A 92 -5.52 -3.18 6.36
N VAL A 93 -5.13 -3.46 5.12
CA VAL A 93 -5.66 -2.73 3.99
C VAL A 93 -7.15 -3.05 3.82
N ILE A 94 -7.50 -4.27 4.19
CA ILE A 94 -8.88 -4.71 4.09
C ILE A 94 -9.79 -3.68 4.75
N GLY A 95 -10.48 -2.91 3.93
CA GLY A 95 -11.39 -1.89 4.43
C GLY A 95 -10.89 -0.49 4.06
N LYS A 96 -10.09 -0.44 3.00
CA LYS A 96 -9.54 0.82 2.54
C LYS A 96 -9.89 1.01 1.06
N THR A 97 -9.61 2.22 0.57
CA THR A 97 -9.91 2.54 -0.82
C THR A 97 -8.70 3.23 -1.46
N TYR A 98 -7.54 2.61 -1.27
CA TYR A 98 -6.31 3.16 -1.82
C TYR A 98 -5.96 4.50 -1.17
N SER A 99 -6.84 5.47 -1.36
CA SER A 99 -6.63 6.79 -0.82
C SER A 99 -6.26 6.68 0.66
N GLN A 100 -6.70 5.60 1.27
CA GLN A 100 -6.42 5.36 2.69
C GLN A 100 -4.99 4.86 2.87
N VAL A 101 -4.75 3.66 2.37
CA VAL A 101 -3.43 3.05 2.47
C VAL A 101 -2.39 4.05 1.97
N ILE A 102 -2.76 4.78 0.94
CA ILE A 102 -1.87 5.77 0.36
C ILE A 102 -1.42 6.75 1.44
N ALA A 103 -2.40 7.25 2.19
CA ALA A 103 -2.12 8.19 3.25
C ALA A 103 -1.22 7.53 4.29
N LEU A 104 -1.48 6.25 4.53
CA LEU A 104 -0.71 5.49 5.50
C LEU A 104 0.76 5.51 5.09
N ILE A 105 0.99 5.60 3.79
CA ILE A 105 2.34 5.63 3.26
C ILE A 105 2.89 7.06 3.37
N GLN A 106 2.07 8.00 2.94
CA GLN A 106 2.45 9.40 2.98
C GLN A 106 2.62 9.87 4.42
N ASN A 107 1.91 9.21 5.31
CA ASN A 107 1.97 9.54 6.72
C ASN A 107 2.73 8.45 7.48
N SER A 108 3.58 7.75 6.73
CA SER A 108 4.37 6.67 7.30
C SER A 108 5.67 7.23 7.88
N ASP A 109 5.88 8.52 7.65
CA ASP A 109 7.08 9.19 8.13
C ASP A 109 8.23 8.92 7.17
N THR A 110 9.43 9.05 7.69
CA THR A 110 10.63 8.83 6.90
C THR A 110 10.66 7.40 6.37
N THR A 111 10.27 6.48 7.24
CA THR A 111 10.24 5.07 6.87
C THR A 111 8.82 4.63 6.55
N LEU A 112 8.73 3.58 5.74
CA LEU A 112 7.44 3.05 5.33
C LEU A 112 7.54 1.54 5.14
N GLU A 113 6.77 0.82 5.94
CA GLU A 113 6.76 -0.64 5.86
C GLU A 113 5.56 -1.13 5.07
N LEU A 114 5.77 -2.19 4.31
CA LEU A 114 4.71 -2.78 3.52
C LEU A 114 4.62 -4.28 3.78
N SER A 115 3.85 -4.96 2.96
CA SER A 115 3.67 -6.39 3.09
C SER A 115 2.95 -6.95 1.87
N VAL A 116 3.50 -8.05 1.36
CA VAL A 116 2.92 -8.69 0.19
C VAL A 116 2.88 -10.20 0.41
N MET A 117 2.69 -10.93 -0.68
CA MET A 117 2.62 -12.39 -0.61
C MET A 117 3.27 -13.01 -1.84
N PRO A 118 4.45 -13.66 -1.60
CA PRO A 118 5.18 -14.31 -2.68
C PRO A 118 4.50 -15.62 -3.09
N LYS A 119 4.68 -15.97 -4.36
CA LYS A 119 4.08 -17.18 -4.88
C LYS A 119 5.19 -18.23 -5.09
N ASP A 120 4.77 -19.49 -5.11
CA ASP A 120 5.70 -20.58 -5.30
C ASP A 120 6.26 -20.54 -6.72
N SER A 121 5.35 -20.56 -7.68
CA SER A 121 5.73 -20.53 -9.08
C SER A 121 6.40 -19.19 -9.41
N GLY A 122 7.17 -19.19 -10.48
CA GLY A 122 7.85 -17.98 -10.91
C GLY A 122 9.31 -18.29 -11.27
N PRO A 123 9.58 -18.30 -12.60
CA PRO A 123 10.92 -18.57 -13.09
C PRO A 123 11.84 -17.37 -12.89
N SER A 124 13.13 -17.61 -13.04
CA SER A 124 14.11 -16.54 -12.88
C SER A 124 14.14 -16.08 -11.42
N SER A 125 15.35 -15.77 -10.95
CA SER A 125 15.52 -15.31 -9.58
C SER A 125 15.69 -13.79 -9.56
N GLY A 126 16.72 -13.33 -10.25
CA GLY A 126 17.00 -11.91 -10.31
C GLY A 126 18.25 -11.64 -11.15
N GLY A 1 17.70 -12.20 23.32
CA GLY A 1 16.85 -11.64 22.28
C GLY A 1 16.66 -12.63 21.13
N SER A 2 15.55 -12.45 20.42
CA SER A 2 15.24 -13.32 19.30
C SER A 2 14.12 -12.70 18.46
N SER A 3 14.03 -13.17 17.23
CA SER A 3 13.01 -12.67 16.31
C SER A 3 12.28 -13.84 15.64
N GLY A 4 13.07 -14.70 15.00
CA GLY A 4 12.52 -15.86 14.33
C GLY A 4 12.99 -15.92 12.88
N SER A 5 12.20 -16.60 12.06
CA SER A 5 12.51 -16.75 10.65
C SER A 5 11.33 -17.35 9.90
N SER A 6 11.21 -16.97 8.63
CA SER A 6 10.13 -17.48 7.80
C SER A 6 8.78 -17.09 8.40
N GLY A 7 7.74 -17.26 7.61
CA GLY A 7 6.39 -16.94 8.05
C GLY A 7 5.36 -17.29 6.98
N GLY A 8 4.41 -16.38 6.80
CA GLY A 8 3.36 -16.58 5.81
C GLY A 8 3.40 -15.49 4.74
N PRO A 9 2.87 -14.30 5.13
CA PRO A 9 2.83 -13.16 4.22
C PRO A 9 4.22 -12.53 4.07
N LYS A 10 4.37 -11.74 3.02
CA LYS A 10 5.63 -11.07 2.77
C LYS A 10 5.64 -9.71 3.48
N THR A 11 6.83 -9.33 3.91
CA THR A 11 6.99 -8.06 4.60
C THR A 11 8.22 -7.31 4.08
N VAL A 12 8.03 -6.03 3.83
CA VAL A 12 9.12 -5.19 3.32
C VAL A 12 9.07 -3.83 4.02
N THR A 13 10.26 -3.30 4.27
CA THR A 13 10.37 -2.00 4.92
C THR A 13 11.05 -0.99 4.00
N LEU A 14 10.62 0.25 4.13
CA LEU A 14 11.18 1.32 3.31
C LEU A 14 11.62 2.47 4.22
N LYS A 15 12.49 3.32 3.68
CA LYS A 15 12.98 4.46 4.42
C LYS A 15 12.69 5.75 3.64
N ARG A 16 12.09 6.70 4.33
CA ARG A 16 11.76 7.97 3.71
C ARG A 16 12.95 8.52 2.92
N THR A 17 12.81 8.50 1.62
CA THR A 17 13.86 8.99 0.74
C THR A 17 13.29 9.43 -0.60
N SER A 18 13.79 10.56 -1.09
CA SER A 18 13.34 11.09 -2.37
C SER A 18 11.81 11.22 -2.36
N GLN A 19 11.34 12.29 -1.74
CA GLN A 19 9.91 12.54 -1.66
C GLN A 19 9.16 11.24 -1.35
N GLY A 20 8.96 11.02 -0.06
CA GLY A 20 8.27 9.83 0.39
C GLY A 20 9.14 8.58 0.24
N PHE A 21 8.94 7.88 -0.86
CA PHE A 21 9.70 6.67 -1.13
C PHE A 21 9.71 6.37 -2.63
N GLY A 22 10.38 5.27 -2.97
CA GLY A 22 10.48 4.85 -4.36
C GLY A 22 9.22 4.08 -4.79
N PHE A 23 9.39 3.26 -5.81
CA PHE A 23 8.28 2.47 -6.32
C PHE A 23 7.02 3.33 -6.50
N THR A 24 5.97 2.70 -7.00
CA THR A 24 4.72 3.39 -7.22
C THR A 24 3.57 2.39 -7.28
N LEU A 25 2.36 2.92 -7.12
CA LEU A 25 1.17 2.09 -7.16
C LEU A 25 0.34 2.44 -8.39
N ARG A 26 -0.65 1.61 -8.66
CA ARG A 26 -1.52 1.82 -9.80
C ARG A 26 -2.88 1.16 -9.56
N HIS A 27 -3.91 1.78 -10.14
CA HIS A 27 -5.26 1.27 -10.01
C HIS A 27 -6.21 2.10 -10.86
N PHE A 28 -6.64 1.50 -11.96
CA PHE A 28 -7.56 2.17 -12.87
C PHE A 28 -9.02 1.83 -12.54
N ILE A 29 -9.23 0.58 -12.17
CA ILE A 29 -10.56 0.11 -11.82
C ILE A 29 -11.30 1.21 -11.06
N VAL A 30 -12.34 1.72 -11.68
CA VAL A 30 -13.14 2.78 -11.08
C VAL A 30 -14.32 2.16 -10.34
N TYR A 31 -14.67 2.77 -9.21
CA TYR A 31 -15.78 2.29 -8.41
C TYR A 31 -15.98 3.16 -7.17
N PRO A 32 -16.28 4.46 -7.43
CA PRO A 32 -16.51 5.41 -6.35
C PRO A 32 -17.87 5.18 -5.68
N PRO A 33 -17.97 5.63 -4.41
CA PRO A 33 -19.20 5.49 -3.65
C PRO A 33 -20.25 6.48 -4.12
N GLU A 34 -19.85 7.32 -5.06
CA GLU A 34 -20.74 8.33 -5.61
C GLU A 34 -21.18 9.30 -4.51
N SER A 35 -21.39 10.55 -4.92
CA SER A 35 -21.80 11.58 -3.98
C SER A 35 -20.82 11.65 -2.82
N ALA A 36 -19.60 11.18 -3.07
CA ALA A 36 -18.57 11.18 -2.04
C ALA A 36 -17.25 11.63 -2.67
N ILE A 37 -16.26 11.83 -1.81
CA ILE A 37 -14.95 12.27 -2.26
C ILE A 37 -15.08 13.62 -2.95
N GLN A 38 -14.35 14.60 -2.41
CA GLN A 38 -14.38 15.94 -2.96
C GLN A 38 -13.38 16.83 -2.22
N PHE A 39 -12.17 16.32 -2.07
CA PHE A 39 -11.12 17.07 -1.39
C PHE A 39 -9.75 16.43 -1.64
N SER A 40 -8.74 17.04 -1.03
CA SER A 40 -7.38 16.54 -1.18
C SER A 40 -6.40 17.48 -0.46
N TYR A 41 -5.85 16.99 0.64
CA TYR A 41 -4.91 17.77 1.42
C TYR A 41 -4.22 16.91 2.48
N LYS A 42 -3.18 17.46 3.07
CA LYS A 42 -2.43 16.75 4.09
C LYS A 42 -3.19 16.82 5.41
N ASP A 43 -3.56 15.65 5.91
CA ASP A 43 -4.28 15.56 7.16
C ASP A 43 -3.37 14.95 8.23
N GLU A 44 -3.31 15.64 9.36
CA GLU A 44 -2.48 15.18 10.47
C GLU A 44 -3.00 13.85 10.99
N GLU A 45 -2.46 13.44 12.13
CA GLU A 45 -2.85 12.18 12.75
C GLU A 45 -3.54 12.45 14.10
N ASN A 46 -4.86 12.46 14.05
CA ASN A 46 -5.65 12.69 15.26
C ASN A 46 -7.12 12.39 14.97
N GLY A 47 -7.82 12.01 16.02
CA GLY A 47 -9.23 11.67 15.90
C GLY A 47 -9.42 10.24 15.42
N ASN A 48 -10.40 9.57 16.01
CA ASN A 48 -10.69 8.19 15.66
C ASN A 48 -11.95 7.73 16.40
N ARG A 49 -12.98 7.40 15.62
CA ARG A 49 -14.22 6.95 16.19
C ARG A 49 -14.79 5.78 15.40
N GLY A 50 -14.97 6.02 14.11
CA GLY A 50 -15.49 4.98 13.22
C GLY A 50 -15.80 5.55 11.83
N GLY A 51 -16.59 4.80 11.08
CA GLY A 51 -16.97 5.22 9.74
C GLY A 51 -18.30 4.59 9.34
N LYS A 52 -18.82 5.07 8.21
CA LYS A 52 -20.08 4.56 7.70
C LYS A 52 -19.83 3.86 6.36
N GLN A 53 -20.85 3.11 5.93
CA GLN A 53 -20.76 2.38 4.69
C GLN A 53 -19.72 1.27 4.79
N ARG A 54 -19.72 0.40 3.79
CA ARG A 54 -18.78 -0.72 3.76
C ARG A 54 -18.88 -1.45 2.43
N ASN A 55 -20.12 -1.64 1.98
CA ASN A 55 -20.37 -2.33 0.72
C ASN A 55 -19.86 -3.77 0.84
N ARG A 56 -20.34 -4.60 -0.07
CA ARG A 56 -19.94 -6.00 -0.09
C ARG A 56 -20.05 -6.56 -1.51
N LEU A 57 -19.21 -6.06 -2.39
CA LEU A 57 -19.20 -6.50 -3.77
C LEU A 57 -18.22 -5.65 -4.57
N GLU A 58 -16.93 -5.91 -4.33
CA GLU A 58 -15.89 -5.18 -5.02
C GLU A 58 -15.21 -6.07 -6.06
N PRO A 59 -14.53 -5.42 -7.03
CA PRO A 59 -13.83 -6.14 -8.08
C PRO A 59 -12.54 -6.77 -7.55
N MET A 60 -11.56 -5.91 -7.32
CA MET A 60 -10.27 -6.37 -6.82
C MET A 60 -9.76 -5.45 -5.71
N ASP A 61 -9.86 -4.15 -5.97
CA ASP A 61 -9.41 -3.16 -5.01
C ASP A 61 -8.06 -3.59 -4.42
N THR A 62 -7.06 -3.60 -5.29
CA THR A 62 -5.72 -3.98 -4.89
C THR A 62 -4.74 -2.84 -5.15
N ILE A 63 -3.49 -3.08 -4.76
CA ILE A 63 -2.45 -2.08 -4.94
C ILE A 63 -1.24 -2.74 -5.64
N PHE A 64 -1.26 -2.71 -6.96
CA PHE A 64 -0.20 -3.29 -7.74
C PHE A 64 0.99 -2.32 -7.85
N VAL A 65 2.18 -2.85 -7.58
CA VAL A 65 3.38 -2.05 -7.65
C VAL A 65 3.71 -1.74 -9.11
N LYS A 66 3.31 -0.55 -9.53
CA LYS A 66 3.56 -0.12 -10.91
C LYS A 66 4.99 -0.49 -11.30
N GLN A 67 5.92 -0.05 -10.48
CA GLN A 67 7.33 -0.33 -10.73
C GLN A 67 8.14 -0.19 -9.43
N VAL A 68 9.45 -0.37 -9.57
CA VAL A 68 10.34 -0.26 -8.42
C VAL A 68 11.60 0.50 -8.83
N LYS A 69 11.73 1.70 -8.28
CA LYS A 69 12.88 2.53 -8.58
C LYS A 69 14.15 1.70 -8.50
N GLU A 70 14.93 1.74 -9.57
CA GLU A 70 16.18 0.99 -9.63
C GLU A 70 17.22 1.64 -8.72
N GLY A 71 17.22 1.20 -7.46
CA GLY A 71 18.16 1.72 -6.49
C GLY A 71 17.44 2.51 -5.39
N GLY A 72 16.16 2.17 -5.21
CA GLY A 72 15.36 2.84 -4.21
C GLY A 72 15.24 1.99 -2.94
N PRO A 73 14.32 2.42 -2.04
CA PRO A 73 14.11 1.70 -0.79
C PRO A 73 13.33 0.41 -1.03
N ALA A 74 12.34 0.50 -1.91
CA ALA A 74 11.52 -0.65 -2.24
C ALA A 74 12.36 -1.69 -2.96
N PHE A 75 13.08 -1.22 -3.97
CA PHE A 75 13.94 -2.10 -4.75
C PHE A 75 14.84 -2.94 -3.85
N GLU A 76 15.39 -2.28 -2.84
CA GLU A 76 16.27 -2.95 -1.89
C GLU A 76 15.48 -3.96 -1.07
N ALA A 77 14.41 -3.48 -0.46
CA ALA A 77 13.56 -4.32 0.37
C ALA A 77 13.34 -5.66 -0.34
N GLY A 78 13.40 -5.61 -1.67
CA GLY A 78 13.21 -6.80 -2.48
C GLY A 78 11.88 -6.75 -3.22
N LEU A 79 11.22 -5.60 -3.10
CA LEU A 79 9.93 -5.42 -3.75
C LEU A 79 10.07 -5.70 -5.24
N CYS A 80 8.93 -5.94 -5.88
CA CYS A 80 8.91 -6.22 -7.30
C CYS A 80 7.78 -5.41 -7.94
N THR A 81 7.54 -5.69 -9.21
CA THR A 81 6.50 -4.99 -9.95
C THR A 81 5.27 -5.89 -10.10
N GLY A 82 4.10 -5.29 -9.87
CA GLY A 82 2.85 -6.02 -9.98
C GLY A 82 2.51 -6.72 -8.66
N ASP A 83 3.20 -6.30 -7.61
CA ASP A 83 2.97 -6.88 -6.30
C ASP A 83 1.76 -6.21 -5.65
N ARG A 84 0.93 -7.04 -5.04
CA ARG A 84 -0.26 -6.54 -4.37
C ARG A 84 0.01 -6.30 -2.89
N ILE A 85 -0.40 -5.12 -2.44
CA ILE A 85 -0.19 -4.74 -1.05
C ILE A 85 -1.32 -5.34 -0.20
N ILE A 86 -0.94 -5.86 0.96
CA ILE A 86 -1.90 -6.46 1.86
C ILE A 86 -1.89 -5.69 3.20
N LYS A 87 -0.68 -5.34 3.62
CA LYS A 87 -0.52 -4.61 4.87
C LYS A 87 0.36 -3.38 4.62
N VAL A 88 0.23 -2.42 5.52
CA VAL A 88 1.01 -1.20 5.42
C VAL A 88 1.12 -0.55 6.79
N ASN A 89 2.35 -0.23 7.16
CA ASN A 89 2.61 0.39 8.46
C ASN A 89 1.92 -0.41 9.55
N GLY A 90 1.74 -1.70 9.28
CA GLY A 90 1.08 -2.58 10.24
C GLY A 90 -0.29 -2.03 10.64
N GLU A 91 -1.00 -1.51 9.64
CA GLU A 91 -2.32 -0.96 9.87
C GLU A 91 -3.40 -1.87 9.28
N SER A 92 -2.93 -2.92 8.61
CA SER A 92 -3.84 -3.88 8.00
C SER A 92 -4.74 -3.17 6.98
N VAL A 93 -4.29 -3.20 5.73
CA VAL A 93 -5.05 -2.56 4.66
C VAL A 93 -5.97 -3.61 4.01
N ILE A 94 -6.12 -4.73 4.69
CA ILE A 94 -6.95 -5.80 4.19
C ILE A 94 -8.42 -5.35 4.21
N GLY A 95 -8.83 -4.75 3.10
CA GLY A 95 -10.20 -4.27 2.98
C GLY A 95 -10.24 -2.75 2.93
N LYS A 96 -9.05 -2.16 2.87
CA LYS A 96 -8.95 -0.71 2.81
C LYS A 96 -9.02 -0.25 1.35
N THR A 97 -8.79 1.03 1.16
CA THR A 97 -8.83 1.60 -0.18
C THR A 97 -7.50 2.30 -0.50
N TYR A 98 -7.25 2.46 -1.79
CA TYR A 98 -6.03 3.10 -2.24
C TYR A 98 -5.73 4.36 -1.42
N SER A 99 -6.71 5.26 -1.40
CA SER A 99 -6.57 6.50 -0.67
C SER A 99 -6.00 6.22 0.73
N GLN A 100 -6.57 5.21 1.37
CA GLN A 100 -6.12 4.83 2.70
C GLN A 100 -4.65 4.42 2.68
N VAL A 101 -4.40 3.29 2.05
CA VAL A 101 -3.04 2.77 1.95
C VAL A 101 -2.10 3.90 1.53
N ILE A 102 -2.64 4.79 0.69
CA ILE A 102 -1.86 5.92 0.20
C ILE A 102 -1.43 6.78 1.39
N ALA A 103 -2.42 7.30 2.10
CA ALA A 103 -2.16 8.14 3.25
C ALA A 103 -1.11 7.46 4.14
N LEU A 104 -1.27 6.16 4.31
CA LEU A 104 -0.35 5.39 5.13
C LEU A 104 1.08 5.64 4.65
N ILE A 105 1.26 5.52 3.34
CA ILE A 105 2.58 5.72 2.75
C ILE A 105 3.03 7.16 3.04
N GLN A 106 2.08 8.08 2.98
CA GLN A 106 2.37 9.48 3.24
C GLN A 106 2.55 9.72 4.73
N ASN A 107 2.03 8.79 5.52
CA ASN A 107 2.13 8.90 6.97
C ASN A 107 3.16 7.90 7.48
N SER A 108 4.03 7.48 6.58
CA SER A 108 5.07 6.53 6.92
C SER A 108 5.99 7.13 7.98
N ASP A 109 5.86 8.43 8.16
CA ASP A 109 6.68 9.13 9.14
C ASP A 109 8.16 8.97 8.78
N THR A 110 8.78 7.99 9.42
CA THR A 110 10.19 7.71 9.18
C THR A 110 10.35 6.65 8.09
N THR A 111 9.84 5.46 8.39
CA THR A 111 9.91 4.36 7.46
C THR A 111 8.52 3.96 6.98
N LEU A 112 8.49 3.25 5.86
CA LEU A 112 7.22 2.82 5.29
C LEU A 112 7.23 1.29 5.16
N GLU A 113 6.43 0.66 6.01
CA GLU A 113 6.34 -0.80 6.01
C GLU A 113 5.25 -1.25 5.03
N LEU A 114 5.61 -2.23 4.21
CA LEU A 114 4.67 -2.75 3.24
C LEU A 114 4.56 -4.27 3.42
N SER A 115 3.72 -4.88 2.60
CA SER A 115 3.50 -6.31 2.66
C SER A 115 2.76 -6.79 1.41
N VAL A 116 3.29 -7.83 0.80
CA VAL A 116 2.69 -8.39 -0.40
C VAL A 116 2.53 -9.90 -0.22
N MET A 117 2.11 -10.55 -1.30
CA MET A 117 1.92 -11.99 -1.29
C MET A 117 2.58 -12.64 -2.50
N PRO A 118 3.82 -13.17 -2.26
CA PRO A 118 4.58 -13.82 -3.32
C PRO A 118 4.01 -15.21 -3.61
N LYS A 119 4.14 -15.61 -4.87
CA LYS A 119 3.65 -16.91 -5.30
C LYS A 119 4.82 -17.76 -5.80
N ASP A 120 4.57 -19.05 -5.89
CA ASP A 120 5.59 -19.98 -6.36
C ASP A 120 6.19 -19.46 -7.67
N SER A 121 7.42 -18.99 -7.59
CA SER A 121 8.11 -18.47 -8.76
C SER A 121 7.49 -17.13 -9.16
N GLY A 122 8.38 -16.22 -9.54
CA GLY A 122 7.93 -14.90 -9.96
C GLY A 122 9.13 -13.99 -10.28
N PRO A 123 9.81 -13.55 -9.19
CA PRO A 123 10.97 -12.68 -9.33
C PRO A 123 12.19 -13.47 -9.82
N SER A 124 13.19 -12.74 -10.27
CA SER A 124 14.41 -13.35 -10.76
C SER A 124 15.38 -12.27 -11.25
N SER A 125 16.08 -11.68 -10.30
CA SER A 125 17.04 -10.63 -10.62
C SER A 125 18.26 -10.74 -9.69
N GLY A 126 19.34 -10.13 -10.12
CA GLY A 126 20.57 -10.14 -9.35
C GLY A 126 21.68 -10.89 -10.08
N GLY A 1 -2.93 -4.38 17.86
CA GLY A 1 -1.53 -4.77 17.92
C GLY A 1 -1.39 -6.25 18.24
N SER A 2 -0.14 -6.69 18.35
CA SER A 2 0.14 -8.08 18.64
C SER A 2 -0.76 -8.99 17.81
N SER A 3 -0.28 -9.33 16.61
CA SER A 3 -1.04 -10.19 15.72
C SER A 3 -0.17 -11.36 15.27
N GLY A 4 -0.81 -12.51 15.12
CA GLY A 4 -0.12 -13.71 14.70
C GLY A 4 -1.09 -14.73 14.10
N SER A 5 -0.70 -15.99 14.16
CA SER A 5 -1.52 -17.07 13.63
C SER A 5 -2.10 -16.65 12.27
N SER A 6 -1.32 -16.92 11.23
CA SER A 6 -1.74 -16.58 9.88
C SER A 6 -1.13 -17.56 8.88
N GLY A 7 0.18 -17.73 8.98
CA GLY A 7 0.89 -18.63 8.10
C GLY A 7 2.33 -18.18 7.89
N GLY A 8 2.48 -17.10 7.14
CA GLY A 8 3.80 -16.55 6.85
C GLY A 8 3.72 -15.43 5.82
N PRO A 9 3.29 -14.23 6.31
CA PRO A 9 3.17 -13.07 5.44
C PRO A 9 4.54 -12.49 5.10
N LYS A 10 4.59 -11.78 3.99
CA LYS A 10 5.82 -11.16 3.53
C LYS A 10 5.87 -9.71 4.03
N THR A 11 7.05 -9.30 4.46
CA THR A 11 7.24 -7.95 4.94
C THR A 11 8.38 -7.26 4.19
N VAL A 12 8.19 -5.97 3.96
CA VAL A 12 9.20 -5.19 3.25
C VAL A 12 9.25 -3.78 3.82
N THR A 13 10.43 -3.38 4.26
CA THR A 13 10.62 -2.05 4.83
C THR A 13 11.12 -1.08 3.77
N LEU A 14 10.89 0.20 4.03
CA LEU A 14 11.31 1.23 3.10
C LEU A 14 11.82 2.44 3.89
N LYS A 15 12.66 3.23 3.23
CA LYS A 15 13.23 4.41 3.86
C LYS A 15 13.04 5.61 2.94
N ARG A 16 12.28 6.59 3.41
CA ARG A 16 12.02 7.78 2.65
C ARG A 16 13.32 8.32 2.03
N THR A 17 13.39 8.27 0.71
CA THR A 17 14.56 8.74 0.00
C THR A 17 14.15 9.41 -1.30
N SER A 18 14.51 10.69 -1.40
CA SER A 18 14.19 11.46 -2.59
C SER A 18 12.67 11.62 -2.72
N GLN A 19 12.27 12.34 -3.76
CA GLN A 19 10.85 12.56 -4.01
C GLN A 19 10.06 11.27 -3.82
N GLY A 20 9.19 11.28 -2.82
CA GLY A 20 8.37 10.12 -2.53
C GLY A 20 9.23 8.85 -2.44
N PHE A 21 8.56 7.73 -2.21
CA PHE A 21 9.24 6.46 -2.10
C PHE A 21 9.66 5.94 -3.48
N GLY A 22 10.19 4.72 -3.48
CA GLY A 22 10.64 4.11 -4.72
C GLY A 22 9.44 3.55 -5.51
N PHE A 23 9.05 2.34 -5.17
CA PHE A 23 7.94 1.69 -5.83
C PHE A 23 6.75 2.65 -5.96
N THR A 24 5.78 2.22 -6.75
CA THR A 24 4.58 3.02 -6.97
C THR A 24 3.41 2.13 -7.39
N LEU A 25 2.21 2.63 -7.14
CA LEU A 25 1.01 1.90 -7.49
C LEU A 25 0.32 2.59 -8.67
N ARG A 26 -0.67 1.89 -9.22
CA ARG A 26 -1.42 2.42 -10.35
C ARG A 26 -2.81 1.77 -10.42
N HIS A 27 -3.59 2.25 -11.36
CA HIS A 27 -4.94 1.73 -11.55
C HIS A 27 -5.79 2.08 -10.33
N PHE A 28 -6.80 2.92 -10.56
CA PHE A 28 -7.69 3.34 -9.50
C PHE A 28 -9.04 3.78 -10.06
N ILE A 29 -10.04 3.74 -9.20
CA ILE A 29 -11.39 4.13 -9.59
C ILE A 29 -11.88 5.25 -8.67
N VAL A 30 -11.82 4.97 -7.37
CA VAL A 30 -12.24 5.94 -6.38
C VAL A 30 -13.68 6.37 -6.68
N TYR A 31 -14.25 7.12 -5.75
CA TYR A 31 -15.61 7.60 -5.91
C TYR A 31 -15.74 9.06 -5.48
N PRO A 32 -14.98 9.93 -6.20
CA PRO A 32 -14.99 11.35 -5.91
C PRO A 32 -16.28 12.01 -6.40
N PRO A 33 -16.53 13.25 -5.91
CA PRO A 33 -17.73 13.99 -6.29
C PRO A 33 -17.59 14.54 -7.70
N GLU A 34 -18.62 15.28 -8.12
CA GLU A 34 -18.62 15.87 -9.43
C GLU A 34 -17.78 17.15 -9.46
N SER A 35 -18.19 18.11 -8.62
CA SER A 35 -17.49 19.37 -8.54
C SER A 35 -16.96 19.58 -7.12
N ALA A 36 -17.89 19.61 -6.17
CA ALA A 36 -17.54 19.80 -4.78
C ALA A 36 -16.67 21.06 -4.65
N ILE A 37 -17.34 22.17 -4.37
CA ILE A 37 -16.65 23.43 -4.22
C ILE A 37 -15.89 23.43 -2.89
N GLN A 38 -14.82 22.66 -2.87
CA GLN A 38 -13.99 22.55 -1.67
C GLN A 38 -12.80 21.64 -1.93
N PHE A 39 -11.74 22.23 -2.46
CA PHE A 39 -10.53 21.47 -2.75
C PHE A 39 -9.77 21.13 -1.47
N SER A 40 -9.34 22.18 -0.79
CA SER A 40 -8.59 22.00 0.46
C SER A 40 -7.44 21.02 0.25
N TYR A 41 -6.25 21.59 0.06
CA TYR A 41 -5.07 20.78 -0.15
C TYR A 41 -3.80 21.64 -0.11
N LYS A 42 -2.88 21.24 0.76
CA LYS A 42 -1.63 21.96 0.90
C LYS A 42 -0.76 21.27 1.95
N ASP A 43 0.54 21.37 1.75
CA ASP A 43 1.49 20.75 2.67
C ASP A 43 1.25 19.24 2.70
N GLU A 44 2.21 18.51 2.15
CA GLU A 44 2.11 17.06 2.11
C GLU A 44 2.31 16.48 3.51
N GLU A 45 1.68 15.33 3.74
CA GLU A 45 1.78 14.66 5.02
C GLU A 45 2.05 15.69 6.12
N ASN A 46 0.97 16.30 6.59
CA ASN A 46 1.07 17.29 7.65
C ASN A 46 -0.34 17.64 8.15
N GLY A 47 -0.40 18.02 9.42
CA GLY A 47 -1.67 18.38 10.03
C GLY A 47 -2.25 17.21 10.83
N ASN A 48 -3.49 17.38 11.25
CA ASN A 48 -4.17 16.35 12.01
C ASN A 48 -5.68 16.58 11.94
N ARG A 49 -6.32 15.85 11.04
CA ARG A 49 -7.75 15.96 10.86
C ARG A 49 -8.33 14.63 10.37
N GLY A 50 -9.65 14.56 10.40
CA GLY A 50 -10.35 13.35 9.96
C GLY A 50 -11.84 13.44 10.27
N GLY A 51 -12.46 12.28 10.34
CA GLY A 51 -13.89 12.20 10.62
C GLY A 51 -14.43 10.78 10.41
N LYS A 52 -15.73 10.70 10.16
CA LYS A 52 -16.37 9.43 9.94
C LYS A 52 -17.59 9.62 9.05
N GLN A 53 -17.99 8.55 8.39
CA GLN A 53 -19.14 8.58 7.50
C GLN A 53 -19.56 7.17 7.11
N ARG A 54 -20.74 7.08 6.52
CA ARG A 54 -21.27 5.79 6.09
C ARG A 54 -20.75 5.45 4.69
N ASN A 55 -19.67 4.69 4.66
CA ASN A 55 -19.06 4.28 3.41
C ASN A 55 -18.63 2.82 3.51
N ARG A 56 -19.39 1.96 2.83
CA ARG A 56 -19.10 0.54 2.83
C ARG A 56 -19.26 -0.03 1.42
N LEU A 57 -18.40 0.43 0.53
CA LEU A 57 -18.43 -0.02 -0.85
C LEU A 57 -17.41 0.77 -1.67
N GLU A 58 -16.24 0.19 -1.83
CA GLU A 58 -15.18 0.82 -2.60
C GLU A 58 -14.68 -0.11 -3.70
N PRO A 59 -14.02 0.51 -4.71
CA PRO A 59 -13.48 -0.25 -5.83
C PRO A 59 -12.22 -1.02 -5.42
N MET A 60 -11.10 -0.31 -5.43
CA MET A 60 -9.84 -0.91 -5.06
C MET A 60 -9.51 -2.09 -5.98
N ASP A 61 -8.26 -2.53 -5.90
CA ASP A 61 -7.80 -3.65 -6.72
C ASP A 61 -6.71 -4.41 -5.96
N THR A 62 -6.84 -4.41 -4.65
CA THR A 62 -5.87 -5.09 -3.80
C THR A 62 -4.55 -4.33 -3.77
N ILE A 63 -4.52 -3.23 -4.51
CA ILE A 63 -3.32 -2.40 -4.58
C ILE A 63 -2.16 -3.25 -5.07
N PHE A 64 -1.85 -3.10 -6.35
CA PHE A 64 -0.76 -3.84 -6.95
C PHE A 64 0.42 -2.92 -7.28
N VAL A 65 1.59 -3.52 -7.38
CA VAL A 65 2.80 -2.77 -7.69
C VAL A 65 2.85 -2.49 -9.19
N LYS A 66 3.45 -1.36 -9.53
CA LYS A 66 3.58 -0.97 -10.92
C LYS A 66 5.05 -1.02 -11.33
N GLN A 67 5.85 -0.15 -10.71
CA GLN A 67 7.26 -0.09 -11.00
C GLN A 67 8.07 0.01 -9.70
N VAL A 68 9.35 -0.28 -9.81
CA VAL A 68 10.24 -0.22 -8.66
C VAL A 68 11.51 0.55 -9.03
N LYS A 69 11.74 1.63 -8.30
CA LYS A 69 12.90 2.45 -8.54
C LYS A 69 14.17 1.59 -8.48
N GLU A 70 14.85 1.51 -9.61
CA GLU A 70 16.06 0.73 -9.71
C GLU A 70 17.19 1.40 -8.91
N GLY A 71 17.31 1.00 -7.66
CA GLY A 71 18.33 1.54 -6.78
C GLY A 71 17.72 2.44 -5.71
N GLY A 72 16.52 2.07 -5.28
CA GLY A 72 15.82 2.82 -4.27
C GLY A 72 15.57 1.97 -3.02
N PRO A 73 14.51 2.34 -2.26
CA PRO A 73 14.15 1.63 -1.05
C PRO A 73 13.48 0.29 -1.38
N ALA A 74 12.28 0.40 -1.93
CA ALA A 74 11.52 -0.78 -2.30
C ALA A 74 12.46 -1.81 -2.94
N PHE A 75 13.23 -1.33 -3.91
CA PHE A 75 14.17 -2.20 -4.61
C PHE A 75 14.98 -3.03 -3.62
N GLU A 76 15.46 -2.36 -2.58
CA GLU A 76 16.27 -3.02 -1.57
C GLU A 76 15.38 -3.95 -0.72
N ALA A 77 14.31 -3.39 -0.21
CA ALA A 77 13.38 -4.15 0.60
C ALA A 77 13.19 -5.54 -0.01
N GLY A 78 13.33 -5.59 -1.33
CA GLY A 78 13.17 -6.84 -2.05
C GLY A 78 11.89 -6.83 -2.89
N LEU A 79 11.22 -5.69 -2.88
CA LEU A 79 9.98 -5.54 -3.63
C LEU A 79 10.24 -5.90 -5.10
N CYS A 80 9.19 -5.75 -5.89
CA CYS A 80 9.28 -6.05 -7.32
C CYS A 80 7.99 -5.62 -7.99
N THR A 81 7.80 -6.10 -9.20
CA THR A 81 6.60 -5.77 -9.97
C THR A 81 5.62 -6.94 -9.97
N GLY A 82 4.37 -6.61 -9.70
CA GLY A 82 3.33 -7.63 -9.66
C GLY A 82 2.81 -7.84 -8.24
N ASP A 83 3.72 -7.68 -7.29
CA ASP A 83 3.37 -7.84 -5.89
C ASP A 83 2.30 -6.83 -5.50
N ARG A 84 1.51 -7.19 -4.51
CA ARG A 84 0.44 -6.32 -4.04
C ARG A 84 0.59 -6.05 -2.53
N ILE A 85 0.25 -4.83 -2.15
CA ILE A 85 0.33 -4.45 -0.75
C ILE A 85 -0.92 -4.94 -0.01
N ILE A 86 -0.67 -5.78 0.99
CA ILE A 86 -1.77 -6.33 1.77
C ILE A 86 -1.90 -5.52 3.07
N LYS A 87 -0.76 -5.10 3.59
CA LYS A 87 -0.73 -4.32 4.82
C LYS A 87 0.18 -3.11 4.63
N VAL A 88 0.00 -2.12 5.51
CA VAL A 88 0.80 -0.92 5.45
C VAL A 88 0.86 -0.29 6.84
N ASN A 89 2.00 -0.51 7.50
CA ASN A 89 2.21 0.03 8.83
C ASN A 89 1.28 -0.68 9.82
N GLY A 90 1.61 -1.95 10.08
CA GLY A 90 0.81 -2.75 10.98
C GLY A 90 -0.68 -2.56 10.72
N GLU A 91 -0.99 -2.20 9.48
CA GLU A 91 -2.38 -1.98 9.09
C GLU A 91 -2.74 -2.92 7.94
N SER A 92 -3.85 -3.62 8.14
CA SER A 92 -4.33 -4.56 7.13
C SER A 92 -5.30 -3.85 6.19
N VAL A 93 -5.07 -2.56 6.01
CA VAL A 93 -5.93 -1.76 5.14
C VAL A 93 -7.39 -2.17 5.35
N ILE A 94 -7.68 -2.57 6.58
CA ILE A 94 -9.04 -2.98 6.91
C ILE A 94 -10.01 -1.84 6.61
N GLY A 95 -10.66 -1.95 5.46
CA GLY A 95 -11.62 -0.93 5.05
C GLY A 95 -10.91 0.22 4.32
N LYS A 96 -9.80 0.63 4.88
CA LYS A 96 -9.02 1.72 4.29
C LYS A 96 -9.00 1.56 2.78
N THR A 97 -9.44 2.60 2.09
CA THR A 97 -9.48 2.59 0.64
C THR A 97 -8.07 2.80 0.07
N TYR A 98 -7.98 2.63 -1.24
CA TYR A 98 -6.71 2.79 -1.92
C TYR A 98 -6.06 4.13 -1.58
N SER A 99 -6.91 5.12 -1.37
CA SER A 99 -6.44 6.45 -1.03
C SER A 99 -5.99 6.50 0.43
N GLN A 100 -6.73 5.77 1.26
CA GLN A 100 -6.42 5.72 2.67
C GLN A 100 -5.07 5.03 2.91
N VAL A 101 -4.94 3.86 2.30
CA VAL A 101 -3.72 3.08 2.44
C VAL A 101 -2.54 3.92 1.93
N ILE A 102 -2.82 4.74 0.92
CA ILE A 102 -1.80 5.59 0.34
C ILE A 102 -1.32 6.59 1.39
N ALA A 103 -2.27 7.24 2.02
CA ALA A 103 -1.95 8.22 3.06
C ALA A 103 -1.12 7.55 4.14
N LEU A 104 -1.46 6.30 4.43
CA LEU A 104 -0.74 5.55 5.45
C LEU A 104 0.76 5.52 5.10
N ILE A 105 1.03 5.55 3.80
CA ILE A 105 2.40 5.52 3.33
C ILE A 105 2.99 6.93 3.42
N GLN A 106 2.25 7.88 2.87
CA GLN A 106 2.68 9.27 2.88
C GLN A 106 2.87 9.76 4.32
N ASN A 107 1.97 9.31 5.18
CA ASN A 107 2.02 9.69 6.59
C ASN A 107 2.73 8.58 7.38
N SER A 108 3.54 7.82 6.68
CA SER A 108 4.27 6.73 7.30
C SER A 108 5.52 7.27 8.01
N ASP A 109 5.77 8.56 7.79
CA ASP A 109 6.92 9.20 8.39
C ASP A 109 8.16 8.89 7.56
N THR A 110 9.32 8.99 8.22
CA THR A 110 10.58 8.73 7.56
C THR A 110 10.58 7.32 6.94
N THR A 111 10.42 6.33 7.81
CA THR A 111 10.40 4.95 7.36
C THR A 111 8.97 4.51 7.04
N LEU A 112 8.88 3.46 6.25
CA LEU A 112 7.59 2.93 5.85
C LEU A 112 7.72 1.44 5.54
N GLU A 113 6.87 0.65 6.18
CA GLU A 113 6.87 -0.78 5.99
C GLU A 113 5.63 -1.23 5.23
N LEU A 114 5.82 -2.19 4.33
CA LEU A 114 4.71 -2.70 3.54
C LEU A 114 4.61 -4.21 3.75
N SER A 115 3.67 -4.81 3.02
CA SER A 115 3.45 -6.24 3.13
C SER A 115 2.80 -6.77 1.85
N VAL A 116 3.37 -7.84 1.32
CA VAL A 116 2.85 -8.45 0.11
C VAL A 116 2.70 -9.95 0.32
N MET A 117 2.38 -10.63 -0.77
CA MET A 117 2.21 -12.07 -0.72
C MET A 117 2.81 -12.74 -1.96
N PRO A 118 4.13 -13.07 -1.85
CA PRO A 118 4.83 -13.72 -2.95
C PRO A 118 4.45 -15.19 -3.06
N LYS A 119 4.66 -15.74 -4.25
CA LYS A 119 4.33 -17.13 -4.51
C LYS A 119 5.57 -17.84 -5.03
N ASP A 120 5.59 -19.16 -4.83
CA ASP A 120 6.71 -19.96 -5.29
C ASP A 120 6.66 -20.10 -6.81
N SER A 121 7.45 -19.25 -7.47
CA SER A 121 7.50 -19.25 -8.92
C SER A 121 6.19 -18.71 -9.50
N GLY A 122 6.33 -17.80 -10.45
CA GLY A 122 5.18 -17.19 -11.09
C GLY A 122 5.61 -16.26 -12.21
N PRO A 123 5.58 -16.80 -13.47
CA PRO A 123 5.96 -16.03 -14.63
C PRO A 123 4.86 -15.03 -15.00
N SER A 124 5.28 -13.78 -15.21
CA SER A 124 4.35 -12.73 -15.57
C SER A 124 4.59 -12.29 -17.01
N SER A 125 3.63 -11.54 -17.53
CA SER A 125 3.72 -11.06 -18.90
C SER A 125 4.32 -9.65 -18.91
N GLY A 126 5.61 -9.59 -19.26
CA GLY A 126 6.31 -8.32 -19.31
C GLY A 126 6.41 -7.69 -17.92
N GLY A 1 15.24 -19.97 24.93
CA GLY A 1 15.76 -20.22 23.59
C GLY A 1 15.21 -19.22 22.58
N SER A 2 15.85 -19.19 21.42
CA SER A 2 15.44 -18.28 20.36
C SER A 2 15.69 -18.92 19.00
N SER A 3 14.60 -19.43 18.41
CA SER A 3 14.70 -20.07 17.11
C SER A 3 14.30 -19.08 16.01
N GLY A 4 14.56 -19.47 14.78
CA GLY A 4 14.24 -18.63 13.63
C GLY A 4 13.59 -19.46 12.52
N SER A 5 12.88 -18.76 11.65
CA SER A 5 12.21 -19.40 10.54
C SER A 5 11.40 -18.37 9.74
N SER A 6 10.76 -18.87 8.69
CA SER A 6 9.94 -18.00 7.84
C SER A 6 8.98 -17.17 8.71
N GLY A 7 8.46 -16.13 8.10
CA GLY A 7 7.53 -15.25 8.80
C GLY A 7 6.20 -15.16 8.04
N GLY A 8 5.54 -16.29 7.92
CA GLY A 8 4.26 -16.36 7.23
C GLY A 8 4.31 -15.58 5.92
N PRO A 9 3.69 -14.37 5.94
CA PRO A 9 3.66 -13.52 4.75
C PRO A 9 5.02 -12.86 4.52
N LYS A 10 5.10 -12.12 3.42
CA LYS A 10 6.33 -11.43 3.08
C LYS A 10 6.33 -10.05 3.73
N THR A 11 7.53 -9.59 4.08
CA THR A 11 7.68 -8.29 4.71
C THR A 11 8.76 -7.48 4.00
N VAL A 12 8.48 -6.20 3.83
CA VAL A 12 9.43 -5.31 3.17
C VAL A 12 9.34 -3.92 3.80
N THR A 13 10.50 -3.39 4.16
CA THR A 13 10.55 -2.08 4.78
C THR A 13 11.08 -1.05 3.78
N LEU A 14 10.65 0.19 3.96
CA LEU A 14 11.06 1.27 3.09
C LEU A 14 11.42 2.49 3.94
N LYS A 15 12.31 3.31 3.40
CA LYS A 15 12.75 4.51 4.09
C LYS A 15 12.58 5.72 3.15
N ARG A 16 11.73 6.65 3.59
CA ARG A 16 11.48 7.84 2.79
C ARG A 16 12.79 8.48 2.36
N THR A 17 13.02 8.45 1.05
CA THR A 17 14.24 9.02 0.49
C THR A 17 13.97 10.44 -0.04
N SER A 18 13.44 11.27 0.84
CA SER A 18 13.13 12.65 0.47
C SER A 18 12.18 12.67 -0.72
N GLN A 19 11.23 11.74 -0.71
CA GLN A 19 10.25 11.64 -1.77
C GLN A 19 9.22 10.56 -1.45
N GLY A 20 8.38 10.29 -2.44
CA GLY A 20 7.34 9.27 -2.28
C GLY A 20 7.91 7.87 -2.52
N PHE A 21 9.01 7.59 -1.85
CA PHE A 21 9.66 6.30 -1.99
C PHE A 21 9.97 5.98 -3.45
N GLY A 22 10.50 4.79 -3.67
CA GLY A 22 10.83 4.36 -5.02
C GLY A 22 9.62 3.73 -5.72
N PHE A 23 9.26 2.55 -5.26
CA PHE A 23 8.13 1.84 -5.83
C PHE A 23 6.91 2.76 -5.97
N THR A 24 5.91 2.28 -6.67
CA THR A 24 4.69 3.04 -6.89
C THR A 24 3.50 2.11 -7.01
N LEU A 25 2.33 2.67 -6.74
CA LEU A 25 1.09 1.91 -6.81
C LEU A 25 0.28 2.37 -8.02
N ARG A 26 -0.64 1.51 -8.44
CA ARG A 26 -1.49 1.82 -9.58
C ARG A 26 -2.56 0.74 -9.75
N HIS A 27 -3.51 1.04 -10.61
CA HIS A 27 -4.60 0.11 -10.88
C HIS A 27 -5.37 -0.16 -9.58
N PHE A 28 -6.65 -0.49 -9.75
CA PHE A 28 -7.50 -0.77 -8.61
C PHE A 28 -8.81 -1.42 -9.06
N ILE A 29 -9.26 -2.39 -8.27
CA ILE A 29 -10.49 -3.10 -8.57
C ILE A 29 -11.68 -2.15 -8.39
N VAL A 30 -12.17 -2.11 -7.15
CA VAL A 30 -13.29 -1.25 -6.82
C VAL A 30 -14.43 -1.50 -7.82
N TYR A 31 -15.55 -0.83 -7.57
CA TYR A 31 -16.71 -0.97 -8.44
C TYR A 31 -17.63 0.24 -8.31
N PRO A 32 -17.43 1.22 -9.23
CA PRO A 32 -18.23 2.43 -9.22
C PRO A 32 -19.63 2.16 -9.79
N PRO A 33 -20.55 3.13 -9.55
CA PRO A 33 -21.91 3.01 -10.02
C PRO A 33 -22.00 3.26 -11.52
N GLU A 34 -21.70 4.49 -11.91
CA GLU A 34 -21.74 4.87 -13.31
C GLU A 34 -20.62 5.86 -13.62
N SER A 35 -20.89 7.12 -13.33
CA SER A 35 -19.92 8.18 -13.58
C SER A 35 -19.69 8.98 -12.29
N ALA A 36 -19.75 8.28 -11.17
CA ALA A 36 -19.56 8.91 -9.88
C ALA A 36 -18.14 9.50 -9.81
N ILE A 37 -17.22 8.70 -9.29
CA ILE A 37 -15.84 9.12 -9.16
C ILE A 37 -15.76 10.32 -8.21
N GLN A 38 -15.84 10.01 -6.92
CA GLN A 38 -15.78 11.04 -5.90
C GLN A 38 -14.44 10.98 -5.16
N PHE A 39 -13.87 9.79 -5.15
CA PHE A 39 -12.60 9.59 -4.48
C PHE A 39 -12.64 10.10 -3.04
N SER A 40 -11.56 9.85 -2.33
CA SER A 40 -11.45 10.29 -0.94
C SER A 40 -12.41 9.46 -0.06
N TYR A 41 -12.07 9.40 1.21
CA TYR A 41 -12.88 8.67 2.16
C TYR A 41 -12.54 9.05 3.60
N LYS A 42 -13.55 9.53 4.31
CA LYS A 42 -13.38 9.95 5.70
C LYS A 42 -12.50 8.93 6.42
N ASP A 43 -11.55 9.44 7.19
CA ASP A 43 -10.65 8.59 7.94
C ASP A 43 -11.14 8.48 9.38
N GLU A 44 -11.64 7.30 9.72
CA GLU A 44 -12.13 7.05 11.06
C GLU A 44 -11.70 5.66 11.54
N GLU A 45 -11.87 5.44 12.83
CA GLU A 45 -11.50 4.17 13.43
C GLU A 45 -12.09 3.01 12.62
N ASN A 46 -11.25 2.01 12.38
CA ASN A 46 -11.68 0.85 11.61
C ASN A 46 -12.81 0.14 12.36
N GLY A 47 -13.85 -0.19 11.60
CA GLY A 47 -15.00 -0.87 12.17
C GLY A 47 -14.80 -2.39 12.17
N ASN A 48 -15.92 -3.09 12.18
CA ASN A 48 -15.88 -4.55 12.19
C ASN A 48 -16.52 -5.06 10.89
N ARG A 49 -15.83 -6.02 10.28
CA ARG A 49 -16.31 -6.60 9.04
C ARG A 49 -15.69 -7.99 8.82
N GLY A 50 -16.24 -8.72 7.87
CA GLY A 50 -15.75 -10.04 7.57
C GLY A 50 -15.83 -10.33 6.06
N GLY A 51 -15.54 -11.57 5.71
CA GLY A 51 -15.56 -11.98 4.31
C GLY A 51 -14.27 -12.68 3.92
N LYS A 52 -14.38 -13.99 3.73
CA LYS A 52 -13.22 -14.79 3.35
C LYS A 52 -12.71 -14.32 1.99
N GLN A 53 -13.53 -14.57 0.97
CA GLN A 53 -13.18 -14.18 -0.39
C GLN A 53 -14.31 -13.39 -1.03
N ARG A 54 -14.35 -12.11 -0.69
CA ARG A 54 -15.39 -11.23 -1.22
C ARG A 54 -15.30 -9.85 -0.57
N ASN A 55 -15.25 -9.86 0.75
CA ASN A 55 -15.16 -8.62 1.51
C ASN A 55 -16.43 -7.79 1.26
N ARG A 56 -17.46 -8.10 2.04
CA ARG A 56 -18.73 -7.39 1.91
C ARG A 56 -18.48 -5.88 1.79
N LEU A 57 -19.37 -5.23 1.06
CA LEU A 57 -19.26 -3.80 0.85
C LEU A 57 -17.99 -3.49 0.05
N GLU A 58 -18.07 -3.77 -1.24
CA GLU A 58 -16.93 -3.53 -2.12
C GLU A 58 -15.70 -4.31 -1.63
N PRO A 59 -14.76 -4.57 -2.59
CA PRO A 59 -13.55 -5.29 -2.27
C PRO A 59 -12.58 -4.41 -1.49
N MET A 60 -12.17 -3.33 -2.14
CA MET A 60 -11.23 -2.39 -1.53
C MET A 60 -10.21 -3.14 -0.67
N ASP A 61 -9.17 -3.63 -1.33
CA ASP A 61 -8.12 -4.35 -0.64
C ASP A 61 -7.26 -5.10 -1.66
N THR A 62 -6.35 -4.37 -2.27
CA THR A 62 -5.46 -4.95 -3.27
C THR A 62 -4.20 -4.11 -3.42
N ILE A 63 -4.23 -3.22 -4.40
CA ILE A 63 -3.10 -2.35 -4.66
C ILE A 63 -1.92 -3.19 -5.15
N PHE A 64 -1.52 -2.93 -6.38
CA PHE A 64 -0.40 -3.65 -6.98
C PHE A 64 0.79 -2.72 -7.22
N VAL A 65 1.93 -3.34 -7.49
CA VAL A 65 3.15 -2.58 -7.73
C VAL A 65 3.33 -2.39 -9.23
N LYS A 66 3.29 -1.13 -9.65
CA LYS A 66 3.45 -0.80 -11.06
C LYS A 66 4.91 -0.96 -11.45
N GLN A 67 5.78 -0.29 -10.70
CA GLN A 67 7.21 -0.34 -10.96
C GLN A 67 7.99 -0.18 -9.65
N VAL A 68 9.29 -0.40 -9.76
CA VAL A 68 10.16 -0.29 -8.60
C VAL A 68 11.37 0.57 -8.96
N LYS A 69 11.41 1.75 -8.37
CA LYS A 69 12.51 2.69 -8.62
C LYS A 69 13.83 1.92 -8.59
N GLU A 70 14.60 2.09 -9.65
CA GLU A 70 15.90 1.42 -9.75
C GLU A 70 16.95 2.19 -8.94
N GLY A 71 17.07 1.79 -7.69
CA GLY A 71 18.04 2.44 -6.81
C GLY A 71 17.33 3.23 -5.70
N GLY A 72 16.25 2.65 -5.19
CA GLY A 72 15.49 3.30 -4.15
C GLY A 72 15.38 2.40 -2.91
N PRO A 73 14.32 2.66 -2.10
CA PRO A 73 14.09 1.88 -0.90
C PRO A 73 13.54 0.49 -1.23
N ALA A 74 12.41 0.49 -1.93
CA ALA A 74 11.78 -0.75 -2.32
C ALA A 74 12.81 -1.67 -2.96
N PHE A 75 13.38 -1.19 -4.06
CA PHE A 75 14.39 -1.96 -4.78
C PHE A 75 15.32 -2.69 -3.82
N GLU A 76 15.57 -2.05 -2.69
CA GLU A 76 16.43 -2.63 -1.67
C GLU A 76 15.68 -3.69 -0.87
N ALA A 77 14.61 -3.24 -0.23
CA ALA A 77 13.79 -4.15 0.58
C ALA A 77 13.65 -5.48 -0.16
N GLY A 78 13.61 -5.40 -1.47
CA GLY A 78 13.49 -6.59 -2.30
C GLY A 78 12.20 -6.53 -3.14
N LEU A 79 11.51 -5.40 -3.03
CA LEU A 79 10.27 -5.20 -3.77
C LEU A 79 10.53 -5.44 -5.26
N CYS A 80 9.53 -5.98 -5.92
CA CYS A 80 9.62 -6.27 -7.34
C CYS A 80 8.37 -5.72 -8.03
N THR A 81 8.20 -6.12 -9.29
CA THR A 81 7.06 -5.67 -10.05
C THR A 81 6.02 -6.79 -10.16
N GLY A 82 4.77 -6.42 -9.91
CA GLY A 82 3.68 -7.38 -9.97
C GLY A 82 3.15 -7.69 -8.56
N ASP A 83 4.01 -7.48 -7.58
CA ASP A 83 3.64 -7.73 -6.19
C ASP A 83 2.49 -6.79 -5.80
N ARG A 84 1.81 -7.17 -4.73
CA ARG A 84 0.69 -6.39 -4.25
C ARG A 84 0.79 -6.21 -2.72
N ILE A 85 0.42 -5.01 -2.28
CA ILE A 85 0.47 -4.70 -0.86
C ILE A 85 -0.80 -5.26 -0.18
N ILE A 86 -0.57 -6.13 0.78
CA ILE A 86 -1.67 -6.75 1.50
C ILE A 86 -1.80 -6.07 2.88
N LYS A 87 -0.68 -5.58 3.37
CA LYS A 87 -0.66 -4.91 4.66
C LYS A 87 0.18 -3.63 4.55
N VAL A 88 -0.07 -2.72 5.47
CA VAL A 88 0.65 -1.46 5.50
C VAL A 88 0.89 -1.04 6.96
N ASN A 89 2.13 -1.19 7.38
CA ASN A 89 2.51 -0.84 8.74
C ASN A 89 1.64 -1.62 9.72
N GLY A 90 1.25 -2.81 9.30
CA GLY A 90 0.42 -3.66 10.14
C GLY A 90 -0.86 -2.93 10.56
N GLU A 91 -1.29 -2.02 9.70
CA GLU A 91 -2.48 -1.25 9.97
C GLU A 91 -3.71 -1.97 9.41
N SER A 92 -3.46 -3.07 8.72
CA SER A 92 -4.52 -3.86 8.13
C SER A 92 -5.33 -3.00 7.15
N VAL A 93 -5.05 -3.18 5.88
CA VAL A 93 -5.73 -2.43 4.84
C VAL A 93 -6.84 -3.30 4.25
N ILE A 94 -7.64 -3.86 5.13
CA ILE A 94 -8.75 -4.71 4.71
C ILE A 94 -9.94 -3.83 4.29
N GLY A 95 -10.42 -3.06 5.27
CA GLY A 95 -11.55 -2.18 5.02
C GLY A 95 -11.08 -0.76 4.72
N LYS A 96 -10.01 -0.68 3.95
CA LYS A 96 -9.44 0.61 3.58
C LYS A 96 -9.39 0.73 2.05
N THR A 97 -9.26 1.96 1.59
CA THR A 97 -9.19 2.21 0.16
C THR A 97 -7.79 2.68 -0.22
N TYR A 98 -7.58 2.82 -1.53
CA TYR A 98 -6.29 3.26 -2.05
C TYR A 98 -5.82 4.51 -1.32
N SER A 99 -6.67 5.54 -1.36
CA SER A 99 -6.34 6.79 -0.71
C SER A 99 -5.85 6.54 0.72
N GLN A 100 -6.61 5.73 1.44
CA GLN A 100 -6.27 5.40 2.81
C GLN A 100 -4.83 4.88 2.88
N VAL A 101 -4.63 3.69 2.34
CA VAL A 101 -3.32 3.07 2.34
C VAL A 101 -2.29 4.08 1.79
N ILE A 102 -2.73 4.83 0.79
CA ILE A 102 -1.86 5.82 0.17
C ILE A 102 -1.36 6.79 1.24
N ALA A 103 -2.31 7.46 1.88
CA ALA A 103 -1.98 8.43 2.92
C ALA A 103 -1.12 7.74 3.98
N LEU A 104 -1.44 6.47 4.23
CA LEU A 104 -0.71 5.71 5.21
C LEU A 104 0.78 5.64 4.82
N ILE A 105 1.00 5.53 3.52
CA ILE A 105 2.36 5.48 3.01
C ILE A 105 2.99 6.87 3.07
N GLN A 106 2.20 7.86 2.71
CA GLN A 106 2.67 9.24 2.72
C GLN A 106 2.85 9.71 4.17
N ASN A 107 2.10 9.10 5.06
CA ASN A 107 2.16 9.45 6.47
C ASN A 107 2.65 8.24 7.27
N SER A 108 3.35 7.36 6.58
CA SER A 108 3.89 6.16 7.21
C SER A 108 5.13 6.51 8.03
N ASP A 109 5.48 7.80 8.01
CA ASP A 109 6.64 8.27 8.74
C ASP A 109 7.89 8.02 7.90
N THR A 110 9.03 8.45 8.45
CA THR A 110 10.30 8.29 7.77
C THR A 110 10.33 6.96 7.02
N THR A 111 9.96 5.91 7.74
CA THR A 111 9.95 4.57 7.16
C THR A 111 8.53 4.18 6.74
N LEU A 112 8.44 3.06 6.05
CA LEU A 112 7.15 2.57 5.58
C LEU A 112 7.25 1.06 5.33
N GLU A 113 6.62 0.30 6.20
CA GLU A 113 6.61 -1.15 6.08
C GLU A 113 5.44 -1.61 5.22
N LEU A 114 5.72 -2.59 4.37
CA LEU A 114 4.70 -3.13 3.49
C LEU A 114 4.68 -4.66 3.61
N SER A 115 3.75 -5.26 2.89
CA SER A 115 3.61 -6.70 2.92
C SER A 115 3.01 -7.20 1.59
N VAL A 116 3.71 -8.12 0.97
CA VAL A 116 3.27 -8.69 -0.30
C VAL A 116 3.13 -10.21 -0.16
N MET A 117 2.71 -10.82 -1.25
CA MET A 117 2.54 -12.27 -1.26
C MET A 117 3.17 -12.88 -2.52
N PRO A 118 4.45 -13.34 -2.35
CA PRO A 118 5.17 -13.95 -3.45
C PRO A 118 4.66 -15.37 -3.73
N LYS A 119 5.28 -16.01 -4.71
CA LYS A 119 4.90 -17.35 -5.08
C LYS A 119 6.12 -18.09 -5.63
N ASP A 120 6.48 -17.73 -6.86
CA ASP A 120 7.63 -18.33 -7.51
C ASP A 120 8.53 -17.25 -8.08
N SER A 121 9.59 -16.95 -7.35
CA SER A 121 10.54 -15.93 -7.76
C SER A 121 11.97 -16.37 -7.45
N GLY A 122 12.91 -15.82 -8.19
CA GLY A 122 14.30 -16.15 -8.00
C GLY A 122 15.19 -14.91 -8.16
N PRO A 123 15.84 -14.52 -7.03
CA PRO A 123 16.71 -13.35 -7.04
C PRO A 123 18.04 -13.67 -7.74
N SER A 124 18.63 -12.62 -8.29
CA SER A 124 19.90 -12.76 -8.99
C SER A 124 20.39 -11.40 -9.49
N SER A 125 19.53 -10.77 -10.29
CA SER A 125 19.86 -9.48 -10.84
C SER A 125 21.17 -9.55 -11.63
N GLY A 126 21.03 -9.54 -12.95
CA GLY A 126 22.19 -9.61 -13.82
C GLY A 126 21.77 -9.65 -15.30
N GLY A 1 21.01 -2.68 8.15
CA GLY A 1 19.58 -2.71 7.92
C GLY A 1 19.00 -4.09 8.25
N SER A 2 19.04 -4.97 7.27
CA SER A 2 18.52 -6.32 7.45
C SER A 2 17.01 -6.28 7.65
N SER A 3 16.41 -7.45 7.62
CA SER A 3 14.97 -7.57 7.80
C SER A 3 14.54 -9.03 7.63
N GLY A 4 13.59 -9.44 8.47
CA GLY A 4 13.09 -10.79 8.43
C GLY A 4 12.17 -11.07 9.62
N SER A 5 12.53 -12.09 10.38
CA SER A 5 11.76 -12.48 11.55
C SER A 5 10.36 -12.93 11.11
N SER A 6 9.71 -13.65 12.02
CA SER A 6 8.37 -14.15 11.75
C SER A 6 8.39 -15.08 10.53
N GLY A 7 7.44 -16.00 10.51
CA GLY A 7 7.34 -16.96 9.43
C GLY A 7 5.90 -17.08 8.93
N GLY A 8 5.70 -16.67 7.69
CA GLY A 8 4.39 -16.72 7.08
C GLY A 8 4.28 -15.76 5.89
N PRO A 9 3.72 -14.55 6.19
CA PRO A 9 3.56 -13.54 5.16
C PRO A 9 4.90 -12.88 4.83
N LYS A 10 4.89 -12.07 3.77
CA LYS A 10 6.08 -11.39 3.34
C LYS A 10 6.12 -9.99 3.98
N THR A 11 7.34 -9.52 4.22
CA THR A 11 7.53 -8.22 4.83
C THR A 11 8.63 -7.45 4.10
N VAL A 12 8.35 -6.17 3.86
CA VAL A 12 9.29 -5.32 3.17
C VAL A 12 9.24 -3.91 3.78
N THR A 13 10.41 -3.44 4.20
CA THR A 13 10.50 -2.12 4.80
C THR A 13 11.12 -1.13 3.82
N LEU A 14 10.78 0.14 4.01
CA LEU A 14 11.29 1.19 3.14
C LEU A 14 11.74 2.37 4.00
N LYS A 15 12.39 3.32 3.35
CA LYS A 15 12.87 4.51 4.03
C LYS A 15 12.63 5.74 3.15
N ARG A 16 11.81 6.64 3.65
CA ARG A 16 11.49 7.86 2.93
C ARG A 16 12.74 8.45 2.31
N THR A 17 12.80 8.40 0.99
CA THR A 17 13.93 8.94 0.26
C THR A 17 13.47 9.94 -0.80
N SER A 18 12.45 9.53 -1.53
CA SER A 18 11.90 10.38 -2.58
C SER A 18 10.38 10.48 -2.43
N GLN A 19 9.79 11.29 -3.31
CA GLN A 19 8.34 11.47 -3.28
C GLN A 19 7.63 10.16 -3.63
N GLY A 20 6.61 9.86 -2.83
CA GLY A 20 5.84 8.64 -3.02
C GLY A 20 6.74 7.41 -3.01
N PHE A 21 7.86 7.55 -2.30
CA PHE A 21 8.82 6.45 -2.19
C PHE A 21 9.20 5.93 -3.57
N GLY A 22 10.17 5.02 -3.58
CA GLY A 22 10.64 4.43 -4.82
C GLY A 22 9.48 3.82 -5.61
N PHE A 23 9.08 2.63 -5.18
CA PHE A 23 7.98 1.93 -5.84
C PHE A 23 6.74 2.82 -5.93
N THR A 24 5.71 2.27 -6.56
CA THR A 24 4.47 3.00 -6.72
C THR A 24 3.31 2.02 -6.95
N LEU A 25 2.11 2.48 -6.62
CA LEU A 25 0.92 1.67 -6.78
C LEU A 25 0.03 2.29 -7.87
N ARG A 26 -0.99 1.52 -8.26
CA ARG A 26 -1.91 1.99 -9.28
C ARG A 26 -3.31 1.43 -9.01
N HIS A 27 -4.24 2.34 -8.78
CA HIS A 27 -5.62 1.96 -8.50
C HIS A 27 -6.47 3.21 -8.30
N PHE A 28 -6.56 4.01 -9.35
CA PHE A 28 -7.34 5.23 -9.30
C PHE A 28 -8.74 5.01 -9.86
N ILE A 29 -8.97 3.81 -10.38
CA ILE A 29 -10.25 3.47 -10.95
C ILE A 29 -11.36 3.95 -10.02
N VAL A 30 -11.59 3.16 -8.97
CA VAL A 30 -12.62 3.49 -7.99
C VAL A 30 -13.93 3.77 -8.73
N TYR A 31 -14.97 4.04 -7.93
CA TYR A 31 -16.28 4.33 -8.49
C TYR A 31 -17.14 5.11 -7.50
N PRO A 32 -16.91 6.45 -7.48
CA PRO A 32 -17.65 7.32 -6.58
C PRO A 32 -19.09 7.53 -7.08
N PRO A 33 -19.94 8.05 -6.16
CA PRO A 33 -21.33 8.31 -6.50
C PRO A 33 -21.46 9.55 -7.39
N GLU A 34 -22.68 10.04 -7.50
CA GLU A 34 -22.96 11.21 -8.31
C GLU A 34 -22.29 12.45 -7.70
N SER A 35 -22.93 12.97 -6.67
CA SER A 35 -22.41 14.16 -5.99
C SER A 35 -22.07 13.81 -4.53
N ALA A 36 -23.08 13.31 -3.83
CA ALA A 36 -22.91 12.94 -2.44
C ALA A 36 -22.51 14.19 -1.63
N ILE A 37 -22.58 14.04 -0.32
CA ILE A 37 -22.23 15.13 0.57
C ILE A 37 -20.97 14.76 1.37
N GLN A 38 -20.01 15.68 1.35
CA GLN A 38 -18.76 15.46 2.05
C GLN A 38 -18.93 15.79 3.54
N PHE A 39 -18.05 15.21 4.34
CA PHE A 39 -18.09 15.43 5.79
C PHE A 39 -16.72 15.15 6.41
N SER A 40 -16.23 13.94 6.16
CA SER A 40 -14.94 13.54 6.70
C SER A 40 -13.87 14.56 6.32
N TYR A 41 -12.84 14.62 7.14
CA TYR A 41 -11.74 15.55 6.90
C TYR A 41 -10.61 15.33 7.90
N LYS A 42 -10.97 15.36 9.17
CA LYS A 42 -10.00 15.17 10.24
C LYS A 42 -9.54 13.71 10.25
N ASP A 43 -8.47 13.47 10.99
CA ASP A 43 -7.92 12.13 11.09
C ASP A 43 -8.26 11.54 12.47
N GLU A 44 -9.17 10.58 12.47
CA GLU A 44 -9.58 9.94 13.70
C GLU A 44 -9.13 8.47 13.72
N GLU A 45 -8.83 8.00 14.91
CA GLU A 45 -8.38 6.63 15.09
C GLU A 45 -9.14 5.96 16.24
N ASN A 46 -10.21 5.28 15.88
CA ASN A 46 -11.02 4.60 16.87
C ASN A 46 -11.75 3.42 16.21
N GLY A 47 -12.21 2.50 17.04
CA GLY A 47 -12.92 1.33 16.55
C GLY A 47 -14.32 1.70 16.07
N ASN A 48 -14.38 2.18 14.83
CA ASN A 48 -15.64 2.59 14.24
C ASN A 48 -16.20 1.43 13.41
N ARG A 49 -15.37 0.98 12.47
CA ARG A 49 -15.77 -0.13 11.61
C ARG A 49 -17.00 0.26 10.79
N GLY A 50 -17.06 -0.27 9.58
CA GLY A 50 -18.19 0.01 8.70
C GLY A 50 -19.43 -0.76 9.14
N GLY A 51 -20.55 -0.42 8.51
CA GLY A 51 -21.82 -1.06 8.84
C GLY A 51 -22.26 -2.01 7.72
N LYS A 52 -23.56 -2.17 7.59
CA LYS A 52 -24.12 -3.04 6.58
C LYS A 52 -23.40 -2.79 5.24
N GLN A 53 -23.29 -1.51 4.91
CA GLN A 53 -22.64 -1.11 3.67
C GLN A 53 -23.28 -1.83 2.48
N ARG A 54 -22.88 -1.40 1.29
CA ARG A 54 -23.41 -1.98 0.07
C ARG A 54 -22.31 -2.71 -0.69
N ASN A 55 -21.33 -1.94 -1.14
CA ASN A 55 -20.21 -2.50 -1.88
C ASN A 55 -20.71 -3.05 -3.22
N ARG A 56 -20.15 -2.52 -4.29
CA ARG A 56 -20.53 -2.94 -5.62
C ARG A 56 -19.45 -3.83 -6.23
N LEU A 57 -19.48 -3.95 -7.54
CA LEU A 57 -18.51 -4.77 -8.25
C LEU A 57 -17.21 -3.98 -8.42
N GLU A 58 -16.47 -3.88 -7.32
CA GLU A 58 -15.21 -3.16 -7.33
C GLU A 58 -14.36 -3.58 -8.54
N PRO A 59 -13.40 -2.71 -8.89
CA PRO A 59 -12.51 -2.98 -10.02
C PRO A 59 -11.47 -4.04 -9.66
N MET A 60 -10.48 -3.62 -8.89
CA MET A 60 -9.42 -4.52 -8.46
C MET A 60 -9.47 -4.76 -6.96
N ASP A 61 -9.12 -3.72 -6.21
CA ASP A 61 -9.11 -3.80 -4.76
C ASP A 61 -8.08 -4.84 -4.32
N THR A 62 -6.90 -4.35 -3.98
CA THR A 62 -5.82 -5.22 -3.54
C THR A 62 -4.49 -4.47 -3.57
N ILE A 63 -4.42 -3.49 -4.44
CA ILE A 63 -3.21 -2.68 -4.58
C ILE A 63 -2.08 -3.56 -5.13
N PHE A 64 -1.62 -3.21 -6.31
CA PHE A 64 -0.54 -3.94 -6.96
C PHE A 64 0.62 -3.02 -7.31
N VAL A 65 1.83 -3.59 -7.24
CA VAL A 65 3.02 -2.84 -7.55
C VAL A 65 3.10 -2.58 -9.05
N LYS A 66 3.39 -1.35 -9.41
CA LYS A 66 3.49 -0.97 -10.81
C LYS A 66 4.96 -0.98 -11.23
N GLN A 67 5.73 -0.13 -10.57
CA GLN A 67 7.16 -0.04 -10.86
C GLN A 67 7.97 -0.02 -9.56
N VAL A 68 9.27 -0.22 -9.72
CA VAL A 68 10.17 -0.25 -8.57
C VAL A 68 11.43 0.56 -8.90
N LYS A 69 11.60 1.66 -8.17
CA LYS A 69 12.76 2.51 -8.38
C LYS A 69 13.99 1.65 -8.63
N GLU A 70 14.90 2.18 -9.43
CA GLU A 70 16.13 1.48 -9.75
C GLU A 70 17.24 1.87 -8.78
N GLY A 71 17.22 1.22 -7.61
CA GLY A 71 18.21 1.50 -6.59
C GLY A 71 17.62 2.34 -5.46
N GLY A 72 16.32 2.19 -5.26
CA GLY A 72 15.62 2.93 -4.23
C GLY A 72 15.44 2.08 -2.97
N PRO A 73 14.40 2.43 -2.17
CA PRO A 73 14.11 1.71 -0.95
C PRO A 73 13.45 0.36 -1.25
N ALA A 74 12.23 0.43 -1.74
CA ALA A 74 11.48 -0.76 -2.08
C ALA A 74 12.39 -1.72 -2.87
N PHE A 75 13.14 -1.14 -3.79
CA PHE A 75 14.05 -1.93 -4.61
C PHE A 75 15.00 -2.75 -3.75
N GLU A 76 15.32 -2.20 -2.58
CA GLU A 76 16.22 -2.88 -1.66
C GLU A 76 15.43 -3.89 -0.80
N ALA A 77 14.37 -3.38 -0.19
CA ALA A 77 13.54 -4.22 0.67
C ALA A 77 13.39 -5.60 0.02
N GLY A 78 13.42 -5.60 -1.31
CA GLY A 78 13.28 -6.84 -2.05
C GLY A 78 12.01 -6.85 -2.90
N LEU A 79 11.35 -5.70 -2.90
CA LEU A 79 10.12 -5.55 -3.67
C LEU A 79 10.39 -5.85 -5.14
N CYS A 80 9.35 -5.70 -5.94
CA CYS A 80 9.47 -5.95 -7.37
C CYS A 80 8.14 -5.59 -8.04
N THR A 81 7.99 -6.03 -9.28
CA THR A 81 6.78 -5.76 -10.03
C THR A 81 5.90 -7.02 -10.08
N GLY A 82 4.62 -6.81 -9.81
CA GLY A 82 3.67 -7.91 -9.83
C GLY A 82 3.24 -8.29 -8.42
N ASP A 83 3.97 -7.73 -7.45
CA ASP A 83 3.67 -8.01 -6.04
C ASP A 83 2.53 -7.12 -5.59
N ARG A 84 1.61 -7.71 -4.84
CA ARG A 84 0.46 -6.99 -4.34
C ARG A 84 0.64 -6.67 -2.84
N ILE A 85 0.13 -5.51 -2.45
CA ILE A 85 0.23 -5.09 -1.07
C ILE A 85 -0.92 -5.68 -0.27
N ILE A 86 -0.59 -6.20 0.89
CA ILE A 86 -1.58 -6.81 1.76
C ILE A 86 -1.66 -6.02 3.07
N LYS A 87 -0.50 -5.58 3.53
CA LYS A 87 -0.43 -4.81 4.77
C LYS A 87 0.48 -3.59 4.55
N VAL A 88 0.32 -2.62 5.43
CA VAL A 88 1.12 -1.41 5.35
C VAL A 88 1.25 -0.79 6.75
N ASN A 89 2.49 -0.59 7.15
CA ASN A 89 2.77 -0.02 8.47
C ASN A 89 1.99 -0.80 9.53
N GLY A 90 1.89 -2.10 9.32
CA GLY A 90 1.19 -2.96 10.24
C GLY A 90 -0.30 -2.60 10.31
N GLU A 91 -0.73 -1.79 9.34
CA GLU A 91 -2.11 -1.38 9.26
C GLU A 91 -2.90 -2.30 8.33
N SER A 92 -3.97 -2.86 8.87
CA SER A 92 -4.81 -3.76 8.10
C SER A 92 -5.57 -2.97 7.03
N VAL A 93 -5.16 -3.19 5.78
CA VAL A 93 -5.80 -2.51 4.67
C VAL A 93 -6.57 -3.52 3.82
N ILE A 94 -6.91 -4.64 4.46
CA ILE A 94 -7.64 -5.70 3.78
C ILE A 94 -9.01 -5.16 3.35
N GLY A 95 -9.54 -4.26 4.16
CA GLY A 95 -10.84 -3.67 3.86
C GLY A 95 -10.73 -2.15 3.70
N LYS A 96 -9.55 -1.72 3.29
CA LYS A 96 -9.30 -0.31 3.08
C LYS A 96 -9.29 0.00 1.58
N THR A 97 -9.13 1.27 1.26
CA THR A 97 -9.10 1.71 -0.12
C THR A 97 -7.71 2.20 -0.49
N TYR A 98 -7.62 2.77 -1.70
CA TYR A 98 -6.36 3.29 -2.18
C TYR A 98 -5.97 4.58 -1.45
N SER A 99 -6.86 5.55 -1.53
CA SER A 99 -6.62 6.83 -0.88
C SER A 99 -6.25 6.61 0.59
N GLN A 100 -6.65 5.46 1.10
CA GLN A 100 -6.37 5.12 2.49
C GLN A 100 -4.91 4.67 2.64
N VAL A 101 -4.62 3.49 2.10
CA VAL A 101 -3.28 2.95 2.17
C VAL A 101 -2.28 4.02 1.71
N ILE A 102 -2.76 4.91 0.87
CA ILE A 102 -1.92 5.98 0.35
C ILE A 102 -1.46 6.87 1.51
N ALA A 103 -2.44 7.32 2.28
CA ALA A 103 -2.15 8.18 3.43
C ALA A 103 -1.14 7.47 4.35
N LEU A 104 -1.26 6.15 4.39
CA LEU A 104 -0.37 5.35 5.23
C LEU A 104 1.06 5.51 4.72
N ILE A 105 1.20 5.49 3.39
CA ILE A 105 2.50 5.61 2.77
C ILE A 105 2.99 7.05 2.93
N GLN A 106 2.04 7.95 3.10
CA GLN A 106 2.36 9.36 3.26
C GLN A 106 2.53 9.71 4.74
N ASN A 107 2.00 8.83 5.59
CA ASN A 107 2.08 9.03 7.02
C ASN A 107 3.12 8.05 7.60
N SER A 108 3.97 7.56 6.73
CA SER A 108 5.01 6.62 7.13
C SER A 108 6.09 7.35 7.92
N ASP A 109 5.96 8.66 7.98
CA ASP A 109 6.92 9.49 8.71
C ASP A 109 8.29 9.34 8.06
N THR A 110 9.12 8.51 8.67
CA THR A 110 10.47 8.28 8.17
C THR A 110 10.48 7.06 7.25
N THR A 111 10.17 5.91 7.83
CA THR A 111 10.15 4.67 7.07
C THR A 111 8.72 4.32 6.67
N LEU A 112 8.60 3.24 5.90
CA LEU A 112 7.29 2.79 5.44
C LEU A 112 7.31 1.26 5.27
N GLU A 113 6.67 0.59 6.21
CA GLU A 113 6.61 -0.86 6.16
C GLU A 113 5.50 -1.33 5.21
N LEU A 114 5.80 -2.38 4.48
CA LEU A 114 4.84 -2.93 3.52
C LEU A 114 4.73 -4.45 3.74
N SER A 115 3.90 -5.06 2.92
CA SER A 115 3.70 -6.50 3.00
C SER A 115 3.03 -7.01 1.72
N VAL A 116 3.59 -8.07 1.18
CA VAL A 116 3.06 -8.67 -0.04
C VAL A 116 2.88 -10.17 0.17
N MET A 117 2.58 -10.85 -0.92
CA MET A 117 2.38 -12.29 -0.87
C MET A 117 3.08 -12.98 -2.05
N PRO A 118 4.31 -13.47 -1.78
CA PRO A 118 5.10 -14.14 -2.80
C PRO A 118 4.56 -15.56 -3.05
N LYS A 119 4.89 -16.09 -4.22
CA LYS A 119 4.45 -17.43 -4.59
C LYS A 119 5.63 -18.39 -4.46
N ASP A 120 5.35 -19.65 -4.76
CA ASP A 120 6.37 -20.68 -4.69
C ASP A 120 7.48 -20.38 -5.71
N SER A 121 7.05 -20.17 -6.94
CA SER A 121 7.99 -19.87 -8.01
C SER A 121 8.97 -21.03 -8.20
N GLY A 122 9.51 -21.12 -9.41
CA GLY A 122 10.45 -22.17 -9.72
C GLY A 122 11.71 -22.08 -8.85
N PRO A 123 11.85 -23.08 -7.93
CA PRO A 123 13.00 -23.10 -7.04
C PRO A 123 14.26 -23.55 -7.77
N SER A 124 15.29 -22.73 -7.66
CA SER A 124 16.56 -23.02 -8.32
C SER A 124 17.65 -22.08 -7.79
N SER A 125 18.44 -22.61 -6.86
CA SER A 125 19.52 -21.83 -6.28
C SER A 125 20.33 -21.14 -7.37
N GLY A 126 20.90 -21.96 -8.24
CA GLY A 126 21.71 -21.45 -9.34
C GLY A 126 23.15 -21.92 -9.22
N GLY A 1 -1.53 -17.88 6.46
CA GLY A 1 -1.44 -17.58 7.88
C GLY A 1 0.02 -17.33 8.29
N SER A 2 0.23 -17.26 9.60
CA SER A 2 1.56 -17.04 10.12
C SER A 2 2.07 -18.31 10.82
N SER A 3 3.02 -18.96 10.17
CA SER A 3 3.60 -20.18 10.72
C SER A 3 4.34 -19.87 12.02
N GLY A 4 5.34 -19.01 11.91
CA GLY A 4 6.13 -18.63 13.06
C GLY A 4 7.61 -18.52 12.70
N SER A 5 8.24 -19.68 12.59
CA SER A 5 9.66 -19.73 12.26
C SER A 5 9.91 -18.99 10.95
N SER A 6 9.26 -19.46 9.90
CA SER A 6 9.41 -18.83 8.59
C SER A 6 8.31 -19.33 7.65
N GLY A 7 7.41 -18.41 7.30
CA GLY A 7 6.31 -18.74 6.43
C GLY A 7 5.06 -17.92 6.78
N GLY A 8 4.45 -17.36 5.76
CA GLY A 8 3.25 -16.56 5.95
C GLY A 8 3.22 -15.37 5.00
N PRO A 9 2.77 -14.21 5.54
CA PRO A 9 2.69 -12.99 4.75
C PRO A 9 4.08 -12.39 4.53
N LYS A 10 4.22 -11.69 3.41
CA LYS A 10 5.48 -11.05 3.07
C LYS A 10 5.53 -9.66 3.69
N THR A 11 6.74 -9.26 4.06
CA THR A 11 6.94 -7.95 4.67
C THR A 11 8.14 -7.25 4.02
N VAL A 12 7.97 -5.95 3.78
CA VAL A 12 9.02 -5.16 3.17
C VAL A 12 9.06 -3.78 3.84
N THR A 13 10.28 -3.35 4.15
CA THR A 13 10.47 -2.06 4.80
C THR A 13 11.09 -1.07 3.82
N LEU A 14 10.77 0.20 4.02
CA LEU A 14 11.28 1.25 3.17
C LEU A 14 11.69 2.45 4.03
N LYS A 15 12.77 3.09 3.61
CA LYS A 15 13.27 4.25 4.35
C LYS A 15 13.22 5.47 3.43
N ARG A 16 12.38 6.43 3.82
CA ARG A 16 12.25 7.66 3.05
C ARG A 16 13.61 8.18 2.61
N THR A 17 13.85 8.11 1.31
CA THR A 17 15.11 8.57 0.76
C THR A 17 15.14 10.10 0.68
N SER A 18 14.32 10.63 -0.21
CA SER A 18 14.24 12.07 -0.40
C SER A 18 12.78 12.50 -0.51
N GLN A 19 12.24 12.34 -1.71
CA GLN A 19 10.87 12.71 -1.98
C GLN A 19 10.17 11.64 -2.82
N GLY A 20 9.18 10.99 -2.22
CA GLY A 20 8.45 9.95 -2.91
C GLY A 20 9.25 8.64 -2.94
N PHE A 21 8.82 7.72 -2.09
CA PHE A 21 9.48 6.42 -2.01
C PHE A 21 9.79 5.87 -3.40
N GLY A 22 10.86 5.09 -3.47
CA GLY A 22 11.27 4.49 -4.73
C GLY A 22 10.05 3.99 -5.52
N PHE A 23 9.63 2.78 -5.21
CA PHE A 23 8.49 2.18 -5.87
C PHE A 23 7.30 3.16 -5.91
N THR A 24 6.26 2.74 -6.60
CA THR A 24 5.06 3.55 -6.71
C THR A 24 3.85 2.69 -7.07
N LEU A 25 2.68 3.26 -6.89
CA LEU A 25 1.44 2.55 -7.18
C LEU A 25 0.78 3.16 -8.42
N ARG A 26 -0.33 2.57 -8.82
CA ARG A 26 -1.06 3.05 -9.98
C ARG A 26 -2.55 2.76 -9.82
N HIS A 27 -3.35 3.45 -10.62
CA HIS A 27 -4.79 3.30 -10.58
C HIS A 27 -5.36 4.11 -9.41
N PHE A 28 -5.73 5.35 -9.73
CA PHE A 28 -6.29 6.23 -8.73
C PHE A 28 -7.76 5.89 -8.46
N ILE A 29 -8.13 5.96 -7.19
CA ILE A 29 -9.49 5.67 -6.78
C ILE A 29 -9.95 6.71 -5.77
N VAL A 30 -11.05 7.37 -6.10
CA VAL A 30 -11.62 8.40 -5.23
C VAL A 30 -12.81 7.82 -4.49
N TYR A 31 -13.92 8.55 -4.58
CA TYR A 31 -15.15 8.12 -3.92
C TYR A 31 -14.90 7.81 -2.45
N PRO A 32 -14.32 8.82 -1.74
CA PRO A 32 -14.02 8.67 -0.33
C PRO A 32 -15.30 8.77 0.51
N PRO A 33 -15.19 8.25 1.78
CA PRO A 33 -16.32 8.28 2.68
C PRO A 33 -16.55 9.68 3.23
N GLU A 34 -17.38 9.75 4.27
CA GLU A 34 -17.69 11.03 4.90
C GLU A 34 -16.45 11.61 5.57
N SER A 35 -16.66 12.67 6.32
CA SER A 35 -15.57 13.34 7.02
C SER A 35 -14.60 12.30 7.58
N ALA A 36 -15.17 11.25 8.14
CA ALA A 36 -14.37 10.17 8.71
C ALA A 36 -13.20 10.77 9.48
N ILE A 37 -12.04 10.75 8.85
CA ILE A 37 -10.84 11.29 9.47
C ILE A 37 -11.19 12.58 10.21
N GLN A 38 -10.33 12.93 11.16
CA GLN A 38 -10.53 14.13 11.94
C GLN A 38 -9.22 14.58 12.58
N PHE A 39 -9.10 15.90 12.76
CA PHE A 39 -7.90 16.46 13.34
C PHE A 39 -7.47 15.67 14.58
N SER A 40 -6.21 15.23 14.55
CA SER A 40 -5.66 14.45 15.66
C SER A 40 -4.17 14.22 15.43
N TYR A 41 -3.43 14.26 16.52
CA TYR A 41 -1.99 14.04 16.45
C TYR A 41 -1.55 12.93 17.42
N LYS A 42 -1.89 13.13 18.68
CA LYS A 42 -1.55 12.16 19.71
C LYS A 42 -2.82 11.57 20.30
N ASP A 43 -2.83 10.25 20.43
CA ASP A 43 -3.98 9.56 20.98
C ASP A 43 -3.55 8.80 22.25
N GLU A 44 -2.55 7.97 22.08
CA GLU A 44 -2.04 7.18 23.20
C GLU A 44 -3.16 6.33 23.80
N GLU A 45 -2.75 5.35 24.59
CA GLU A 45 -3.71 4.46 25.24
C GLU A 45 -4.47 3.65 24.18
N ASN A 46 -4.95 2.50 24.61
CA ASN A 46 -5.70 1.62 23.72
C ASN A 46 -7.05 2.27 23.39
N GLY A 47 -7.63 1.80 22.30
CA GLY A 47 -8.92 2.32 21.86
C GLY A 47 -9.02 2.30 20.33
N ASN A 48 -10.21 1.96 19.85
CA ASN A 48 -10.45 1.90 18.42
C ASN A 48 -11.87 1.42 18.17
N ARG A 49 -12.67 2.28 17.57
CA ARG A 49 -14.06 1.95 17.26
C ARG A 49 -14.71 3.09 16.46
N GLY A 50 -15.80 2.74 15.80
CA GLY A 50 -16.51 3.71 14.99
C GLY A 50 -17.49 3.02 14.03
N GLY A 51 -18.35 3.82 13.43
CA GLY A 51 -19.34 3.30 12.50
C GLY A 51 -20.16 4.43 11.88
N LYS A 52 -20.43 4.28 10.58
CA LYS A 52 -21.20 5.28 9.87
C LYS A 52 -21.48 4.77 8.45
N GLN A 53 -22.40 5.46 7.78
CA GLN A 53 -22.77 5.09 6.43
C GLN A 53 -21.52 4.72 5.62
N ARG A 54 -21.75 3.90 4.60
CA ARG A 54 -20.66 3.45 3.75
C ARG A 54 -21.10 3.46 2.28
N ASN A 55 -20.12 3.69 1.41
CA ASN A 55 -20.38 3.73 -0.02
C ASN A 55 -20.79 2.34 -0.50
N ARG A 56 -20.06 1.35 -0.01
CA ARG A 56 -20.33 -0.03 -0.38
C ARG A 56 -20.13 -0.23 -1.89
N LEU A 57 -19.36 -1.24 -2.23
CA LEU A 57 -19.09 -1.55 -3.63
C LEU A 57 -18.17 -0.47 -4.21
N GLU A 58 -16.89 -0.62 -3.94
CA GLU A 58 -15.91 0.34 -4.43
C GLU A 58 -15.26 -0.18 -5.72
N PRO A 59 -14.71 0.78 -6.51
CA PRO A 59 -14.07 0.43 -7.76
C PRO A 59 -12.69 -0.20 -7.52
N MET A 60 -12.35 -0.32 -6.24
CA MET A 60 -11.07 -0.90 -5.86
C MET A 60 -10.68 -2.03 -6.82
N ASP A 61 -9.38 -2.11 -7.09
CA ASP A 61 -8.86 -3.13 -7.97
C ASP A 61 -7.40 -3.43 -7.62
N THR A 62 -7.15 -3.45 -6.31
CA THR A 62 -5.81 -3.71 -5.82
C THR A 62 -4.89 -2.53 -6.10
N ILE A 63 -3.80 -2.47 -5.36
CA ILE A 63 -2.84 -1.40 -5.52
C ILE A 63 -1.89 -1.73 -6.67
N PHE A 64 -1.27 -2.89 -6.57
CA PHE A 64 -0.35 -3.34 -7.59
C PHE A 64 0.80 -2.35 -7.76
N VAL A 65 2.02 -2.86 -7.60
CA VAL A 65 3.20 -2.03 -7.73
C VAL A 65 3.30 -1.52 -9.18
N LYS A 66 3.69 -0.25 -9.29
CA LYS A 66 3.83 0.37 -10.60
C LYS A 66 5.23 0.08 -11.15
N GLN A 67 6.21 0.61 -10.44
CA GLN A 67 7.60 0.41 -10.84
C GLN A 67 8.51 0.33 -9.61
N VAL A 68 9.75 -0.02 -9.85
CA VAL A 68 10.73 -0.14 -8.78
C VAL A 68 12.01 0.60 -9.17
N LYS A 69 12.40 1.54 -8.32
CA LYS A 69 13.59 2.31 -8.56
C LYS A 69 14.83 1.42 -8.39
N GLU A 70 15.52 1.20 -9.50
CA GLU A 70 16.71 0.36 -9.48
C GLU A 70 17.80 1.03 -8.64
N GLY A 71 17.85 0.64 -7.37
CA GLY A 71 18.84 1.19 -6.46
C GLY A 71 18.18 2.11 -5.43
N GLY A 72 16.96 1.77 -5.07
CA GLY A 72 16.21 2.56 -4.10
C GLY A 72 15.91 1.74 -2.85
N PRO A 73 14.87 2.19 -2.11
CA PRO A 73 14.47 1.50 -0.88
C PRO A 73 13.72 0.20 -1.20
N ALA A 74 12.58 0.35 -1.85
CA ALA A 74 11.77 -0.79 -2.22
C ALA A 74 12.67 -1.87 -2.84
N PHE A 75 13.40 -1.47 -3.86
CA PHE A 75 14.30 -2.38 -4.55
C PHE A 75 15.05 -3.27 -3.54
N GLU A 76 15.59 -2.61 -2.52
CA GLU A 76 16.33 -3.32 -1.49
C GLU A 76 15.40 -4.24 -0.70
N ALA A 77 14.34 -3.64 -0.17
CA ALA A 77 13.36 -4.40 0.61
C ALA A 77 13.12 -5.74 -0.07
N GLY A 78 13.24 -5.74 -1.39
CA GLY A 78 13.03 -6.95 -2.16
C GLY A 78 11.70 -6.89 -2.91
N LEU A 79 11.19 -5.68 -3.05
CA LEU A 79 9.93 -5.47 -3.74
C LEU A 79 10.11 -5.81 -5.23
N CYS A 80 8.98 -5.93 -5.92
CA CYS A 80 9.00 -6.24 -7.34
C CYS A 80 7.82 -5.53 -8.00
N THR A 81 7.60 -5.88 -9.26
CA THR A 81 6.51 -5.28 -10.01
C THR A 81 5.34 -6.25 -10.13
N GLY A 82 4.14 -5.73 -9.92
CA GLY A 82 2.94 -6.54 -10.00
C GLY A 82 2.56 -7.09 -8.62
N ASP A 83 3.32 -6.67 -7.61
CA ASP A 83 3.07 -7.11 -6.25
C ASP A 83 1.82 -6.41 -5.71
N ARG A 84 0.99 -7.19 -5.03
CA ARG A 84 -0.23 -6.66 -4.46
C ARG A 84 -0.02 -6.27 -3.00
N ILE A 85 -0.48 -5.07 -2.67
CA ILE A 85 -0.34 -4.55 -1.32
C ILE A 85 -1.47 -5.11 -0.45
N ILE A 86 -1.06 -5.78 0.63
CA ILE A 86 -2.03 -6.36 1.54
C ILE A 86 -2.01 -5.59 2.85
N LYS A 87 -0.81 -5.36 3.35
CA LYS A 87 -0.65 -4.62 4.60
C LYS A 87 0.43 -3.55 4.42
N VAL A 88 0.50 -2.65 5.38
CA VAL A 88 1.46 -1.57 5.35
C VAL A 88 2.45 -1.74 6.49
N ASN A 89 2.43 -0.78 7.39
CA ASN A 89 3.32 -0.81 8.54
C ASN A 89 2.52 -1.21 9.78
N GLY A 90 1.92 -2.38 9.71
CA GLY A 90 1.14 -2.89 10.82
C GLY A 90 -0.20 -2.15 10.93
N GLU A 91 -0.77 -1.85 9.77
CA GLU A 91 -2.04 -1.15 9.72
C GLU A 91 -3.12 -2.04 9.10
N SER A 92 -2.69 -2.84 8.13
CA SER A 92 -3.60 -3.75 7.45
C SER A 92 -4.56 -2.95 6.57
N VAL A 93 -4.64 -3.35 5.31
CA VAL A 93 -5.51 -2.68 4.35
C VAL A 93 -6.79 -3.51 4.18
N ILE A 94 -7.15 -4.20 5.25
CA ILE A 94 -8.35 -5.03 5.22
C ILE A 94 -9.59 -4.12 5.12
N GLY A 95 -10.03 -3.92 3.90
CA GLY A 95 -11.20 -3.09 3.65
C GLY A 95 -10.78 -1.69 3.18
N LYS A 96 -9.62 -1.27 3.65
CA LYS A 96 -9.09 0.04 3.29
C LYS A 96 -8.90 0.11 1.77
N THR A 97 -9.04 1.31 1.25
CA THR A 97 -8.88 1.53 -0.18
C THR A 97 -7.58 2.28 -0.47
N TYR A 98 -7.32 2.48 -1.75
CA TYR A 98 -6.12 3.18 -2.17
C TYR A 98 -5.92 4.46 -1.36
N SER A 99 -6.84 5.39 -1.54
CA SER A 99 -6.78 6.66 -0.83
C SER A 99 -6.35 6.42 0.62
N GLN A 100 -7.02 5.46 1.25
CA GLN A 100 -6.71 5.14 2.64
C GLN A 100 -5.24 4.75 2.78
N VAL A 101 -4.91 3.57 2.27
CA VAL A 101 -3.54 3.08 2.34
C VAL A 101 -2.59 4.20 1.92
N ILE A 102 -2.95 4.88 0.84
CA ILE A 102 -2.14 5.97 0.33
C ILE A 102 -1.68 6.85 1.50
N ALA A 103 -2.65 7.26 2.30
CA ALA A 103 -2.36 8.10 3.46
C ALA A 103 -1.40 7.38 4.38
N LEU A 104 -1.68 6.09 4.61
CA LEU A 104 -0.85 5.28 5.47
C LEU A 104 0.61 5.36 5.00
N ILE A 105 0.76 5.68 3.72
CA ILE A 105 2.09 5.79 3.14
C ILE A 105 2.61 7.21 3.35
N GLN A 106 1.77 8.18 3.02
CA GLN A 106 2.13 9.58 3.17
C GLN A 106 2.44 9.89 4.63
N ASN A 107 1.73 9.21 5.52
CA ASN A 107 1.92 9.40 6.94
C ASN A 107 2.85 8.31 7.48
N SER A 108 3.48 7.60 6.56
CA SER A 108 4.39 6.54 6.93
C SER A 108 5.53 7.09 7.80
N ASP A 109 5.75 8.39 7.66
CA ASP A 109 6.80 9.05 8.42
C ASP A 109 8.15 8.82 7.73
N THR A 110 9.20 8.83 8.54
CA THR A 110 10.54 8.62 8.03
C THR A 110 10.61 7.32 7.23
N THR A 111 10.12 6.26 7.86
CA THR A 111 10.13 4.95 7.23
C THR A 111 8.74 4.61 6.68
N LEU A 112 8.66 3.49 5.98
CA LEU A 112 7.41 3.05 5.40
C LEU A 112 7.49 1.55 5.11
N GLU A 113 6.69 0.79 5.86
CA GLU A 113 6.67 -0.65 5.70
C GLU A 113 5.49 -1.06 4.81
N LEU A 114 5.67 -2.17 4.10
CA LEU A 114 4.65 -2.68 3.22
C LEU A 114 4.55 -4.20 3.36
N SER A 115 3.56 -4.76 2.69
CA SER A 115 3.36 -6.20 2.72
C SER A 115 2.67 -6.67 1.45
N VAL A 116 3.22 -7.72 0.85
CA VAL A 116 2.66 -8.27 -0.36
C VAL A 116 2.49 -9.79 -0.20
N MET A 117 2.18 -10.43 -1.32
CA MET A 117 1.97 -11.87 -1.31
C MET A 117 2.67 -12.53 -2.50
N PRO A 118 3.90 -13.04 -2.23
CA PRO A 118 4.69 -13.69 -3.27
C PRO A 118 4.14 -15.09 -3.57
N LYS A 119 4.71 -15.70 -4.60
CA LYS A 119 4.29 -17.03 -5.00
C LYS A 119 5.42 -18.03 -4.74
N ASP A 120 5.17 -19.28 -5.09
CA ASP A 120 6.16 -20.32 -4.91
C ASP A 120 7.38 -20.03 -5.79
N SER A 121 7.11 -19.91 -7.08
CA SER A 121 8.18 -19.63 -8.03
C SER A 121 9.21 -20.76 -8.01
N GLY A 122 9.16 -21.58 -9.06
CA GLY A 122 10.08 -22.69 -9.18
C GLY A 122 11.54 -22.25 -8.93
N PRO A 123 12.28 -23.10 -8.20
CA PRO A 123 13.67 -22.81 -7.89
C PRO A 123 14.56 -23.02 -9.11
N SER A 124 14.37 -22.17 -10.11
CA SER A 124 15.14 -22.26 -11.33
C SER A 124 15.38 -20.86 -11.90
N SER A 125 16.52 -20.31 -11.56
CA SER A 125 16.88 -18.98 -12.04
C SER A 125 18.41 -18.85 -12.13
N GLY A 126 18.87 -18.57 -13.33
CA GLY A 126 20.30 -18.41 -13.56
C GLY A 126 20.73 -19.17 -14.82
N GLY A 1 -0.27 -9.34 17.68
CA GLY A 1 -0.02 -10.76 17.49
C GLY A 1 1.48 -11.03 17.28
N SER A 2 1.90 -10.91 16.04
CA SER A 2 3.30 -11.14 15.70
C SER A 2 3.71 -12.55 16.11
N SER A 3 3.88 -13.39 15.10
CA SER A 3 4.28 -14.78 15.34
C SER A 3 4.67 -15.44 14.02
N GLY A 4 5.68 -16.30 14.11
CA GLY A 4 6.16 -17.00 12.93
C GLY A 4 7.68 -16.87 12.81
N SER A 5 8.23 -17.54 11.79
CA SER A 5 9.65 -17.51 11.55
C SER A 5 9.95 -17.93 10.11
N SER A 6 10.19 -16.92 9.28
CA SER A 6 10.49 -17.18 7.87
C SER A 6 9.40 -18.07 7.26
N GLY A 7 8.36 -17.43 6.76
CA GLY A 7 7.25 -18.14 6.15
C GLY A 7 5.92 -17.46 6.44
N GLY A 8 5.02 -17.54 5.47
CA GLY A 8 3.71 -16.95 5.62
C GLY A 8 3.64 -15.61 4.88
N PRO A 9 3.32 -14.53 5.65
CA PRO A 9 3.22 -13.19 5.08
C PRO A 9 4.60 -12.62 4.78
N LYS A 10 4.63 -11.72 3.81
CA LYS A 10 5.89 -11.08 3.43
C LYS A 10 5.91 -9.66 3.98
N THR A 11 7.10 -9.25 4.42
CA THR A 11 7.27 -7.92 4.97
C THR A 11 8.45 -7.21 4.29
N VAL A 12 8.25 -5.94 4.00
CA VAL A 12 9.27 -5.14 3.35
C VAL A 12 9.27 -3.73 3.92
N THR A 13 10.44 -3.28 4.34
CA THR A 13 10.58 -1.95 4.91
C THR A 13 11.10 -0.96 3.86
N LEU A 14 10.74 0.30 4.04
CA LEU A 14 11.16 1.34 3.12
C LEU A 14 11.52 2.60 3.91
N LYS A 15 12.77 3.02 3.75
CA LYS A 15 13.25 4.20 4.44
C LYS A 15 13.23 5.40 3.48
N ARG A 16 12.39 6.37 3.82
CA ARG A 16 12.27 7.56 2.99
C ARG A 16 13.64 8.02 2.51
N THR A 17 13.86 7.86 1.21
CA THR A 17 15.13 8.26 0.62
C THR A 17 14.90 8.88 -0.76
N SER A 18 13.64 9.19 -1.03
CA SER A 18 13.27 9.79 -2.31
C SER A 18 11.75 9.97 -2.38
N GLN A 19 11.26 9.95 -3.61
CA GLN A 19 9.82 10.10 -3.83
C GLN A 19 9.14 8.74 -3.87
N GLY A 20 8.03 8.65 -3.15
CA GLY A 20 7.27 7.42 -3.09
C GLY A 20 8.20 6.22 -2.83
N PHE A 21 9.13 6.43 -1.93
CA PHE A 21 10.08 5.38 -1.58
C PHE A 21 10.49 4.58 -2.82
N GLY A 22 10.70 5.31 -3.91
CA GLY A 22 11.10 4.69 -5.17
C GLY A 22 9.89 4.13 -5.91
N PHE A 23 9.51 2.92 -5.53
CA PHE A 23 8.37 2.25 -6.14
C PHE A 23 7.14 3.17 -6.14
N THR A 24 6.08 2.67 -6.76
CA THR A 24 4.84 3.43 -6.83
C THR A 24 3.65 2.48 -7.08
N LEU A 25 2.46 3.05 -6.92
CA LEU A 25 1.25 2.27 -7.12
C LEU A 25 0.43 2.91 -8.26
N ARG A 26 -0.55 2.14 -8.73
CA ARG A 26 -1.41 2.60 -9.80
C ARG A 26 -2.55 1.61 -10.04
N HIS A 27 -3.46 2.01 -10.91
CA HIS A 27 -4.60 1.17 -11.24
C HIS A 27 -5.58 1.15 -10.07
N PHE A 28 -6.54 2.06 -10.12
CA PHE A 28 -7.54 2.17 -9.07
C PHE A 28 -8.70 3.05 -9.51
N ILE A 29 -9.91 2.63 -9.14
CA ILE A 29 -11.10 3.36 -9.48
C ILE A 29 -11.59 4.15 -8.26
N VAL A 30 -11.56 3.47 -7.12
CA VAL A 30 -12.00 4.09 -5.87
C VAL A 30 -13.41 4.64 -6.06
N TYR A 31 -13.99 5.06 -4.94
CA TYR A 31 -15.34 5.61 -4.96
C TYR A 31 -15.41 6.88 -4.10
N PRO A 32 -14.62 7.91 -4.50
CA PRO A 32 -14.60 9.16 -3.78
C PRO A 32 -15.85 9.99 -4.07
N PRO A 33 -16.05 11.04 -3.24
CA PRO A 33 -17.21 11.92 -3.39
C PRO A 33 -17.04 12.84 -4.60
N GLU A 34 -18.17 13.16 -5.23
CA GLU A 34 -18.15 14.03 -6.39
C GLU A 34 -18.16 15.50 -5.95
N SER A 35 -17.54 16.33 -6.78
CA SER A 35 -17.45 17.76 -6.48
C SER A 35 -16.97 17.96 -5.05
N ALA A 36 -16.11 17.06 -4.61
CA ALA A 36 -15.56 17.14 -3.27
C ALA A 36 -14.03 17.18 -3.34
N ILE A 37 -13.49 18.37 -3.10
CA ILE A 37 -12.05 18.54 -3.14
C ILE A 37 -11.39 17.61 -2.12
N GLN A 38 -10.17 17.19 -2.46
CA GLN A 38 -9.43 16.29 -1.59
C GLN A 38 -9.56 16.74 -0.14
N PHE A 39 -9.64 15.76 0.75
CA PHE A 39 -9.75 16.05 2.17
C PHE A 39 -9.48 14.79 3.00
N SER A 40 -8.76 14.99 4.10
CA SER A 40 -8.43 13.88 4.98
C SER A 40 -8.07 14.42 6.38
N TYR A 41 -7.77 13.50 7.27
CA TYR A 41 -7.42 13.85 8.63
C TYR A 41 -5.93 14.19 8.75
N LYS A 42 -5.46 14.96 7.78
CA LYS A 42 -4.06 15.35 7.76
C LYS A 42 -3.91 16.71 8.45
N ASP A 43 -2.98 16.76 9.38
CA ASP A 43 -2.73 17.99 10.13
C ASP A 43 -3.89 18.25 11.09
N GLU A 44 -3.61 19.06 12.10
CA GLU A 44 -4.62 19.40 13.08
C GLU A 44 -5.97 19.65 12.40
N GLU A 45 -6.88 18.72 12.59
CA GLU A 45 -8.20 18.82 12.00
C GLU A 45 -9.07 17.62 12.42
N ASN A 46 -10.37 17.83 12.35
CA ASN A 46 -11.32 16.78 12.71
C ASN A 46 -11.82 16.10 11.44
N GLY A 47 -12.39 14.92 11.63
CA GLY A 47 -12.92 14.15 10.51
C GLY A 47 -13.42 12.78 10.97
N ASN A 48 -14.74 12.67 11.07
CA ASN A 48 -15.35 11.42 11.49
C ASN A 48 -16.80 11.38 11.00
N ARG A 49 -17.50 10.32 11.40
CA ARG A 49 -18.88 10.16 11.01
C ARG A 49 -19.01 10.13 9.49
N GLY A 50 -19.15 11.31 8.91
CA GLY A 50 -19.27 11.43 7.46
C GLY A 50 -20.63 10.91 7.00
N GLY A 51 -20.60 10.03 6.01
CA GLY A 51 -21.82 9.46 5.46
C GLY A 51 -21.52 8.62 4.21
N LYS A 52 -21.71 7.33 4.35
CA LYS A 52 -21.47 6.41 3.24
C LYS A 52 -22.54 5.32 3.25
N GLN A 53 -23.60 5.56 2.48
CA GLN A 53 -24.69 4.60 2.39
C GLN A 53 -24.45 3.65 1.23
N ARG A 54 -25.43 2.78 1.01
CA ARG A 54 -25.36 1.81 -0.07
C ARG A 54 -24.14 0.90 0.14
N ASN A 55 -24.03 -0.08 -0.75
CA ASN A 55 -22.92 -1.03 -0.68
C ASN A 55 -21.60 -0.30 -0.97
N ARG A 56 -20.51 -0.95 -0.60
CA ARG A 56 -19.20 -0.37 -0.81
C ARG A 56 -18.12 -1.45 -0.69
N LEU A 57 -18.12 -2.36 -1.65
CA LEU A 57 -17.16 -3.44 -1.66
C LEU A 57 -16.05 -3.13 -2.67
N GLU A 58 -15.95 -1.86 -3.02
CA GLU A 58 -14.95 -1.41 -3.97
C GLU A 58 -15.22 -2.02 -5.34
N PRO A 59 -14.63 -1.37 -6.39
CA PRO A 59 -14.81 -1.85 -7.75
C PRO A 59 -13.97 -3.10 -8.01
N MET A 60 -12.75 -2.88 -8.46
CA MET A 60 -11.84 -3.99 -8.75
C MET A 60 -10.39 -3.51 -8.76
N ASP A 61 -9.49 -4.47 -8.93
CA ASP A 61 -8.07 -4.18 -8.95
C ASP A 61 -7.58 -3.91 -7.52
N THR A 62 -6.30 -4.15 -7.32
CA THR A 62 -5.70 -3.94 -6.02
C THR A 62 -4.41 -3.11 -6.14
N ILE A 63 -3.93 -2.64 -5.00
CA ILE A 63 -2.72 -1.84 -4.97
C ILE A 63 -1.56 -2.66 -5.52
N PHE A 64 -1.45 -2.66 -6.85
CA PHE A 64 -0.38 -3.39 -7.51
C PHE A 64 0.75 -2.47 -7.93
N VAL A 65 1.98 -2.93 -7.71
CA VAL A 65 3.15 -2.15 -8.06
C VAL A 65 3.10 -1.79 -9.54
N LYS A 66 3.65 -0.62 -9.86
CA LYS A 66 3.68 -0.16 -11.23
C LYS A 66 5.12 -0.11 -11.72
N GLN A 67 6.01 0.24 -10.81
CA GLN A 67 7.43 0.33 -11.14
C GLN A 67 8.27 0.34 -9.87
N VAL A 68 9.56 0.11 -10.04
CA VAL A 68 10.48 0.09 -8.92
C VAL A 68 11.73 0.88 -9.29
N LYS A 69 12.03 1.88 -8.46
CA LYS A 69 13.20 2.72 -8.69
C LYS A 69 14.46 1.86 -8.55
N GLU A 70 15.24 1.85 -9.62
CA GLU A 70 16.47 1.08 -9.64
C GLU A 70 17.51 1.74 -8.72
N GLY A 71 17.56 1.25 -7.49
CA GLY A 71 18.51 1.77 -6.51
C GLY A 71 17.77 2.51 -5.39
N GLY A 72 16.52 2.11 -5.18
CA GLY A 72 15.70 2.72 -4.14
C GLY A 72 15.54 1.78 -2.94
N PRO A 73 14.58 2.13 -2.06
CA PRO A 73 14.30 1.32 -0.88
C PRO A 73 13.56 0.04 -1.24
N ALA A 74 12.42 0.23 -1.88
CA ALA A 74 11.60 -0.90 -2.30
C ALA A 74 12.47 -1.91 -3.04
N PHE A 75 13.27 -1.39 -3.96
CA PHE A 75 14.15 -2.24 -4.74
C PHE A 75 15.03 -3.12 -3.83
N GLU A 76 15.58 -2.47 -2.82
CA GLU A 76 16.44 -3.18 -1.87
C GLU A 76 15.60 -4.08 -0.97
N ALA A 77 14.54 -3.51 -0.41
CA ALA A 77 13.65 -4.25 0.47
C ALA A 77 13.30 -5.58 -0.19
N GLY A 78 13.38 -5.61 -1.51
CA GLY A 78 13.07 -6.81 -2.26
C GLY A 78 11.78 -6.63 -3.05
N LEU A 79 11.26 -5.41 -3.03
CA LEU A 79 10.03 -5.11 -3.74
C LEU A 79 10.28 -5.20 -5.25
N CYS A 80 9.24 -5.60 -5.96
CA CYS A 80 9.34 -5.73 -7.41
C CYS A 80 8.00 -5.30 -8.02
N THR A 81 7.78 -5.73 -9.25
CA THR A 81 6.55 -5.40 -9.95
C THR A 81 5.60 -6.59 -9.96
N GLY A 82 4.36 -6.33 -9.58
CA GLY A 82 3.34 -7.36 -9.54
C GLY A 82 2.91 -7.66 -8.10
N ASP A 83 3.84 -7.46 -7.18
CA ASP A 83 3.57 -7.69 -5.78
C ASP A 83 2.42 -6.80 -5.33
N ARG A 84 1.44 -7.42 -4.69
CA ARG A 84 0.27 -6.69 -4.21
C ARG A 84 0.47 -6.30 -2.74
N ILE A 85 -0.18 -5.20 -2.36
CA ILE A 85 -0.09 -4.72 -1.00
C ILE A 85 -1.22 -5.33 -0.16
N ILE A 86 -0.81 -5.93 0.95
CA ILE A 86 -1.77 -6.56 1.84
C ILE A 86 -1.80 -5.81 3.18
N LYS A 87 -0.62 -5.37 3.58
CA LYS A 87 -0.49 -4.63 4.84
C LYS A 87 0.58 -3.55 4.67
N VAL A 88 0.59 -2.63 5.63
CA VAL A 88 1.56 -1.54 5.62
C VAL A 88 2.34 -1.54 6.92
N ASN A 89 2.27 -0.41 7.62
CA ASN A 89 2.97 -0.27 8.89
C ASN A 89 2.14 -0.92 10.00
N GLY A 90 2.11 -2.25 9.96
CA GLY A 90 1.36 -3.00 10.96
C GLY A 90 -0.13 -2.68 10.89
N GLU A 91 -0.55 -2.27 9.70
CA GLU A 91 -1.95 -1.94 9.48
C GLU A 91 -2.64 -3.04 8.69
N SER A 92 -3.91 -2.80 8.38
CA SER A 92 -4.70 -3.77 7.64
C SER A 92 -5.49 -3.06 6.52
N VAL A 93 -5.04 -3.28 5.30
CA VAL A 93 -5.69 -2.67 4.15
C VAL A 93 -6.40 -3.76 3.34
N ILE A 94 -7.14 -4.60 4.06
CA ILE A 94 -7.87 -5.68 3.41
C ILE A 94 -8.94 -5.10 2.50
N GLY A 95 -9.86 -4.36 3.12
CA GLY A 95 -10.94 -3.74 2.38
C GLY A 95 -10.79 -2.21 2.35
N LYS A 96 -9.57 -1.77 2.59
CA LYS A 96 -9.27 -0.34 2.60
C LYS A 96 -9.23 0.17 1.16
N THR A 97 -9.34 1.48 1.04
CA THR A 97 -9.33 2.12 -0.27
C THR A 97 -7.94 2.69 -0.57
N TYR A 98 -7.70 2.94 -1.85
CA TYR A 98 -6.43 3.48 -2.29
C TYR A 98 -6.05 4.71 -1.47
N SER A 99 -6.98 5.66 -1.42
CA SER A 99 -6.76 6.89 -0.67
C SER A 99 -6.25 6.58 0.73
N GLN A 100 -6.88 5.58 1.34
CA GLN A 100 -6.50 5.17 2.68
C GLN A 100 -5.03 4.71 2.70
N VAL A 101 -4.79 3.58 2.07
CA VAL A 101 -3.45 3.03 2.01
C VAL A 101 -2.47 4.13 1.60
N ILE A 102 -2.90 4.94 0.63
CA ILE A 102 -2.07 6.02 0.13
C ILE A 102 -1.59 6.86 1.32
N ALA A 103 -2.55 7.28 2.14
CA ALA A 103 -2.24 8.09 3.30
C ALA A 103 -1.29 7.31 4.21
N LEU A 104 -1.60 6.04 4.40
CA LEU A 104 -0.79 5.19 5.24
C LEU A 104 0.68 5.28 4.80
N ILE A 105 0.86 5.65 3.54
CA ILE A 105 2.19 5.79 2.99
C ILE A 105 2.69 7.22 3.21
N GLN A 106 1.84 8.17 2.85
CA GLN A 106 2.18 9.57 3.02
C GLN A 106 2.44 9.89 4.49
N ASN A 107 1.71 9.19 5.35
CA ASN A 107 1.86 9.40 6.78
C ASN A 107 2.73 8.28 7.37
N SER A 108 3.44 7.61 6.47
CA SER A 108 4.32 6.52 6.89
C SER A 108 5.44 7.07 7.77
N ASP A 109 5.69 8.36 7.62
CA ASP A 109 6.73 9.01 8.40
C ASP A 109 8.09 8.74 7.75
N THR A 110 9.13 8.81 8.58
CA THR A 110 10.48 8.57 8.09
C THR A 110 10.56 7.24 7.36
N THR A 111 10.08 6.19 8.04
CA THR A 111 10.10 4.86 7.46
C THR A 111 8.70 4.49 6.95
N LEU A 112 8.68 3.51 6.05
CA LEU A 112 7.42 3.05 5.48
C LEU A 112 7.50 1.54 5.27
N GLU A 113 6.70 0.81 6.04
CA GLU A 113 6.67 -0.64 5.94
C GLU A 113 5.52 -1.07 5.03
N LEU A 114 5.74 -2.19 4.35
CA LEU A 114 4.74 -2.73 3.44
C LEU A 114 4.67 -4.25 3.62
N SER A 115 3.63 -4.83 3.01
CA SER A 115 3.44 -6.27 3.09
C SER A 115 2.79 -6.77 1.80
N VAL A 116 3.39 -7.82 1.25
CA VAL A 116 2.88 -8.40 0.02
C VAL A 116 2.68 -9.90 0.22
N MET A 117 2.25 -10.56 -0.84
CA MET A 117 2.01 -11.99 -0.80
C MET A 117 2.73 -12.70 -1.95
N PRO A 118 3.88 -13.35 -1.61
CA PRO A 118 4.66 -14.06 -2.60
C PRO A 118 4.00 -15.39 -2.98
N LYS A 119 4.35 -15.88 -4.16
CA LYS A 119 3.79 -17.13 -4.64
C LYS A 119 4.87 -17.89 -5.41
N ASP A 120 4.51 -19.11 -5.82
CA ASP A 120 5.43 -19.95 -6.57
C ASP A 120 6.55 -20.43 -5.64
N SER A 121 7.31 -19.47 -5.13
CA SER A 121 8.40 -19.77 -4.24
C SER A 121 9.28 -18.54 -4.05
N GLY A 122 8.81 -17.64 -3.17
CA GLY A 122 9.54 -16.42 -2.89
C GLY A 122 9.72 -15.58 -4.15
N PRO A 123 10.19 -14.33 -3.94
CA PRO A 123 10.41 -13.42 -5.06
C PRO A 123 11.67 -13.79 -5.83
N SER A 124 11.52 -14.78 -6.69
CA SER A 124 12.64 -15.25 -7.49
C SER A 124 12.14 -16.15 -8.62
N SER A 125 13.03 -16.41 -9.57
CA SER A 125 12.68 -17.25 -10.71
C SER A 125 13.84 -17.27 -11.71
N GLY A 126 14.25 -16.07 -12.10
CA GLY A 126 15.34 -15.93 -13.06
C GLY A 126 15.27 -17.03 -14.13
N GLY A 1 17.34 -28.46 6.89
CA GLY A 1 16.00 -27.91 7.03
C GLY A 1 15.68 -26.98 5.86
N SER A 2 15.71 -27.55 4.66
CA SER A 2 15.42 -26.78 3.47
C SER A 2 13.99 -26.24 3.52
N SER A 3 13.05 -27.16 3.63
CA SER A 3 11.65 -26.79 3.69
C SER A 3 11.02 -27.31 4.99
N GLY A 4 11.17 -26.52 6.04
CA GLY A 4 10.62 -26.89 7.33
C GLY A 4 9.20 -27.45 7.19
N SER A 5 8.26 -26.55 6.97
CA SER A 5 6.87 -26.94 6.82
C SER A 5 6.03 -25.73 6.41
N SER A 6 6.07 -24.71 7.25
CA SER A 6 5.32 -23.49 6.99
C SER A 6 6.21 -22.27 7.21
N GLY A 7 6.25 -21.42 6.17
CA GLY A 7 7.06 -20.22 6.24
C GLY A 7 6.32 -19.10 6.97
N GLY A 8 5.89 -18.11 6.20
CA GLY A 8 5.16 -16.99 6.75
C GLY A 8 4.96 -15.89 5.70
N PRO A 9 4.43 -14.73 6.17
CA PRO A 9 4.18 -13.61 5.28
C PRO A 9 5.49 -12.91 4.91
N LYS A 10 5.40 -12.07 3.87
CA LYS A 10 6.56 -11.34 3.41
C LYS A 10 6.34 -9.84 3.66
N THR A 11 7.28 -9.26 4.40
CA THR A 11 7.20 -7.84 4.72
C THR A 11 8.39 -7.10 4.13
N VAL A 12 8.19 -5.80 3.91
CA VAL A 12 9.25 -4.98 3.36
C VAL A 12 9.21 -3.60 4.04
N THR A 13 10.40 -3.06 4.25
CA THR A 13 10.52 -1.75 4.89
C THR A 13 11.17 -0.76 3.94
N LEU A 14 10.73 0.48 4.02
CA LEU A 14 11.26 1.54 3.18
C LEU A 14 11.69 2.72 4.06
N LYS A 15 12.79 3.34 3.65
CA LYS A 15 13.31 4.47 4.38
C LYS A 15 13.02 5.76 3.61
N ARG A 16 12.20 6.61 4.20
CA ARG A 16 11.83 7.87 3.58
C ARG A 16 13.05 8.51 2.92
N THR A 17 13.01 8.55 1.60
CA THR A 17 14.10 9.14 0.84
C THR A 17 13.65 10.43 0.16
N SER A 18 13.63 11.50 0.95
CA SER A 18 13.21 12.80 0.43
C SER A 18 11.69 12.86 0.33
N GLN A 19 11.16 12.07 -0.60
CA GLN A 19 9.73 12.02 -0.82
C GLN A 19 9.30 10.61 -1.21
N GLY A 20 8.06 10.29 -0.85
CA GLY A 20 7.52 8.97 -1.16
C GLY A 20 8.59 7.89 -1.01
N PHE A 21 8.77 7.14 -2.09
CA PHE A 21 9.76 6.07 -2.08
C PHE A 21 10.07 5.61 -3.51
N GLY A 22 10.83 4.53 -3.60
CA GLY A 22 11.21 3.98 -4.89
C GLY A 22 10.18 2.95 -5.38
N PHE A 23 8.94 3.39 -5.47
CA PHE A 23 7.86 2.53 -5.92
C PHE A 23 6.53 3.29 -5.96
N THR A 24 5.58 2.69 -6.65
CA THR A 24 4.26 3.29 -6.77
C THR A 24 3.20 2.21 -7.02
N LEU A 25 1.95 2.59 -6.78
CA LEU A 25 0.84 1.67 -6.97
C LEU A 25 -0.01 2.14 -8.14
N ARG A 26 -1.00 1.33 -8.48
CA ARG A 26 -1.89 1.65 -9.59
C ARG A 26 -3.35 1.56 -9.13
N HIS A 27 -4.14 2.52 -9.61
CA HIS A 27 -5.54 2.56 -9.26
C HIS A 27 -6.23 3.71 -10.03
N PHE A 28 -6.59 3.42 -11.26
CA PHE A 28 -7.25 4.41 -12.10
C PHE A 28 -8.71 4.04 -12.34
N ILE A 29 -8.99 2.75 -12.23
CA ILE A 29 -10.34 2.27 -12.43
C ILE A 29 -11.34 3.27 -11.85
N VAL A 30 -11.16 3.56 -10.57
CA VAL A 30 -12.03 4.51 -9.89
C VAL A 30 -13.49 4.11 -10.13
N TYR A 31 -14.38 4.87 -9.51
CA TYR A 31 -15.81 4.61 -9.65
C TYR A 31 -16.62 5.55 -8.77
N PRO A 32 -16.71 6.84 -9.23
CA PRO A 32 -17.46 7.84 -8.50
C PRO A 32 -18.97 7.64 -8.66
N PRO A 33 -19.73 8.12 -7.64
CA PRO A 33 -21.18 8.00 -7.67
C PRO A 33 -21.80 8.99 -8.65
N GLU A 34 -21.89 10.23 -8.22
CA GLU A 34 -22.46 11.29 -9.04
C GLU A 34 -21.53 12.51 -9.06
N SER A 35 -21.52 13.21 -7.94
CA SER A 35 -20.68 14.39 -7.80
C SER A 35 -19.96 14.38 -6.46
N ALA A 36 -19.56 13.18 -6.05
CA ALA A 36 -18.86 13.02 -4.79
C ALA A 36 -17.68 14.01 -4.73
N ILE A 37 -16.97 14.09 -5.84
CA ILE A 37 -15.83 14.99 -5.94
C ILE A 37 -14.88 14.71 -4.77
N GLN A 38 -14.85 15.65 -3.84
CA GLN A 38 -13.99 15.51 -2.67
C GLN A 38 -12.52 15.66 -3.07
N PHE A 39 -11.94 16.77 -2.66
CA PHE A 39 -10.54 17.04 -2.98
C PHE A 39 -9.69 17.01 -1.71
N SER A 40 -9.14 15.84 -1.43
CA SER A 40 -8.29 15.67 -0.25
C SER A 40 -9.13 15.83 1.01
N TYR A 41 -9.73 14.72 1.43
CA TYR A 41 -10.55 14.71 2.62
C TYR A 41 -9.70 14.64 3.89
N LYS A 42 -10.31 14.99 5.01
CA LYS A 42 -9.61 14.97 6.28
C LYS A 42 -9.55 13.53 6.79
N ASP A 43 -8.39 13.18 7.34
CA ASP A 43 -8.18 11.83 7.86
C ASP A 43 -6.77 11.74 8.45
N GLU A 44 -6.69 11.99 9.74
CA GLU A 44 -5.41 11.93 10.43
C GLU A 44 -5.59 11.34 11.83
N GLU A 45 -4.83 10.28 12.09
CA GLU A 45 -4.89 9.62 13.39
C GLU A 45 -6.34 9.53 13.87
N ASN A 46 -6.97 8.41 13.52
CA ASN A 46 -8.35 8.19 13.91
C ASN A 46 -8.52 6.73 14.34
N GLY A 47 -9.52 6.51 15.18
CA GLY A 47 -9.80 5.17 15.69
C GLY A 47 -10.31 4.26 14.56
N ASN A 48 -11.61 4.03 14.57
CA ASN A 48 -12.23 3.19 13.56
C ASN A 48 -13.63 3.70 13.26
N ARG A 49 -13.85 4.00 11.99
CA ARG A 49 -15.15 4.51 11.55
C ARG A 49 -15.75 3.59 10.49
N GLY A 50 -16.98 3.88 10.13
CA GLY A 50 -17.68 3.08 9.13
C GLY A 50 -19.18 3.42 9.11
N GLY A 51 -19.83 2.95 8.06
CA GLY A 51 -21.26 3.19 7.91
C GLY A 51 -21.99 1.90 7.56
N LYS A 52 -23.21 2.06 7.04
CA LYS A 52 -24.02 0.93 6.66
C LYS A 52 -24.67 1.19 5.30
N GLN A 53 -24.44 0.26 4.38
CA GLN A 53 -24.99 0.39 3.05
C GLN A 53 -24.66 -0.85 2.22
N ARG A 54 -25.68 -1.39 1.56
CA ARG A 54 -25.51 -2.57 0.74
C ARG A 54 -26.40 -2.47 -0.50
N ASN A 55 -25.75 -2.61 -1.66
CA ASN A 55 -26.47 -2.54 -2.93
C ASN A 55 -25.46 -2.59 -4.08
N ARG A 56 -24.66 -1.54 -4.17
CA ARG A 56 -23.65 -1.47 -5.22
C ARG A 56 -22.42 -2.28 -4.83
N LEU A 57 -21.82 -2.92 -5.82
CA LEU A 57 -20.64 -3.72 -5.59
C LEU A 57 -19.40 -2.95 -6.04
N GLU A 58 -18.26 -3.63 -6.04
CA GLU A 58 -17.02 -3.01 -6.44
C GLU A 58 -16.32 -3.88 -7.51
N PRO A 59 -15.38 -3.22 -8.25
CA PRO A 59 -14.65 -3.92 -9.28
C PRO A 59 -13.57 -4.83 -8.68
N MET A 60 -12.53 -4.19 -8.16
CA MET A 60 -11.44 -4.93 -7.55
C MET A 60 -10.73 -4.09 -6.48
N ASP A 61 -10.41 -4.74 -5.38
CA ASP A 61 -9.73 -4.06 -4.29
C ASP A 61 -8.33 -4.65 -4.12
N THR A 62 -7.40 -4.10 -4.88
CA THR A 62 -6.03 -4.56 -4.82
C THR A 62 -5.06 -3.39 -5.02
N ILE A 63 -3.84 -3.59 -4.54
CA ILE A 63 -2.82 -2.56 -4.66
C ILE A 63 -1.96 -2.83 -5.89
N PHE A 64 -1.24 -3.94 -5.86
CA PHE A 64 -0.39 -4.31 -6.96
C PHE A 64 0.59 -3.19 -7.31
N VAL A 65 1.85 -3.41 -6.95
CA VAL A 65 2.89 -2.43 -7.22
C VAL A 65 2.84 -2.03 -8.69
N LYS A 66 3.37 -0.84 -8.97
CA LYS A 66 3.40 -0.34 -10.33
C LYS A 66 4.85 -0.27 -10.82
N GLN A 67 5.65 0.46 -10.06
CA GLN A 67 7.05 0.62 -10.40
C GLN A 67 7.93 0.47 -9.14
N VAL A 68 9.23 0.39 -9.38
CA VAL A 68 10.18 0.24 -8.29
C VAL A 68 11.53 0.82 -8.71
N LYS A 69 11.95 1.85 -8.00
CA LYS A 69 13.22 2.49 -8.29
C LYS A 69 14.34 1.46 -8.22
N GLU A 70 15.06 1.34 -9.34
CA GLU A 70 16.16 0.39 -9.41
C GLU A 70 17.33 0.86 -8.53
N GLY A 71 17.23 0.53 -7.26
CA GLY A 71 18.27 0.91 -6.32
C GLY A 71 17.69 1.75 -5.17
N GLY A 72 16.38 1.90 -5.20
CA GLY A 72 15.69 2.67 -4.16
C GLY A 72 15.47 1.82 -2.91
N PRO A 73 14.55 2.32 -2.04
CA PRO A 73 14.24 1.62 -0.80
C PRO A 73 13.39 0.37 -1.06
N ALA A 74 12.29 0.58 -1.77
CA ALA A 74 11.39 -0.51 -2.10
C ALA A 74 12.18 -1.64 -2.77
N PHE A 75 12.90 -1.27 -3.82
CA PHE A 75 13.70 -2.23 -4.55
C PHE A 75 14.56 -3.08 -3.60
N GLU A 76 15.30 -2.39 -2.75
CA GLU A 76 16.16 -3.06 -1.79
C GLU A 76 15.33 -3.94 -0.86
N ALA A 77 14.31 -3.34 -0.27
CA ALA A 77 13.43 -4.04 0.64
C ALA A 77 13.11 -5.43 0.05
N GLY A 78 13.14 -5.49 -1.28
CA GLY A 78 12.86 -6.73 -1.97
C GLY A 78 11.51 -6.66 -2.70
N LEU A 79 11.11 -5.43 -2.99
CA LEU A 79 9.85 -5.21 -3.68
C LEU A 79 10.07 -5.38 -5.18
N CYS A 80 9.05 -5.01 -5.95
CA CYS A 80 9.12 -5.11 -7.40
C CYS A 80 7.77 -4.66 -7.98
N THR A 81 7.57 -4.97 -9.25
CA THR A 81 6.35 -4.61 -9.93
C THR A 81 5.42 -5.82 -10.06
N GLY A 82 4.18 -5.63 -9.68
CA GLY A 82 3.19 -6.69 -9.75
C GLY A 82 2.82 -7.20 -8.35
N ASP A 83 3.80 -7.13 -7.45
CA ASP A 83 3.59 -7.57 -6.09
C ASP A 83 2.34 -6.89 -5.52
N ARG A 84 1.49 -7.69 -4.92
CA ARG A 84 0.26 -7.18 -4.33
C ARG A 84 0.46 -6.88 -2.85
N ILE A 85 0.00 -5.71 -2.43
CA ILE A 85 0.13 -5.29 -1.05
C ILE A 85 -1.00 -5.92 -0.23
N ILE A 86 -0.64 -6.39 0.95
CA ILE A 86 -1.62 -7.01 1.83
C ILE A 86 -1.77 -6.15 3.09
N LYS A 87 -0.66 -5.54 3.50
CA LYS A 87 -0.67 -4.70 4.68
C LYS A 87 0.13 -3.43 4.39
N VAL A 88 -0.08 -2.43 5.23
CA VAL A 88 0.61 -1.17 5.08
C VAL A 88 0.77 -0.50 6.45
N ASN A 89 2.03 -0.30 6.83
CA ASN A 89 2.34 0.32 8.11
C ASN A 89 1.48 -0.34 9.20
N GLY A 90 1.61 -1.66 9.30
CA GLY A 90 0.86 -2.41 10.29
C GLY A 90 -0.63 -2.07 10.23
N GLU A 91 -1.04 -1.56 9.07
CA GLU A 91 -2.43 -1.19 8.87
C GLU A 91 -3.00 -1.92 7.66
N SER A 92 -3.42 -3.16 7.91
CA SER A 92 -3.98 -3.98 6.84
C SER A 92 -4.90 -3.14 5.96
N VAL A 93 -4.70 -3.27 4.66
CA VAL A 93 -5.50 -2.52 3.70
C VAL A 93 -6.95 -2.96 3.79
N ILE A 94 -7.13 -4.23 4.13
CA ILE A 94 -8.47 -4.78 4.26
C ILE A 94 -9.34 -3.82 5.07
N GLY A 95 -10.30 -3.23 4.39
CA GLY A 95 -11.21 -2.28 5.03
C GLY A 95 -10.83 -0.84 4.69
N LYS A 96 -9.99 -0.70 3.67
CA LYS A 96 -9.53 0.60 3.25
C LYS A 96 -9.90 0.81 1.78
N THR A 97 -9.85 2.07 1.35
CA THR A 97 -10.17 2.40 -0.02
C THR A 97 -8.93 2.92 -0.74
N TYR A 98 -7.86 2.14 -0.65
CA TYR A 98 -6.61 2.50 -1.30
C TYR A 98 -6.11 3.86 -0.79
N SER A 99 -6.76 4.90 -1.28
CA SER A 99 -6.40 6.25 -0.88
C SER A 99 -6.01 6.29 0.60
N GLN A 100 -6.64 5.41 1.36
CA GLN A 100 -6.38 5.32 2.78
C GLN A 100 -4.93 4.89 3.03
N VAL A 101 -4.63 3.67 2.59
CA VAL A 101 -3.29 3.14 2.75
C VAL A 101 -2.27 4.09 2.13
N ILE A 102 -2.71 4.78 1.09
CA ILE A 102 -1.84 5.73 0.40
C ILE A 102 -1.31 6.74 1.41
N ALA A 103 -2.21 7.24 2.24
CA ALA A 103 -1.84 8.22 3.26
C ALA A 103 -0.81 7.59 4.20
N LEU A 104 -1.02 6.32 4.51
CA LEU A 104 -0.12 5.60 5.39
C LEU A 104 1.29 5.60 4.79
N ILE A 105 1.33 5.51 3.47
CA ILE A 105 2.61 5.50 2.77
C ILE A 105 3.21 6.91 2.80
N GLN A 106 2.32 7.90 2.68
CA GLN A 106 2.74 9.29 2.69
C GLN A 106 3.12 9.73 4.10
N ASN A 107 2.43 9.13 5.08
CA ASN A 107 2.67 9.45 6.47
C ASN A 107 3.69 8.46 7.05
N SER A 108 4.45 7.85 6.14
CA SER A 108 5.46 6.89 6.54
C SER A 108 6.37 7.50 7.62
N ASP A 109 6.37 8.82 7.66
CA ASP A 109 7.18 9.54 8.63
C ASP A 109 8.65 9.20 8.40
N THR A 110 9.11 8.17 9.10
CA THR A 110 10.49 7.73 8.98
C THR A 110 10.61 6.67 7.90
N THR A 111 9.93 5.55 8.12
CA THR A 111 9.96 4.45 7.18
C THR A 111 8.54 4.05 6.78
N LEU A 112 8.46 3.22 5.74
CA LEU A 112 7.17 2.76 5.26
C LEU A 112 7.18 1.23 5.19
N GLU A 113 6.44 0.63 6.11
CA GLU A 113 6.35 -0.82 6.17
C GLU A 113 5.30 -1.33 5.18
N LEU A 114 5.69 -2.31 4.40
CA LEU A 114 4.81 -2.89 3.41
C LEU A 114 4.76 -4.42 3.60
N SER A 115 3.82 -5.03 2.90
CA SER A 115 3.67 -6.48 2.99
C SER A 115 2.99 -7.00 1.72
N VAL A 116 3.61 -8.02 1.14
CA VAL A 116 3.08 -8.63 -0.08
C VAL A 116 2.86 -10.12 0.16
N MET A 117 2.60 -10.82 -0.93
CA MET A 117 2.38 -12.26 -0.87
C MET A 117 2.88 -12.95 -2.14
N PRO A 118 4.18 -13.35 -2.11
CA PRO A 118 4.77 -14.02 -3.24
C PRO A 118 4.30 -15.47 -3.34
N LYS A 119 4.43 -16.03 -4.54
CA LYS A 119 4.02 -17.40 -4.77
C LYS A 119 5.22 -18.33 -4.59
N ASP A 120 4.94 -19.55 -4.15
CA ASP A 120 5.97 -20.54 -3.94
C ASP A 120 6.75 -20.76 -5.24
N SER A 121 7.92 -21.36 -5.10
CA SER A 121 8.76 -21.64 -6.25
C SER A 121 9.39 -20.34 -6.75
N GLY A 122 10.56 -20.04 -6.20
CA GLY A 122 11.27 -18.83 -6.59
C GLY A 122 12.67 -18.80 -5.98
N PRO A 123 13.60 -19.54 -6.62
CA PRO A 123 14.97 -19.61 -6.15
C PRO A 123 15.73 -18.32 -6.48
N SER A 124 16.01 -18.14 -7.77
CA SER A 124 16.71 -16.97 -8.22
C SER A 124 16.21 -15.73 -7.48
N SER A 125 17.14 -15.03 -6.85
CA SER A 125 16.81 -13.84 -6.10
C SER A 125 16.54 -12.68 -7.06
N GLY A 126 15.28 -12.55 -7.45
CA GLY A 126 14.86 -11.50 -8.36
C GLY A 126 14.23 -10.33 -7.61
N GLY A 1 15.08 -12.15 15.10
CA GLY A 1 16.31 -12.29 14.34
C GLY A 1 16.31 -11.37 13.11
N SER A 2 17.39 -11.46 12.35
CA SER A 2 17.53 -10.65 11.15
C SER A 2 17.79 -11.55 9.93
N SER A 3 16.92 -11.44 8.96
CA SER A 3 17.04 -12.23 7.75
C SER A 3 16.96 -13.72 8.09
N GLY A 4 15.74 -14.22 8.12
CA GLY A 4 15.52 -15.63 8.42
C GLY A 4 15.30 -15.83 9.94
N SER A 5 14.06 -15.67 10.35
CA SER A 5 13.71 -15.83 11.75
C SER A 5 12.22 -16.16 11.89
N SER A 6 11.40 -15.26 11.35
CA SER A 6 9.96 -15.43 11.41
C SER A 6 9.41 -15.67 10.00
N GLY A 7 8.29 -16.39 9.95
CA GLY A 7 7.66 -16.69 8.68
C GLY A 7 6.31 -15.97 8.56
N GLY A 8 5.45 -16.54 7.73
CA GLY A 8 4.13 -15.97 7.51
C GLY A 8 4.15 -14.99 6.33
N PRO A 9 3.59 -13.78 6.59
CA PRO A 9 3.52 -12.75 5.56
C PRO A 9 4.90 -12.10 5.37
N LYS A 10 5.11 -11.62 4.15
CA LYS A 10 6.37 -10.98 3.81
C LYS A 10 6.23 -9.47 4.00
N THR A 11 7.11 -8.91 4.82
CA THR A 11 7.10 -7.49 5.09
C THR A 11 8.33 -6.83 4.48
N VAL A 12 8.15 -5.57 4.08
CA VAL A 12 9.24 -4.82 3.48
C VAL A 12 9.26 -3.40 4.09
N THR A 13 10.47 -2.97 4.43
CA THR A 13 10.64 -1.64 5.02
C THR A 13 11.28 -0.70 4.01
N LEU A 14 10.74 0.50 3.94
CA LEU A 14 11.26 1.51 3.03
C LEU A 14 11.70 2.73 3.82
N LYS A 15 12.87 3.25 3.46
CA LYS A 15 13.42 4.41 4.13
C LYS A 15 13.29 5.63 3.21
N ARG A 16 12.58 6.63 3.70
CA ARG A 16 12.35 7.85 2.94
C ARG A 16 13.69 8.36 2.37
N THR A 17 13.80 8.30 1.05
CA THR A 17 15.00 8.74 0.37
C THR A 17 14.97 10.25 0.17
N SER A 18 14.45 10.66 -0.98
CA SER A 18 14.37 12.07 -1.31
C SER A 18 13.05 12.35 -2.03
N GLN A 19 12.94 11.81 -3.24
CA GLN A 19 11.75 12.00 -4.04
C GLN A 19 10.54 11.36 -3.36
N GLY A 20 10.66 10.08 -3.06
CA GLY A 20 9.59 9.34 -2.41
C GLY A 20 9.72 7.85 -2.65
N PHE A 21 10.66 7.24 -1.95
CA PHE A 21 10.89 5.81 -2.08
C PHE A 21 11.26 5.44 -3.52
N GLY A 22 11.22 4.15 -3.81
CA GLY A 22 11.54 3.66 -5.14
C GLY A 22 10.50 2.65 -5.62
N PHE A 23 9.27 3.13 -5.75
CA PHE A 23 8.18 2.27 -6.20
C PHE A 23 6.88 3.06 -6.30
N THR A 24 5.95 2.51 -7.06
CA THR A 24 4.65 3.14 -7.25
C THR A 24 3.54 2.10 -7.25
N LEU A 25 2.32 2.58 -7.02
CA LEU A 25 1.17 1.70 -6.99
C LEU A 25 0.29 1.97 -8.22
N ARG A 26 -0.77 1.19 -8.33
CA ARG A 26 -1.69 1.33 -9.45
C ARG A 26 -2.92 0.44 -9.25
N HIS A 27 -3.86 0.57 -10.17
CA HIS A 27 -5.08 -0.21 -10.10
C HIS A 27 -5.91 0.24 -8.89
N PHE A 28 -6.97 0.98 -9.19
CA PHE A 28 -7.85 1.48 -8.13
C PHE A 28 -9.23 1.83 -8.70
N ILE A 29 -10.26 1.25 -8.09
CA ILE A 29 -11.62 1.51 -8.52
C ILE A 29 -12.37 2.26 -7.41
N VAL A 30 -12.65 3.51 -7.70
CA VAL A 30 -13.36 4.35 -6.74
C VAL A 30 -14.70 4.79 -7.34
N TYR A 31 -15.48 5.47 -6.52
CA TYR A 31 -16.78 5.95 -6.96
C TYR A 31 -17.19 7.21 -6.19
N PRO A 32 -16.36 8.28 -6.35
CA PRO A 32 -16.63 9.53 -5.67
C PRO A 32 -17.79 10.28 -6.35
N PRO A 33 -18.20 11.41 -5.69
CA PRO A 33 -19.29 12.21 -6.21
C PRO A 33 -18.82 13.04 -7.42
N GLU A 34 -19.74 13.20 -8.36
CA GLU A 34 -19.45 13.96 -9.57
C GLU A 34 -19.57 15.47 -9.28
N SER A 35 -18.85 16.24 -10.09
CA SER A 35 -18.87 17.69 -9.94
C SER A 35 -18.81 18.06 -8.46
N ALA A 36 -18.08 17.25 -7.71
CA ALA A 36 -17.93 17.48 -6.28
C ALA A 36 -16.78 18.47 -6.05
N ILE A 37 -17.15 19.64 -5.52
CA ILE A 37 -16.18 20.68 -5.25
C ILE A 37 -15.38 20.31 -4.00
N GLN A 38 -14.32 19.53 -4.22
CA GLN A 38 -13.48 19.09 -3.13
C GLN A 38 -12.26 20.01 -3.00
N PHE A 39 -11.97 20.39 -1.77
CA PHE A 39 -10.85 21.27 -1.49
C PHE A 39 -9.54 20.48 -1.46
N SER A 40 -8.87 20.45 -2.61
CA SER A 40 -7.61 19.73 -2.72
C SER A 40 -6.74 20.37 -3.80
N TYR A 41 -5.69 21.05 -3.36
CA TYR A 41 -4.79 21.71 -4.28
C TYR A 41 -3.60 20.81 -4.62
N LYS A 42 -3.92 19.57 -4.96
CA LYS A 42 -2.88 18.61 -5.31
C LYS A 42 -1.87 18.51 -4.15
N ASP A 43 -2.40 18.30 -2.97
CA ASP A 43 -1.57 18.19 -1.78
C ASP A 43 -2.43 17.79 -0.59
N GLU A 44 -2.27 16.55 -0.17
CA GLU A 44 -3.02 16.03 0.97
C GLU A 44 -2.32 16.39 2.28
N GLU A 45 -3.12 16.49 3.33
CA GLU A 45 -2.60 16.82 4.64
C GLU A 45 -3.29 15.98 5.73
N ASN A 46 -4.60 16.13 5.79
CA ASN A 46 -5.39 15.41 6.77
C ASN A 46 -6.86 15.79 6.61
N GLY A 47 -7.73 14.90 7.08
CA GLY A 47 -9.16 15.14 7.01
C GLY A 47 -9.86 14.70 8.30
N ASN A 48 -10.90 15.43 8.64
CA ASN A 48 -11.66 15.13 9.84
C ASN A 48 -12.83 14.19 9.49
N ARG A 49 -13.21 13.39 10.47
CA ARG A 49 -14.29 12.44 10.28
C ARG A 49 -15.46 12.78 11.21
N GLY A 50 -16.66 12.54 10.72
CA GLY A 50 -17.87 12.80 11.48
C GLY A 50 -18.48 11.50 12.03
N GLY A 51 -19.80 11.50 12.08
CA GLY A 51 -20.52 10.33 12.56
C GLY A 51 -20.88 9.39 11.41
N LYS A 52 -21.75 9.89 10.54
CA LYS A 52 -22.18 9.11 9.39
C LYS A 52 -20.96 8.55 8.66
N GLN A 53 -20.99 7.25 8.43
CA GLN A 53 -19.90 6.58 7.74
C GLN A 53 -20.39 5.96 6.43
N ARG A 54 -19.45 5.75 5.53
CA ARG A 54 -19.76 5.17 4.23
C ARG A 54 -20.82 4.08 4.39
N ASN A 55 -21.56 3.86 3.31
CA ASN A 55 -22.60 2.85 3.31
C ASN A 55 -23.09 2.63 1.88
N ARG A 56 -22.47 1.68 1.20
CA ARG A 56 -22.83 1.36 -0.17
C ARG A 56 -22.02 0.17 -0.67
N LEU A 57 -22.41 -0.32 -1.85
CA LEU A 57 -21.73 -1.46 -2.45
C LEU A 57 -20.52 -0.97 -3.24
N GLU A 58 -19.40 -0.86 -2.54
CA GLU A 58 -18.16 -0.40 -3.17
C GLU A 58 -17.29 -1.61 -3.54
N PRO A 59 -16.39 -1.37 -4.53
CA PRO A 59 -15.49 -2.41 -5.00
C PRO A 59 -14.37 -2.66 -4.00
N MET A 60 -13.30 -3.27 -4.48
CA MET A 60 -12.15 -3.57 -3.64
C MET A 60 -10.88 -2.94 -4.20
N ASP A 61 -9.77 -3.23 -3.53
CA ASP A 61 -8.49 -2.70 -3.96
C ASP A 61 -7.38 -3.40 -3.18
N THR A 62 -6.67 -4.28 -3.87
CA THR A 62 -5.58 -5.02 -3.27
C THR A 62 -4.26 -4.29 -3.49
N ILE A 63 -4.32 -3.24 -4.29
CA ILE A 63 -3.13 -2.45 -4.58
C ILE A 63 -2.08 -3.34 -5.25
N PHE A 64 -1.25 -2.71 -6.05
CA PHE A 64 -0.19 -3.43 -6.75
C PHE A 64 0.88 -2.47 -7.26
N VAL A 65 2.12 -2.96 -7.25
CA VAL A 65 3.24 -2.16 -7.70
C VAL A 65 3.20 -2.07 -9.23
N LYS A 66 3.56 -0.88 -9.73
CA LYS A 66 3.58 -0.65 -11.16
C LYS A 66 5.01 -0.54 -11.64
N GLN A 67 5.87 -0.05 -10.76
CA GLN A 67 7.28 0.10 -11.08
C GLN A 67 8.12 0.09 -9.79
N VAL A 68 9.42 0.22 -9.98
CA VAL A 68 10.34 0.23 -8.85
C VAL A 68 11.67 0.87 -9.28
N LYS A 69 12.09 1.85 -8.50
CA LYS A 69 13.33 2.55 -8.79
C LYS A 69 14.51 1.62 -8.54
N GLU A 70 15.21 1.27 -9.61
CA GLU A 70 16.34 0.39 -9.52
C GLU A 70 17.47 1.06 -8.72
N GLY A 71 17.54 0.70 -7.45
CA GLY A 71 18.56 1.25 -6.56
C GLY A 71 17.92 2.11 -5.48
N GLY A 72 16.67 1.81 -5.18
CA GLY A 72 15.93 2.56 -4.16
C GLY A 72 15.66 1.68 -2.95
N PRO A 73 14.65 2.12 -2.14
CA PRO A 73 14.28 1.39 -0.94
C PRO A 73 13.49 0.13 -1.29
N ALA A 74 12.31 0.34 -1.85
CA ALA A 74 11.45 -0.77 -2.24
C ALA A 74 12.30 -1.86 -2.90
N PHE A 75 13.18 -1.42 -3.78
CA PHE A 75 14.05 -2.33 -4.49
C PHE A 75 14.86 -3.20 -3.51
N GLU A 76 15.57 -2.51 -2.63
CA GLU A 76 16.39 -3.19 -1.64
C GLU A 76 15.50 -4.01 -0.70
N ALA A 77 14.43 -3.37 -0.24
CA ALA A 77 13.50 -4.03 0.66
C ALA A 77 13.15 -5.41 0.10
N GLY A 78 13.28 -5.54 -1.20
CA GLY A 78 12.98 -6.80 -1.88
C GLY A 78 11.66 -6.69 -2.65
N LEU A 79 11.17 -5.47 -2.76
CA LEU A 79 9.92 -5.22 -3.47
C LEU A 79 10.19 -5.30 -4.98
N CYS A 80 9.10 -5.29 -5.74
CA CYS A 80 9.19 -5.36 -7.19
C CYS A 80 7.84 -4.96 -7.78
N THR A 81 7.62 -5.37 -9.01
CA THR A 81 6.38 -5.06 -9.70
C THR A 81 5.47 -6.29 -9.73
N GLY A 82 4.17 -6.02 -9.79
CA GLY A 82 3.19 -7.10 -9.83
C GLY A 82 2.82 -7.55 -8.42
N ASP A 83 3.72 -7.28 -7.49
CA ASP A 83 3.51 -7.66 -6.10
C ASP A 83 2.27 -6.92 -5.56
N ARG A 84 1.44 -7.67 -4.85
CA ARG A 84 0.23 -7.11 -4.27
C ARG A 84 0.48 -6.68 -2.82
N ILE A 85 -0.23 -5.64 -2.42
CA ILE A 85 -0.11 -5.12 -1.07
C ILE A 85 -1.17 -5.75 -0.18
N ILE A 86 -0.71 -6.32 0.93
CA ILE A 86 -1.62 -6.96 1.88
C ILE A 86 -1.68 -6.13 3.16
N LYS A 87 -0.52 -5.60 3.55
CA LYS A 87 -0.43 -4.80 4.75
C LYS A 87 0.62 -3.71 4.54
N VAL A 88 0.58 -2.71 5.42
CA VAL A 88 1.52 -1.61 5.35
C VAL A 88 2.48 -1.69 6.53
N ASN A 89 2.41 -0.69 7.39
CA ASN A 89 3.27 -0.63 8.56
C ASN A 89 2.45 -0.99 9.80
N GLY A 90 1.80 -2.14 9.73
CA GLY A 90 0.98 -2.60 10.84
C GLY A 90 -0.44 -2.04 10.76
N GLU A 91 -0.91 -1.90 9.53
CA GLU A 91 -2.25 -1.38 9.29
C GLU A 91 -2.97 -2.21 8.24
N SER A 92 -3.93 -2.99 8.72
CA SER A 92 -4.71 -3.85 7.83
C SER A 92 -5.41 -3.00 6.76
N VAL A 93 -5.06 -3.28 5.51
CA VAL A 93 -5.65 -2.55 4.39
C VAL A 93 -6.99 -3.18 4.04
N ILE A 94 -7.84 -3.32 5.05
CA ILE A 94 -9.15 -3.90 4.85
C ILE A 94 -10.20 -2.79 4.83
N GLY A 95 -10.90 -2.70 3.71
CA GLY A 95 -11.93 -1.68 3.54
C GLY A 95 -11.31 -0.31 3.25
N LYS A 96 -10.49 -0.28 2.21
CA LYS A 96 -9.82 0.94 1.81
C LYS A 96 -10.05 1.18 0.32
N THR A 97 -9.74 2.39 -0.12
CA THR A 97 -9.90 2.75 -1.52
C THR A 97 -8.66 3.49 -2.02
N TYR A 98 -7.51 2.91 -1.75
CA TYR A 98 -6.24 3.50 -2.17
C TYR A 98 -5.97 4.80 -1.40
N SER A 99 -6.86 5.76 -1.59
CA SER A 99 -6.73 7.04 -0.92
C SER A 99 -6.44 6.83 0.57
N GLN A 100 -6.96 5.74 1.09
CA GLN A 100 -6.75 5.42 2.49
C GLN A 100 -5.34 4.88 2.72
N VAL A 101 -5.07 3.73 2.12
CA VAL A 101 -3.76 3.11 2.24
C VAL A 101 -2.68 4.13 1.86
N ILE A 102 -2.97 4.89 0.81
CA ILE A 102 -2.04 5.90 0.35
C ILE A 102 -1.52 6.71 1.53
N ALA A 103 -2.46 7.17 2.35
CA ALA A 103 -2.11 7.95 3.52
C ALA A 103 -1.12 7.16 4.38
N LEU A 104 -1.42 5.88 4.54
CA LEU A 104 -0.57 5.01 5.34
C LEU A 104 0.86 5.10 4.83
N ILE A 105 1.00 5.23 3.52
CA ILE A 105 2.31 5.34 2.91
C ILE A 105 2.88 6.73 3.18
N GLN A 106 1.99 7.70 3.23
CA GLN A 106 2.40 9.08 3.48
C GLN A 106 2.62 9.30 4.98
N ASN A 107 2.08 8.38 5.77
CA ASN A 107 2.21 8.46 7.21
C ASN A 107 3.59 7.97 7.63
N SER A 108 4.25 7.30 6.70
CA SER A 108 5.58 6.77 6.95
C SER A 108 6.47 7.85 7.56
N ASP A 109 6.60 8.95 6.83
CA ASP A 109 7.42 10.06 7.30
C ASP A 109 8.90 9.67 7.24
N THR A 110 9.26 8.76 8.13
CA THR A 110 10.64 8.29 8.19
C THR A 110 10.81 7.01 7.36
N THR A 111 10.10 5.97 7.78
CA THR A 111 10.15 4.69 7.09
C THR A 111 8.76 4.22 6.71
N LEU A 112 8.67 3.51 5.61
CA LEU A 112 7.40 2.99 5.13
C LEU A 112 7.49 1.47 4.99
N GLU A 113 6.67 0.79 5.77
CA GLU A 113 6.64 -0.66 5.74
C GLU A 113 5.48 -1.16 4.89
N LEU A 114 5.72 -2.26 4.19
CA LEU A 114 4.70 -2.84 3.32
C LEU A 114 4.73 -4.36 3.48
N SER A 115 3.67 -4.99 2.99
CA SER A 115 3.56 -6.44 3.06
C SER A 115 2.92 -6.97 1.78
N VAL A 116 3.61 -7.91 1.17
CA VAL A 116 3.12 -8.53 -0.06
C VAL A 116 2.98 -10.03 0.14
N MET A 117 2.80 -10.74 -0.97
CA MET A 117 2.64 -12.18 -0.92
C MET A 117 3.23 -12.83 -2.18
N PRO A 118 4.54 -13.17 -2.09
CA PRO A 118 5.23 -13.80 -3.21
C PRO A 118 4.83 -15.26 -3.35
N LYS A 119 4.87 -15.73 -4.59
CA LYS A 119 4.51 -17.12 -4.87
C LYS A 119 5.78 -17.91 -5.21
N ASP A 120 5.69 -19.21 -5.00
CA ASP A 120 6.81 -20.09 -5.28
C ASP A 120 6.51 -20.93 -6.52
N SER A 121 5.30 -21.46 -6.55
CA SER A 121 4.86 -22.29 -7.67
C SER A 121 5.70 -23.56 -7.73
N GLY A 122 6.90 -23.42 -8.25
CA GLY A 122 7.81 -24.55 -8.37
C GLY A 122 8.99 -24.42 -7.40
N PRO A 123 10.03 -25.26 -7.64
CA PRO A 123 11.21 -25.25 -6.80
C PRO A 123 12.09 -24.04 -7.12
N SER A 124 11.50 -22.86 -6.93
CA SER A 124 12.21 -21.62 -7.20
C SER A 124 11.75 -20.54 -6.22
N SER A 125 12.45 -20.47 -5.09
CA SER A 125 12.11 -19.48 -4.07
C SER A 125 12.45 -18.07 -4.58
N GLY A 126 11.81 -17.10 -3.95
CA GLY A 126 12.03 -15.71 -4.32
C GLY A 126 10.90 -14.81 -3.81
N GLY A 1 -7.26 -17.37 20.89
CA GLY A 1 -5.89 -17.73 20.55
C GLY A 1 -5.69 -17.75 19.03
N SER A 2 -4.54 -17.27 18.62
CA SER A 2 -4.20 -17.23 17.21
C SER A 2 -2.77 -16.73 17.02
N SER A 3 -2.20 -17.08 15.86
CA SER A 3 -0.85 -16.69 15.54
C SER A 3 -0.61 -16.78 14.04
N GLY A 4 -0.88 -15.68 13.35
CA GLY A 4 -0.71 -15.62 11.92
C GLY A 4 -1.80 -16.43 11.20
N SER A 5 -1.82 -16.29 9.88
CA SER A 5 -2.79 -17.00 9.07
C SER A 5 -2.33 -17.05 7.62
N SER A 6 -1.97 -15.89 7.10
CA SER A 6 -1.50 -15.78 5.72
C SER A 6 -0.43 -16.84 5.46
N GLY A 7 -0.34 -17.23 4.20
CA GLY A 7 0.64 -18.24 3.80
C GLY A 7 2.06 -17.66 3.83
N GLY A 8 2.45 -17.21 5.00
CA GLY A 8 3.78 -16.63 5.18
C GLY A 8 3.84 -15.21 4.62
N PRO A 9 3.48 -14.23 5.49
CA PRO A 9 3.49 -12.84 5.10
C PRO A 9 4.92 -12.30 5.01
N LYS A 10 5.20 -11.59 3.94
CA LYS A 10 6.51 -11.01 3.73
C LYS A 10 6.46 -9.51 4.03
N THR A 11 7.25 -9.11 5.02
CA THR A 11 7.31 -7.71 5.42
C THR A 11 8.49 -7.01 4.73
N VAL A 12 8.21 -5.83 4.21
CA VAL A 12 9.24 -5.06 3.54
C VAL A 12 9.25 -3.63 4.10
N THR A 13 10.42 -3.22 4.57
CA THR A 13 10.57 -1.90 5.14
C THR A 13 11.14 -0.94 4.09
N LEU A 14 10.75 0.32 4.22
CA LEU A 14 11.20 1.35 3.29
C LEU A 14 11.64 2.59 4.09
N LYS A 15 12.50 3.37 3.46
CA LYS A 15 13.00 4.58 4.09
C LYS A 15 12.67 5.78 3.22
N ARG A 16 11.92 6.72 3.79
CA ARG A 16 11.52 7.92 3.07
C ARG A 16 12.68 8.42 2.21
N THR A 17 12.47 8.31 0.90
CA THR A 17 13.48 8.75 -0.04
C THR A 17 13.27 10.22 -0.42
N SER A 18 14.19 10.75 -1.20
CA SER A 18 14.11 12.12 -1.64
C SER A 18 12.68 12.47 -2.04
N GLN A 19 12.17 11.71 -3.00
CA GLN A 19 10.82 11.92 -3.49
C GLN A 19 10.08 10.59 -3.57
N GLY A 20 8.89 10.58 -2.97
CA GLY A 20 8.08 9.37 -2.98
C GLY A 20 8.74 8.24 -2.20
N PHE A 21 8.58 7.03 -2.71
CA PHE A 21 9.17 5.86 -2.07
C PHE A 21 9.67 4.87 -3.12
N GLY A 22 9.91 5.38 -4.32
CA GLY A 22 10.38 4.55 -5.41
C GLY A 22 9.23 3.80 -6.07
N PHE A 23 8.84 2.70 -5.44
CA PHE A 23 7.75 1.88 -5.96
C PHE A 23 6.46 2.69 -6.05
N THR A 24 5.47 2.10 -6.71
CA THR A 24 4.18 2.75 -6.87
C THR A 24 3.09 1.71 -7.15
N LEU A 25 1.85 2.17 -7.12
CA LEU A 25 0.71 1.31 -7.36
C LEU A 25 -0.09 1.84 -8.55
N ARG A 26 -0.85 0.94 -9.15
CA ARG A 26 -1.67 1.32 -10.30
C ARG A 26 -2.94 0.46 -10.34
N HIS A 27 -4.00 1.05 -10.87
CA HIS A 27 -5.27 0.35 -10.98
C HIS A 27 -6.30 1.27 -11.62
N PHE A 28 -6.99 0.74 -12.63
CA PHE A 28 -8.00 1.51 -13.34
C PHE A 28 -9.28 1.62 -12.49
N ILE A 29 -10.30 2.19 -13.12
CA ILE A 29 -11.57 2.38 -12.43
C ILE A 29 -11.49 3.59 -11.51
N VAL A 30 -11.72 4.75 -12.09
CA VAL A 30 -11.68 5.99 -11.33
C VAL A 30 -12.95 6.11 -10.48
N TYR A 31 -12.75 6.19 -9.17
CA TYR A 31 -13.87 6.31 -8.25
C TYR A 31 -14.32 7.76 -8.13
N PRO A 32 -13.33 8.68 -8.08
CA PRO A 32 -13.61 10.09 -7.97
C PRO A 32 -14.12 10.66 -9.30
N PRO A 33 -14.89 11.78 -9.18
CA PRO A 33 -15.46 12.43 -10.36
C PRO A 33 -14.38 13.21 -11.11
N GLU A 34 -14.84 14.10 -11.97
CA GLU A 34 -13.93 14.92 -12.75
C GLU A 34 -14.32 16.40 -12.64
N SER A 35 -13.29 17.23 -12.53
CA SER A 35 -13.51 18.67 -12.42
C SER A 35 -14.31 18.97 -11.16
N ALA A 36 -14.18 18.09 -10.17
CA ALA A 36 -14.89 18.25 -8.92
C ALA A 36 -13.88 18.59 -7.81
N ILE A 37 -13.14 17.58 -7.40
CA ILE A 37 -12.14 17.74 -6.35
C ILE A 37 -11.02 18.65 -6.88
N GLN A 38 -11.14 19.93 -6.55
CA GLN A 38 -10.15 20.90 -6.98
C GLN A 38 -9.07 21.07 -5.91
N PHE A 39 -9.40 20.61 -4.71
CA PHE A 39 -8.48 20.70 -3.59
C PHE A 39 -7.57 19.47 -3.52
N SER A 40 -6.34 19.65 -3.99
CA SER A 40 -5.37 18.57 -3.99
C SER A 40 -4.07 19.05 -4.63
N TYR A 41 -3.13 19.43 -3.77
CA TYR A 41 -1.84 19.90 -4.24
C TYR A 41 -0.84 20.00 -3.08
N LYS A 42 -1.19 20.81 -2.10
CA LYS A 42 -0.35 21.01 -0.94
C LYS A 42 -1.18 21.58 0.21
N ASP A 43 -1.29 20.79 1.27
CA ASP A 43 -2.05 21.21 2.44
C ASP A 43 -1.13 21.26 3.66
N GLU A 44 -0.95 22.47 4.16
CA GLU A 44 -0.09 22.67 5.32
C GLU A 44 -0.34 21.58 6.36
N GLU A 45 0.75 21.18 7.02
CA GLU A 45 0.66 20.14 8.03
C GLU A 45 -0.27 20.58 9.16
N ASN A 46 -1.42 19.94 9.22
CA ASN A 46 -2.41 20.24 10.24
C ASN A 46 -2.99 18.94 10.79
N GLY A 47 -3.70 19.07 11.90
CA GLY A 47 -4.32 17.92 12.54
C GLY A 47 -5.19 17.15 11.55
N ASN A 48 -5.63 15.98 11.99
CA ASN A 48 -6.46 15.13 11.15
C ASN A 48 -7.50 14.42 12.03
N ARG A 49 -8.51 13.87 11.37
CA ARG A 49 -9.57 13.16 12.07
C ARG A 49 -10.59 12.61 11.08
N GLY A 50 -11.28 11.56 11.50
CA GLY A 50 -12.28 10.93 10.67
C GLY A 50 -13.43 10.37 11.51
N GLY A 51 -14.19 9.48 10.90
CA GLY A 51 -15.32 8.86 11.58
C GLY A 51 -16.65 9.33 10.96
N LYS A 52 -17.34 8.38 10.36
CA LYS A 52 -18.62 8.67 9.73
C LYS A 52 -19.23 7.37 9.21
N GLN A 53 -20.50 7.18 9.51
CA GLN A 53 -21.22 6.00 9.08
C GLN A 53 -21.47 6.05 7.58
N ARG A 54 -21.60 4.87 6.98
CA ARG A 54 -21.85 4.77 5.55
C ARG A 54 -22.00 3.31 5.14
N ASN A 55 -21.01 2.52 5.54
CA ASN A 55 -21.01 1.10 5.22
C ASN A 55 -21.10 0.94 3.70
N ARG A 56 -19.95 0.71 3.09
CA ARG A 56 -19.88 0.52 1.65
C ARG A 56 -18.49 0.04 1.23
N LEU A 57 -18.42 -0.52 0.04
CA LEU A 57 -17.16 -1.02 -0.48
C LEU A 57 -16.80 -0.25 -1.76
N GLU A 58 -15.60 -0.53 -2.26
CA GLU A 58 -15.13 0.13 -3.46
C GLU A 58 -14.90 -0.90 -4.57
N PRO A 59 -14.75 -0.39 -5.82
CA PRO A 59 -14.53 -1.25 -6.97
C PRO A 59 -13.09 -1.79 -6.98
N MET A 60 -12.24 -1.11 -6.22
CA MET A 60 -10.84 -1.51 -6.14
C MET A 60 -10.72 -2.96 -5.67
N ASP A 61 -10.02 -3.75 -6.48
CA ASP A 61 -9.81 -5.15 -6.17
C ASP A 61 -8.67 -5.29 -5.17
N THR A 62 -7.45 -5.17 -5.70
CA THR A 62 -6.26 -5.27 -4.87
C THR A 62 -5.15 -4.37 -5.42
N ILE A 63 -4.18 -4.11 -4.56
CA ILE A 63 -3.06 -3.26 -4.94
C ILE A 63 -1.96 -4.13 -5.54
N PHE A 64 -1.41 -3.65 -6.65
CA PHE A 64 -0.35 -4.37 -7.33
C PHE A 64 0.75 -3.40 -7.79
N VAL A 65 1.97 -3.71 -7.34
CA VAL A 65 3.12 -2.89 -7.69
C VAL A 65 3.13 -2.66 -9.20
N LYS A 66 3.54 -1.46 -9.58
CA LYS A 66 3.62 -1.10 -10.98
C LYS A 66 5.08 -1.03 -11.42
N GLN A 67 5.86 -0.32 -10.61
CA GLN A 67 7.27 -0.16 -10.89
C GLN A 67 8.08 -0.16 -9.60
N VAL A 68 9.38 -0.40 -9.74
CA VAL A 68 10.27 -0.43 -8.59
C VAL A 68 11.54 0.35 -8.91
N LYS A 69 11.72 1.45 -8.18
CA LYS A 69 12.89 2.28 -8.39
C LYS A 69 14.15 1.41 -8.38
N GLU A 70 14.71 1.23 -9.56
CA GLU A 70 15.91 0.42 -9.69
C GLU A 70 17.07 1.06 -8.92
N GLY A 71 17.14 0.73 -7.64
CA GLY A 71 18.19 1.26 -6.78
C GLY A 71 17.60 2.11 -5.66
N GLY A 72 16.29 2.00 -5.51
CA GLY A 72 15.60 2.75 -4.48
C GLY A 72 15.40 1.91 -3.21
N PRO A 73 14.38 2.30 -2.40
CA PRO A 73 14.10 1.59 -1.17
C PRO A 73 13.41 0.25 -1.45
N ALA A 74 12.19 0.35 -1.99
CA ALA A 74 11.43 -0.84 -2.30
C ALA A 74 12.33 -1.86 -2.98
N PHE A 75 13.04 -1.40 -4.01
CA PHE A 75 13.94 -2.27 -4.74
C PHE A 75 14.83 -3.06 -3.79
N GLU A 76 15.42 -2.36 -2.85
CA GLU A 76 16.30 -2.98 -1.87
C GLU A 76 15.49 -3.83 -0.89
N ALA A 77 14.47 -3.21 -0.33
CA ALA A 77 13.60 -3.90 0.61
C ALA A 77 13.29 -5.30 0.10
N GLY A 78 13.31 -5.43 -1.23
CA GLY A 78 13.04 -6.71 -1.87
C GLY A 78 11.75 -6.65 -2.67
N LEU A 79 11.25 -5.43 -2.86
CA LEU A 79 10.02 -5.22 -3.60
C LEU A 79 10.30 -5.42 -5.09
N CYS A 80 9.24 -5.68 -5.83
CA CYS A 80 9.35 -5.90 -7.27
C CYS A 80 8.00 -5.60 -7.90
N THR A 81 7.81 -6.12 -9.11
CA THR A 81 6.57 -5.92 -9.83
C THR A 81 5.71 -7.17 -9.78
N GLY A 82 4.42 -6.96 -9.58
CA GLY A 82 3.47 -8.07 -9.50
C GLY A 82 3.08 -8.35 -8.05
N ASP A 83 3.92 -7.89 -7.14
CA ASP A 83 3.67 -8.09 -5.72
C ASP A 83 2.53 -7.18 -5.28
N ARG A 84 1.52 -7.79 -4.67
CA ARG A 84 0.37 -7.05 -4.19
C ARG A 84 0.54 -6.68 -2.72
N ILE A 85 -0.05 -5.55 -2.35
CA ILE A 85 0.03 -5.08 -0.98
C ILE A 85 -1.10 -5.70 -0.15
N ILE A 86 -0.74 -6.18 1.02
CA ILE A 86 -1.71 -6.80 1.90
C ILE A 86 -1.81 -5.98 3.20
N LYS A 87 -0.66 -5.50 3.64
CA LYS A 87 -0.61 -4.70 4.86
C LYS A 87 0.25 -3.45 4.60
N VAL A 88 0.05 -2.46 5.46
CA VAL A 88 0.80 -1.21 5.34
C VAL A 88 1.05 -0.64 6.73
N ASN A 89 2.32 -0.68 7.13
CA ASN A 89 2.69 -0.17 8.44
C ASN A 89 1.99 -0.97 9.53
N GLY A 90 1.49 -2.14 9.12
CA GLY A 90 0.79 -3.01 10.05
C GLY A 90 -0.73 -2.90 9.88
N GLU A 91 -1.12 -1.91 9.07
CA GLU A 91 -2.53 -1.69 8.81
C GLU A 91 -3.01 -2.58 7.66
N SER A 92 -4.01 -3.40 7.96
CA SER A 92 -4.56 -4.31 6.97
C SER A 92 -5.41 -3.53 5.97
N VAL A 93 -4.92 -3.46 4.74
CA VAL A 93 -5.63 -2.76 3.68
C VAL A 93 -7.07 -3.24 3.62
N ILE A 94 -7.28 -4.45 4.13
CA ILE A 94 -8.61 -5.04 4.15
C ILE A 94 -9.61 -4.02 4.71
N GLY A 95 -10.55 -3.64 3.84
CA GLY A 95 -11.57 -2.69 4.23
C GLY A 95 -11.15 -1.25 3.86
N LYS A 96 -9.86 -0.98 4.06
CA LYS A 96 -9.33 0.32 3.75
C LYS A 96 -9.36 0.54 2.23
N THR A 97 -9.24 1.81 1.84
CA THR A 97 -9.27 2.16 0.44
C THR A 97 -7.91 2.72 0.01
N TYR A 98 -7.67 2.71 -1.30
CA TYR A 98 -6.42 3.21 -1.84
C TYR A 98 -5.96 4.45 -1.08
N SER A 99 -6.77 5.49 -1.16
CA SER A 99 -6.46 6.75 -0.49
C SER A 99 -5.87 6.46 0.89
N GLN A 100 -6.63 5.71 1.68
CA GLN A 100 -6.20 5.35 3.02
C GLN A 100 -4.78 4.77 2.99
N VAL A 101 -4.67 3.58 2.45
CA VAL A 101 -3.39 2.90 2.35
C VAL A 101 -2.35 3.88 1.81
N ILE A 102 -2.79 4.69 0.84
CA ILE A 102 -1.92 5.67 0.24
C ILE A 102 -1.40 6.63 1.31
N ALA A 103 -2.33 7.22 2.03
CA ALA A 103 -1.99 8.16 3.09
C ALA A 103 -1.00 7.49 4.05
N LEU A 104 -1.30 6.25 4.39
CA LEU A 104 -0.46 5.49 5.29
C LEU A 104 0.99 5.56 4.80
N ILE A 105 1.14 5.61 3.49
CA ILE A 105 2.46 5.68 2.89
C ILE A 105 2.99 7.11 2.99
N GLN A 106 2.13 8.05 2.64
CA GLN A 106 2.49 9.46 2.67
C GLN A 106 2.86 9.86 4.10
N ASN A 107 2.16 9.24 5.06
CA ASN A 107 2.41 9.54 6.46
C ASN A 107 3.17 8.37 7.10
N SER A 108 3.83 7.61 6.24
CA SER A 108 4.60 6.46 6.70
C SER A 108 5.64 6.91 7.73
N ASP A 109 5.94 8.21 7.69
CA ASP A 109 6.92 8.78 8.60
C ASP A 109 8.32 8.51 8.07
N THR A 110 9.27 8.44 8.99
CA THR A 110 10.65 8.20 8.63
C THR A 110 10.75 7.04 7.63
N THR A 111 10.28 5.88 8.07
CA THR A 111 10.31 4.70 7.23
C THR A 111 8.90 4.35 6.76
N LEU A 112 8.80 3.23 6.05
CA LEU A 112 7.52 2.77 5.54
C LEU A 112 7.53 1.25 5.42
N GLU A 113 6.76 0.61 6.27
CA GLU A 113 6.67 -0.85 6.26
C GLU A 113 5.50 -1.31 5.39
N LEU A 114 5.77 -2.32 4.58
CA LEU A 114 4.75 -2.87 3.69
C LEU A 114 4.65 -4.37 3.91
N SER A 115 3.85 -5.01 3.06
CA SER A 115 3.65 -6.44 3.15
C SER A 115 2.97 -6.96 1.88
N VAL A 116 3.54 -8.02 1.33
CA VAL A 116 2.99 -8.61 0.11
C VAL A 116 2.79 -10.11 0.34
N MET A 117 2.60 -10.82 -0.77
CA MET A 117 2.38 -12.25 -0.70
C MET A 117 3.09 -12.96 -1.85
N PRO A 118 4.38 -13.32 -1.61
CA PRO A 118 5.17 -13.99 -2.62
C PRO A 118 4.76 -15.46 -2.75
N LYS A 119 5.45 -16.17 -3.62
CA LYS A 119 5.17 -17.57 -3.85
C LYS A 119 6.48 -18.36 -3.80
N ASP A 120 6.35 -19.65 -3.50
CA ASP A 120 7.51 -20.52 -3.42
C ASP A 120 8.06 -20.77 -4.83
N SER A 121 7.18 -21.27 -5.68
CA SER A 121 7.56 -21.55 -7.06
C SER A 121 6.70 -20.74 -8.02
N GLY A 122 7.36 -19.82 -8.72
CA GLY A 122 6.66 -18.97 -9.67
C GLY A 122 7.67 -18.16 -10.50
N PRO A 123 8.11 -18.78 -11.62
CA PRO A 123 9.06 -18.13 -12.51
C PRO A 123 8.38 -17.05 -13.35
N SER A 124 7.59 -17.49 -14.31
CA SER A 124 6.88 -16.57 -15.18
C SER A 124 7.87 -15.72 -15.97
N SER A 125 8.52 -16.37 -16.93
CA SER A 125 9.50 -15.69 -17.76
C SER A 125 9.23 -15.99 -19.24
N GLY A 126 9.86 -15.21 -20.10
CA GLY A 126 9.71 -15.39 -21.54
C GLY A 126 10.66 -14.47 -22.31
N GLY A 1 14.58 -8.36 13.63
CA GLY A 1 14.97 -9.23 12.53
C GLY A 1 13.90 -10.29 12.28
N SER A 2 13.51 -10.39 11.02
CA SER A 2 12.49 -11.34 10.62
C SER A 2 12.57 -11.60 9.11
N SER A 3 12.18 -12.80 8.72
CA SER A 3 12.20 -13.18 7.32
C SER A 3 11.26 -14.36 7.08
N GLY A 4 10.57 -14.31 5.95
CA GLY A 4 9.63 -15.36 5.58
C GLY A 4 10.32 -16.71 5.55
N SER A 5 9.53 -17.75 5.81
CA SER A 5 10.06 -19.10 5.80
C SER A 5 8.93 -20.10 5.53
N SER A 6 8.82 -20.50 4.26
CA SER A 6 7.79 -21.44 3.86
C SER A 6 6.48 -21.12 4.58
N GLY A 7 5.75 -20.17 4.02
CA GLY A 7 4.48 -19.76 4.59
C GLY A 7 4.60 -18.41 5.31
N GLY A 8 3.46 -17.83 5.60
CA GLY A 8 3.42 -16.54 6.28
C GLY A 8 3.45 -15.38 5.27
N PRO A 9 3.03 -14.19 5.76
CA PRO A 9 3.00 -13.01 4.92
C PRO A 9 4.41 -12.46 4.70
N LYS A 10 4.54 -11.66 3.64
CA LYS A 10 5.82 -11.07 3.31
C LYS A 10 5.94 -9.72 3.99
N THR A 11 7.19 -9.33 4.27
CA THR A 11 7.45 -8.07 4.92
C THR A 11 8.61 -7.34 4.23
N VAL A 12 8.38 -6.08 3.93
CA VAL A 12 9.40 -5.27 3.27
C VAL A 12 9.36 -3.85 3.84
N THR A 13 10.51 -3.40 4.31
CA THR A 13 10.62 -2.07 4.88
C THR A 13 11.26 -1.11 3.87
N LEU A 14 10.92 0.16 4.02
CA LEU A 14 11.45 1.18 3.13
C LEU A 14 11.88 2.40 3.96
N LYS A 15 12.78 3.18 3.37
CA LYS A 15 13.29 4.36 4.04
C LYS A 15 13.24 5.55 3.08
N ARG A 16 12.41 6.52 3.43
CA ARG A 16 12.27 7.71 2.61
C ARG A 16 13.63 8.14 2.04
N THR A 17 13.74 8.03 0.73
CA THR A 17 14.97 8.41 0.06
C THR A 17 14.69 9.42 -1.06
N SER A 18 13.77 9.05 -1.93
CA SER A 18 13.40 9.92 -3.03
C SER A 18 12.08 9.45 -3.65
N GLN A 19 11.35 10.41 -4.20
CA GLN A 19 10.07 10.10 -4.82
C GLN A 19 9.16 9.37 -3.84
N GLY A 20 7.97 9.02 -4.32
CA GLY A 20 7.01 8.32 -3.51
C GLY A 20 7.49 6.91 -3.17
N PHE A 21 8.45 6.83 -2.25
CA PHE A 21 9.01 5.56 -1.84
C PHE A 21 9.31 4.68 -3.05
N GLY A 22 10.29 5.12 -3.83
CA GLY A 22 10.69 4.37 -5.01
C GLY A 22 9.48 3.79 -5.73
N PHE A 23 9.18 2.53 -5.40
CA PHE A 23 8.05 1.86 -6.00
C PHE A 23 6.81 2.74 -6.01
N THR A 24 5.76 2.25 -6.67
CA THR A 24 4.52 2.99 -6.75
C THR A 24 3.34 2.03 -6.96
N LEU A 25 2.15 2.59 -6.86
CA LEU A 25 0.94 1.79 -7.04
C LEU A 25 0.18 2.30 -8.26
N ARG A 26 -0.73 1.45 -8.74
CA ARG A 26 -1.53 1.80 -9.90
C ARG A 26 -2.61 0.75 -10.13
N HIS A 27 -3.46 1.02 -11.11
CA HIS A 27 -4.54 0.10 -11.44
C HIS A 27 -5.44 -0.10 -10.22
N PHE A 28 -6.33 0.86 -10.01
CA PHE A 28 -7.24 0.80 -8.89
C PHE A 28 -8.66 0.47 -9.35
N ILE A 29 -9.59 0.54 -8.41
CA ILE A 29 -10.98 0.25 -8.70
C ILE A 29 -11.83 1.50 -8.44
N VAL A 30 -13.13 1.37 -8.70
CA VAL A 30 -14.04 2.47 -8.50
C VAL A 30 -14.92 2.18 -7.29
N TYR A 31 -16.22 2.31 -7.50
CA TYR A 31 -17.18 2.06 -6.43
C TYR A 31 -16.89 2.95 -5.22
N PRO A 32 -16.93 4.29 -5.47
CA PRO A 32 -16.68 5.25 -4.40
C PRO A 32 -17.87 5.35 -3.46
N PRO A 33 -17.62 5.94 -2.26
CA PRO A 33 -18.66 6.11 -1.27
C PRO A 33 -19.61 7.25 -1.65
N GLU A 34 -20.36 7.71 -0.67
CA GLU A 34 -21.30 8.79 -0.89
C GLU A 34 -21.00 9.96 0.04
N SER A 35 -20.87 9.64 1.32
CA SER A 35 -20.59 10.66 2.33
C SER A 35 -19.47 10.17 3.26
N ALA A 36 -18.56 9.40 2.68
CA ALA A 36 -17.45 8.87 3.45
C ALA A 36 -16.38 9.96 3.60
N ILE A 37 -16.79 11.06 4.19
CA ILE A 37 -15.88 12.18 4.41
C ILE A 37 -15.00 11.89 5.63
N GLN A 38 -13.69 11.86 5.38
CA GLN A 38 -12.74 11.59 6.44
C GLN A 38 -12.50 12.86 7.27
N PHE A 39 -13.57 13.33 7.89
CA PHE A 39 -13.49 14.52 8.71
C PHE A 39 -12.65 15.60 8.04
N SER A 40 -13.30 16.36 7.17
CA SER A 40 -12.63 17.42 6.46
C SER A 40 -11.37 16.89 5.79
N TYR A 41 -11.48 16.62 4.49
CA TYR A 41 -10.37 16.10 3.73
C TYR A 41 -9.89 14.76 4.29
N LYS A 42 -8.93 14.16 3.59
CA LYS A 42 -8.38 12.89 4.00
C LYS A 42 -7.97 12.97 5.47
N ASP A 43 -8.28 11.91 6.20
CA ASP A 43 -7.94 11.85 7.62
C ASP A 43 -8.45 10.53 8.21
N GLU A 44 -7.51 9.66 8.53
CA GLU A 44 -7.84 8.36 9.10
C GLU A 44 -6.90 8.02 10.25
N GLU A 45 -7.38 7.18 11.14
CA GLU A 45 -6.59 6.76 12.29
C GLU A 45 -7.33 5.69 13.08
N ASN A 46 -8.53 6.04 13.52
CA ASN A 46 -9.34 5.12 14.29
C ASN A 46 -10.74 5.72 14.49
N GLY A 47 -11.75 4.95 14.12
CA GLY A 47 -13.12 5.39 14.26
C GLY A 47 -13.94 4.98 13.03
N ASN A 48 -15.05 5.69 12.84
CA ASN A 48 -15.93 5.42 11.72
C ASN A 48 -16.50 4.01 11.87
N ARG A 49 -17.82 3.95 12.02
CA ARG A 49 -18.50 2.67 12.16
C ARG A 49 -19.68 2.59 11.19
N GLY A 50 -19.96 1.36 10.76
CA GLY A 50 -21.06 1.13 9.84
C GLY A 50 -21.01 -0.30 9.29
N GLY A 51 -20.62 -0.40 8.03
CA GLY A 51 -20.52 -1.70 7.38
C GLY A 51 -21.51 -1.79 6.21
N LYS A 52 -20.98 -2.20 5.07
CA LYS A 52 -21.78 -2.34 3.87
C LYS A 52 -22.39 -0.97 3.50
N GLN A 53 -21.71 -0.30 2.59
CA GLN A 53 -22.16 1.01 2.14
C GLN A 53 -22.62 0.95 0.68
N ARG A 54 -23.90 0.65 0.51
CA ARG A 54 -24.48 0.55 -0.82
C ARG A 54 -23.38 0.24 -1.85
N ASN A 55 -23.08 -1.04 -1.97
CA ASN A 55 -22.06 -1.48 -2.91
C ASN A 55 -22.67 -2.48 -3.90
N ARG A 56 -22.15 -2.45 -5.11
CA ARG A 56 -22.64 -3.34 -6.15
C ARG A 56 -21.60 -4.41 -6.47
N LEU A 57 -21.45 -5.35 -5.54
CA LEU A 57 -20.50 -6.43 -5.72
C LEU A 57 -19.11 -5.84 -6.02
N GLU A 58 -18.45 -5.39 -4.96
CA GLU A 58 -17.13 -4.80 -5.11
C GLU A 58 -16.27 -5.65 -6.04
N PRO A 59 -15.19 -5.01 -6.57
CA PRO A 59 -14.28 -5.70 -7.47
C PRO A 59 -13.37 -6.66 -6.70
N MET A 60 -12.27 -7.02 -7.34
CA MET A 60 -11.31 -7.92 -6.73
C MET A 60 -9.92 -7.30 -6.70
N ASP A 61 -9.46 -6.88 -7.87
CA ASP A 61 -8.14 -6.25 -7.98
C ASP A 61 -7.92 -5.32 -6.78
N THR A 62 -6.65 -5.16 -6.43
CA THR A 62 -6.30 -4.30 -5.31
C THR A 62 -5.07 -3.45 -5.67
N ILE A 63 -4.33 -3.09 -4.64
CA ILE A 63 -3.13 -2.28 -4.83
C ILE A 63 -2.00 -3.17 -5.32
N PHE A 64 -1.72 -3.05 -6.62
CA PHE A 64 -0.67 -3.84 -7.24
C PHE A 64 0.50 -2.95 -7.66
N VAL A 65 1.70 -3.39 -7.31
CA VAL A 65 2.91 -2.64 -7.65
C VAL A 65 2.89 -2.32 -9.15
N LYS A 66 3.63 -1.28 -9.50
CA LYS A 66 3.71 -0.86 -10.89
C LYS A 66 5.18 -0.86 -11.33
N GLN A 67 5.97 -0.05 -10.65
CA GLN A 67 7.39 0.06 -10.96
C GLN A 67 8.21 0.00 -9.67
N VAL A 68 9.50 -0.27 -9.84
CA VAL A 68 10.40 -0.37 -8.72
C VAL A 68 11.69 0.40 -9.04
N LYS A 69 11.84 1.54 -8.36
CA LYS A 69 13.01 2.37 -8.57
C LYS A 69 14.26 1.48 -8.70
N GLU A 70 14.92 1.63 -9.84
CA GLU A 70 16.12 0.85 -10.11
C GLU A 70 17.28 1.32 -9.23
N GLY A 71 17.21 0.94 -7.95
CA GLY A 71 18.25 1.32 -7.00
C GLY A 71 17.66 2.21 -5.90
N GLY A 72 16.41 1.95 -5.57
CA GLY A 72 15.72 2.71 -4.54
C GLY A 72 15.54 1.88 -3.28
N PRO A 73 14.51 2.26 -2.48
CA PRO A 73 14.21 1.55 -1.24
C PRO A 73 13.55 0.20 -1.53
N ALA A 74 12.32 0.27 -2.03
CA ALA A 74 11.58 -0.94 -2.34
C ALA A 74 12.50 -1.92 -3.06
N PHE A 75 13.35 -1.39 -3.92
CA PHE A 75 14.28 -2.21 -4.67
C PHE A 75 15.22 -2.97 -3.73
N GLU A 76 15.66 -2.28 -2.69
CA GLU A 76 16.55 -2.87 -1.71
C GLU A 76 15.82 -3.95 -0.91
N ALA A 77 14.64 -3.57 -0.42
CA ALA A 77 13.84 -4.50 0.38
C ALA A 77 13.61 -5.78 -0.43
N GLY A 78 13.79 -5.66 -1.74
CA GLY A 78 13.61 -6.80 -2.63
C GLY A 78 12.22 -6.78 -3.26
N LEU A 79 11.58 -5.63 -3.17
CA LEU A 79 10.24 -5.46 -3.72
C LEU A 79 10.31 -5.60 -5.25
N CYS A 80 9.18 -6.00 -5.82
CA CYS A 80 9.10 -6.19 -7.26
C CYS A 80 7.73 -5.70 -7.73
N THR A 81 7.39 -6.09 -8.95
CA THR A 81 6.11 -5.71 -9.52
C THR A 81 5.13 -6.88 -9.50
N GLY A 82 3.85 -6.55 -9.54
CA GLY A 82 2.81 -7.56 -9.53
C GLY A 82 2.40 -7.89 -8.08
N ASP A 83 3.38 -7.78 -7.19
CA ASP A 83 3.14 -8.06 -5.79
C ASP A 83 2.03 -7.15 -5.27
N ARG A 84 1.04 -7.76 -4.64
CA ARG A 84 -0.08 -7.01 -4.08
C ARG A 84 0.17 -6.70 -2.61
N ILE A 85 -0.37 -5.57 -2.18
CA ILE A 85 -0.22 -5.13 -0.80
C ILE A 85 -1.26 -5.84 0.07
N ILE A 86 -0.78 -6.43 1.15
CA ILE A 86 -1.66 -7.13 2.07
C ILE A 86 -1.73 -6.37 3.39
N LYS A 87 -0.61 -5.76 3.75
CA LYS A 87 -0.53 -5.00 4.98
C LYS A 87 0.23 -3.70 4.73
N VAL A 88 0.08 -2.77 5.67
CA VAL A 88 0.75 -1.48 5.55
C VAL A 88 0.87 -0.86 6.94
N ASN A 89 2.09 -0.90 7.47
CA ASN A 89 2.35 -0.35 8.79
C ASN A 89 1.46 -1.04 9.82
N GLY A 90 1.32 -2.35 9.65
CA GLY A 90 0.51 -3.13 10.55
C GLY A 90 -0.89 -2.53 10.70
N GLU A 91 -1.26 -1.73 9.71
CA GLU A 91 -2.56 -1.09 9.72
C GLU A 91 -3.60 -1.97 9.03
N SER A 92 -3.10 -2.96 8.30
CA SER A 92 -3.97 -3.88 7.58
C SER A 92 -4.81 -3.12 6.56
N VAL A 93 -4.44 -3.27 5.30
CA VAL A 93 -5.16 -2.61 4.22
C VAL A 93 -6.27 -3.52 3.73
N ILE A 94 -7.05 -4.02 4.68
CA ILE A 94 -8.15 -4.91 4.36
C ILE A 94 -9.44 -4.08 4.27
N GLY A 95 -9.86 -3.83 3.04
CA GLY A 95 -11.07 -3.06 2.81
C GLY A 95 -10.73 -1.63 2.37
N LYS A 96 -9.80 -1.03 3.10
CA LYS A 96 -9.37 0.33 2.81
C LYS A 96 -9.23 0.50 1.30
N THR A 97 -9.43 1.74 0.85
CA THR A 97 -9.33 2.04 -0.57
C THR A 97 -7.88 2.34 -0.94
N TYR A 98 -7.72 3.12 -1.99
CA TYR A 98 -6.39 3.48 -2.47
C TYR A 98 -5.84 4.69 -1.68
N SER A 99 -6.65 5.73 -1.62
CA SER A 99 -6.26 6.94 -0.92
C SER A 99 -5.90 6.60 0.53
N GLN A 100 -6.75 5.79 1.14
CA GLN A 100 -6.55 5.38 2.52
C GLN A 100 -5.13 4.82 2.70
N VAL A 101 -4.89 3.69 2.06
CA VAL A 101 -3.58 3.04 2.14
C VAL A 101 -2.50 4.05 1.78
N ILE A 102 -2.82 4.88 0.78
CA ILE A 102 -1.88 5.89 0.34
C ILE A 102 -1.50 6.80 1.51
N ALA A 103 -2.53 7.23 2.24
CA ALA A 103 -2.32 8.10 3.38
C ALA A 103 -1.47 7.37 4.43
N LEU A 104 -1.67 6.06 4.48
CA LEU A 104 -0.93 5.23 5.42
C LEU A 104 0.55 5.27 5.08
N ILE A 105 0.83 5.45 3.79
CA ILE A 105 2.20 5.51 3.32
C ILE A 105 2.74 6.93 3.49
N GLN A 106 1.85 7.89 3.28
CA GLN A 106 2.23 9.29 3.41
C GLN A 106 2.26 9.70 4.88
N ASN A 107 1.49 8.96 5.68
CA ASN A 107 1.42 9.23 7.10
C ASN A 107 2.34 8.26 7.85
N SER A 108 2.99 7.40 7.08
CA SER A 108 3.89 6.42 7.66
C SER A 108 5.17 7.11 8.16
N ASP A 109 5.25 8.39 7.87
CA ASP A 109 6.40 9.18 8.28
C ASP A 109 7.59 8.87 7.37
N THR A 110 8.78 9.09 7.90
CA THR A 110 10.00 8.84 7.14
C THR A 110 10.00 7.41 6.61
N THR A 111 9.97 6.47 7.55
CA THR A 111 9.97 5.06 7.19
C THR A 111 8.55 4.59 6.85
N LEU A 112 8.50 3.53 6.05
CA LEU A 112 7.21 2.98 5.64
C LEU A 112 7.38 1.48 5.36
N GLU A 113 6.63 0.69 6.11
CA GLU A 113 6.67 -0.76 5.95
C GLU A 113 5.52 -1.24 5.07
N LEU A 114 5.79 -2.31 4.33
CA LEU A 114 4.78 -2.88 3.45
C LEU A 114 4.71 -4.38 3.67
N SER A 115 3.83 -5.02 2.91
CA SER A 115 3.65 -6.46 3.00
C SER A 115 2.92 -6.99 1.77
N VAL A 116 3.54 -7.96 1.12
CA VAL A 116 2.96 -8.56 -0.07
C VAL A 116 2.86 -10.07 0.12
N MET A 117 2.45 -10.74 -0.94
CA MET A 117 2.30 -12.19 -0.90
C MET A 117 2.67 -12.80 -2.25
N PRO A 118 4.00 -13.00 -2.46
CA PRO A 118 4.49 -13.58 -3.69
C PRO A 118 4.23 -15.08 -3.73
N LYS A 119 4.69 -15.70 -4.81
CA LYS A 119 4.52 -17.14 -4.98
C LYS A 119 5.63 -17.68 -5.89
N ASP A 120 6.07 -18.89 -5.58
CA ASP A 120 7.12 -19.53 -6.36
C ASP A 120 8.40 -18.71 -6.22
N SER A 121 9.30 -19.21 -5.39
CA SER A 121 10.57 -18.53 -5.17
C SER A 121 11.12 -18.01 -6.50
N GLY A 122 11.59 -18.94 -7.32
CA GLY A 122 12.14 -18.57 -8.61
C GLY A 122 13.67 -18.55 -8.57
N PRO A 123 14.25 -17.55 -9.29
CA PRO A 123 15.69 -17.40 -9.34
C PRO A 123 16.23 -16.82 -8.03
N SER A 124 17.30 -17.44 -7.55
CA SER A 124 17.93 -16.99 -6.31
C SER A 124 19.27 -16.34 -6.61
N SER A 125 19.90 -15.84 -5.55
CA SER A 125 21.20 -15.20 -5.69
C SER A 125 21.23 -14.34 -6.95
N GLY A 126 20.70 -13.13 -6.81
CA GLY A 126 20.66 -12.20 -7.93
C GLY A 126 21.42 -10.91 -7.61
N GLY A 1 17.21 -9.78 22.66
CA GLY A 1 16.70 -9.77 21.31
C GLY A 1 15.43 -10.62 21.19
N SER A 2 15.02 -10.85 19.96
CA SER A 2 13.83 -11.64 19.70
C SER A 2 13.97 -12.38 18.36
N SER A 3 14.43 -13.62 18.45
CA SER A 3 14.62 -14.44 17.26
C SER A 3 13.28 -14.61 16.54
N GLY A 4 13.37 -15.17 15.34
CA GLY A 4 12.18 -15.41 14.54
C GLY A 4 12.36 -14.84 13.12
N SER A 5 12.49 -15.75 12.17
CA SER A 5 12.67 -15.35 10.79
C SER A 5 12.06 -16.42 9.86
N SER A 6 11.62 -15.96 8.69
CA SER A 6 11.02 -16.85 7.71
C SER A 6 9.94 -17.69 8.37
N GLY A 7 8.71 -17.18 8.33
CA GLY A 7 7.58 -17.87 8.91
C GLY A 7 6.30 -17.05 8.78
N GLY A 8 5.89 -16.85 7.54
CA GLY A 8 4.68 -16.08 7.27
C GLY A 8 4.75 -15.43 5.88
N PRO A 9 4.13 -14.23 5.78
CA PRO A 9 4.11 -13.49 4.54
C PRO A 9 5.47 -12.85 4.26
N LYS A 10 5.47 -11.89 3.34
CA LYS A 10 6.68 -11.19 2.99
C LYS A 10 6.67 -9.79 3.61
N THR A 11 7.76 -9.48 4.30
CA THR A 11 7.88 -8.18 4.94
C THR A 11 9.06 -7.40 4.35
N VAL A 12 8.78 -6.15 4.00
CA VAL A 12 9.80 -5.30 3.42
C VAL A 12 9.68 -3.89 4.01
N THR A 13 10.83 -3.27 4.20
CA THR A 13 10.87 -1.92 4.77
C THR A 13 11.32 -0.92 3.71
N LEU A 14 10.93 0.33 3.92
CA LEU A 14 11.30 1.39 2.99
C LEU A 14 11.64 2.65 3.78
N LYS A 15 12.79 3.22 3.45
CA LYS A 15 13.25 4.43 4.12
C LYS A 15 12.88 5.65 3.27
N ARG A 16 11.98 6.46 3.81
CA ARG A 16 11.54 7.66 3.11
C ARG A 16 12.72 8.35 2.44
N THR A 17 12.70 8.32 1.12
CA THR A 17 13.77 8.94 0.35
C THR A 17 13.66 10.47 0.42
N SER A 18 12.44 10.94 0.60
CA SER A 18 12.19 12.37 0.68
C SER A 18 10.73 12.62 1.08
N GLN A 19 9.85 12.43 0.11
CA GLN A 19 8.42 12.63 0.34
C GLN A 19 7.68 11.30 0.21
N GLY A 20 7.64 10.80 -1.01
CA GLY A 20 6.96 9.54 -1.29
C GLY A 20 7.90 8.35 -1.07
N PHE A 21 8.08 7.58 -2.12
CA PHE A 21 8.95 6.41 -2.07
C PHE A 21 9.31 5.92 -3.46
N GLY A 22 10.37 5.13 -3.52
CA GLY A 22 10.83 4.58 -4.79
C GLY A 22 9.67 4.03 -5.61
N PHE A 23 9.40 2.75 -5.42
CA PHE A 23 8.32 2.09 -6.14
C PHE A 23 7.05 2.94 -6.10
N THR A 24 6.07 2.53 -6.89
CA THR A 24 4.81 3.23 -6.96
C THR A 24 3.65 2.25 -7.17
N LEU A 25 2.45 2.73 -6.89
CA LEU A 25 1.26 1.90 -7.02
C LEU A 25 0.44 2.40 -8.22
N ARG A 26 -0.59 1.64 -8.55
CA ARG A 26 -1.46 2.00 -9.66
C ARG A 26 -2.89 2.22 -9.17
N HIS A 27 -3.52 3.25 -9.73
CA HIS A 27 -4.88 3.59 -9.36
C HIS A 27 -5.36 4.77 -10.19
N PHE A 28 -6.17 4.46 -11.19
CA PHE A 28 -6.70 5.50 -12.06
C PHE A 28 -8.23 5.53 -12.00
N ILE A 29 -8.81 4.35 -11.83
CA ILE A 29 -10.26 4.23 -11.75
C ILE A 29 -10.84 5.47 -11.08
N VAL A 30 -10.28 5.78 -9.91
CA VAL A 30 -10.73 6.94 -9.15
C VAL A 30 -12.26 6.90 -9.03
N TYR A 31 -12.79 7.89 -8.32
CA TYR A 31 -14.22 7.98 -8.12
C TYR A 31 -14.66 9.43 -7.98
N PRO A 32 -15.03 10.04 -9.14
CA PRO A 32 -15.47 11.42 -9.16
C PRO A 32 -16.89 11.54 -8.61
N PRO A 33 -17.27 12.81 -8.28
CA PRO A 33 -18.59 13.08 -7.75
C PRO A 33 -19.65 13.02 -8.84
N GLU A 34 -19.19 12.74 -10.05
CA GLU A 34 -20.08 12.65 -11.20
C GLU A 34 -20.31 14.03 -11.81
N SER A 35 -20.55 15.00 -10.94
CA SER A 35 -20.79 16.36 -11.37
C SER A 35 -19.89 17.32 -10.60
N ALA A 36 -18.98 17.96 -11.33
CA ALA A 36 -18.05 18.90 -10.73
C ALA A 36 -17.10 19.43 -11.80
N ILE A 37 -17.31 20.69 -12.16
CA ILE A 37 -16.48 21.32 -13.17
C ILE A 37 -15.24 21.93 -12.50
N GLN A 38 -15.27 21.94 -11.18
CA GLN A 38 -14.17 22.49 -10.41
C GLN A 38 -12.84 21.99 -10.98
N PHE A 39 -11.87 22.91 -11.01
CA PHE A 39 -10.56 22.58 -11.53
C PHE A 39 -9.96 21.38 -10.79
N SER A 40 -9.03 20.72 -11.47
CA SER A 40 -8.38 19.55 -10.90
C SER A 40 -7.84 19.89 -9.50
N TYR A 41 -7.30 18.86 -8.85
CA TYR A 41 -6.75 19.04 -7.52
C TYR A 41 -5.30 19.51 -7.59
N LYS A 42 -5.06 20.47 -8.47
CA LYS A 42 -3.73 21.02 -8.64
C LYS A 42 -3.72 22.48 -8.17
N ASP A 43 -3.38 22.66 -6.90
CA ASP A 43 -3.33 23.99 -6.33
C ASP A 43 -2.38 23.99 -5.13
N GLU A 44 -2.70 23.13 -4.17
CA GLU A 44 -1.88 23.01 -2.97
C GLU A 44 -1.78 21.55 -2.53
N GLU A 45 -0.80 21.28 -1.69
CA GLU A 45 -0.59 19.94 -1.18
C GLU A 45 -1.00 19.85 0.29
N ASN A 46 -2.17 19.28 0.50
CA ASN A 46 -2.69 19.12 1.85
C ASN A 46 -3.82 18.09 1.84
N GLY A 47 -3.95 17.39 2.95
CA GLY A 47 -4.98 16.37 3.09
C GLY A 47 -4.69 15.43 4.26
N ASN A 48 -5.61 15.42 5.21
CA ASN A 48 -5.46 14.58 6.39
C ASN A 48 -6.65 13.62 6.48
N ARG A 49 -7.84 14.20 6.56
CA ARG A 49 -9.05 13.42 6.65
C ARG A 49 -10.27 14.31 6.43
N GLY A 50 -11.20 13.79 5.63
CA GLY A 50 -12.43 14.53 5.34
C GLY A 50 -13.25 13.79 4.28
N GLY A 51 -14.48 13.45 4.67
CA GLY A 51 -15.39 12.76 3.78
C GLY A 51 -15.91 11.48 4.42
N LYS A 52 -17.18 11.51 4.79
CA LYS A 52 -17.81 10.37 5.43
C LYS A 52 -19.27 10.69 5.73
N GLN A 53 -20.14 10.23 4.84
CA GLN A 53 -21.57 10.46 5.01
C GLN A 53 -22.35 9.75 3.90
N ARG A 54 -22.07 10.16 2.66
CA ARG A 54 -22.75 9.58 1.52
C ARG A 54 -22.03 8.30 1.08
N ASN A 55 -22.71 7.54 0.23
CA ASN A 55 -22.15 6.29 -0.27
C ASN A 55 -22.69 6.03 -1.68
N ARG A 56 -21.87 5.36 -2.47
CA ARG A 56 -22.24 5.04 -3.84
C ARG A 56 -21.64 3.70 -4.25
N LEU A 57 -22.21 3.12 -5.30
CA LEU A 57 -21.74 1.85 -5.80
C LEU A 57 -20.50 2.07 -6.69
N GLU A 58 -19.38 2.33 -6.03
CA GLU A 58 -18.14 2.57 -6.72
C GLU A 58 -17.39 1.25 -6.93
N PRO A 59 -16.49 1.25 -7.95
CA PRO A 59 -15.70 0.07 -8.27
C PRO A 59 -14.58 -0.12 -7.24
N MET A 60 -13.59 -0.91 -7.63
CA MET A 60 -12.46 -1.18 -6.77
C MET A 60 -11.15 -1.17 -7.55
N ASP A 61 -10.06 -1.38 -6.83
CA ASP A 61 -8.74 -1.39 -7.45
C ASP A 61 -7.69 -1.70 -6.38
N THR A 62 -7.35 -2.98 -6.28
CA THR A 62 -6.35 -3.41 -5.31
C THR A 62 -5.06 -2.63 -5.50
N ILE A 63 -4.19 -2.74 -4.49
CA ILE A 63 -2.91 -2.05 -4.53
C ILE A 63 -1.86 -2.96 -5.17
N PHE A 64 -1.53 -2.65 -6.42
CA PHE A 64 -0.55 -3.43 -7.15
C PHE A 64 0.62 -2.55 -7.60
N VAL A 65 1.82 -3.03 -7.32
CA VAL A 65 3.03 -2.31 -7.69
C VAL A 65 2.95 -1.94 -9.17
N LYS A 66 3.55 -0.80 -9.50
CA LYS A 66 3.56 -0.33 -10.88
C LYS A 66 5.00 -0.24 -11.37
N GLN A 67 5.84 0.39 -10.56
CA GLN A 67 7.25 0.54 -10.89
C GLN A 67 8.11 0.40 -9.64
N VAL A 68 9.40 0.26 -9.87
CA VAL A 68 10.35 0.11 -8.77
C VAL A 68 11.59 0.96 -9.06
N LYS A 69 11.78 1.97 -8.21
CA LYS A 69 12.92 2.86 -8.35
C LYS A 69 14.21 2.05 -8.31
N GLU A 70 14.93 2.06 -9.42
CA GLU A 70 16.18 1.33 -9.51
C GLU A 70 17.24 1.98 -8.63
N GLY A 71 17.33 1.48 -7.40
CA GLY A 71 18.29 2.01 -6.45
C GLY A 71 17.60 2.73 -5.29
N GLY A 72 16.32 2.42 -5.14
CA GLY A 72 15.53 3.03 -4.08
C GLY A 72 15.37 2.07 -2.90
N PRO A 73 14.33 2.35 -2.06
CA PRO A 73 14.06 1.52 -0.90
C PRO A 73 13.43 0.19 -1.31
N ALA A 74 12.30 0.29 -1.99
CA ALA A 74 11.59 -0.90 -2.44
C ALA A 74 12.57 -1.83 -3.16
N PHE A 75 13.35 -1.23 -4.06
CA PHE A 75 14.32 -2.00 -4.82
C PHE A 75 15.23 -2.81 -3.89
N GLU A 76 15.70 -2.14 -2.85
CA GLU A 76 16.59 -2.79 -1.90
C GLU A 76 15.79 -3.75 -1.01
N ALA A 77 14.70 -3.24 -0.47
CA ALA A 77 13.84 -4.04 0.39
C ALA A 77 13.63 -5.41 -0.25
N GLY A 78 13.72 -5.43 -1.57
CA GLY A 78 13.53 -6.66 -2.32
C GLY A 78 12.15 -6.70 -2.98
N LEU A 79 11.58 -5.51 -3.15
CA LEU A 79 10.27 -5.40 -3.77
C LEU A 79 10.42 -5.51 -5.28
N CYS A 80 9.30 -5.76 -5.94
CA CYS A 80 9.29 -5.89 -7.39
C CYS A 80 7.91 -5.46 -7.91
N THR A 81 7.61 -5.89 -9.11
CA THR A 81 6.33 -5.56 -9.72
C THR A 81 5.39 -6.76 -9.69
N GLY A 82 4.10 -6.47 -9.85
CA GLY A 82 3.09 -7.51 -9.84
C GLY A 82 2.73 -7.90 -8.41
N ASP A 83 3.47 -7.34 -7.46
CA ASP A 83 3.25 -7.62 -6.06
C ASP A 83 2.18 -6.66 -5.51
N ARG A 84 1.11 -7.24 -5.00
CA ARG A 84 0.02 -6.45 -4.45
C ARG A 84 0.20 -6.27 -2.94
N ILE A 85 -0.29 -5.15 -2.45
CA ILE A 85 -0.19 -4.84 -1.04
C ILE A 85 -1.43 -5.38 -0.31
N ILE A 86 -1.20 -5.91 0.88
CA ILE A 86 -2.28 -6.46 1.68
C ILE A 86 -2.33 -5.73 3.02
N LYS A 87 -1.15 -5.49 3.58
CA LYS A 87 -1.06 -4.81 4.86
C LYS A 87 -0.14 -3.59 4.71
N VAL A 88 -0.25 -2.69 5.66
CA VAL A 88 0.56 -1.48 5.65
C VAL A 88 0.78 -1.01 7.09
N ASN A 89 2.05 -0.99 7.48
CA ASN A 89 2.41 -0.56 8.81
C ASN A 89 1.53 -1.28 9.84
N GLY A 90 1.08 -2.46 9.46
CA GLY A 90 0.22 -3.26 10.32
C GLY A 90 -1.13 -2.57 10.54
N GLU A 91 -1.57 -1.87 9.51
CA GLU A 91 -2.84 -1.15 9.58
C GLU A 91 -3.88 -1.85 8.71
N SER A 92 -3.42 -2.84 7.95
CA SER A 92 -4.29 -3.58 7.08
C SER A 92 -4.89 -2.65 6.02
N VAL A 93 -5.06 -3.21 4.83
CA VAL A 93 -5.62 -2.45 3.72
C VAL A 93 -7.09 -2.79 3.56
N ILE A 94 -7.44 -3.99 4.01
CA ILE A 94 -8.82 -4.46 3.91
C ILE A 94 -9.75 -3.40 4.51
N GLY A 95 -10.68 -2.95 3.68
CA GLY A 95 -11.65 -1.94 4.12
C GLY A 95 -11.24 -0.56 3.62
N LYS A 96 -9.95 -0.41 3.34
CA LYS A 96 -9.43 0.85 2.86
C LYS A 96 -9.69 0.97 1.36
N THR A 97 -9.72 2.21 0.88
CA THR A 97 -9.95 2.46 -0.53
C THR A 97 -8.71 3.08 -1.17
N TYR A 98 -7.63 2.32 -1.16
CA TYR A 98 -6.38 2.78 -1.73
C TYR A 98 -5.96 4.12 -1.12
N SER A 99 -6.51 5.19 -1.65
CA SER A 99 -6.20 6.52 -1.17
C SER A 99 -5.98 6.49 0.35
N GLN A 100 -6.74 5.62 1.00
CA GLN A 100 -6.65 5.49 2.45
C GLN A 100 -5.26 4.97 2.84
N VAL A 101 -4.92 3.82 2.29
CA VAL A 101 -3.63 3.21 2.57
C VAL A 101 -2.52 4.13 2.07
N ILE A 102 -2.82 4.86 1.00
CA ILE A 102 -1.86 5.77 0.40
C ILE A 102 -1.37 6.75 1.48
N ALA A 103 -2.33 7.33 2.18
CA ALA A 103 -2.01 8.29 3.23
C ALA A 103 -1.08 7.62 4.25
N LEU A 104 -1.42 6.40 4.61
CA LEU A 104 -0.63 5.64 5.57
C LEU A 104 0.83 5.64 5.12
N ILE A 105 1.02 5.43 3.82
CA ILE A 105 2.35 5.39 3.26
C ILE A 105 2.98 6.79 3.35
N GLN A 106 2.18 7.78 2.97
CA GLN A 106 2.64 9.16 3.01
C GLN A 106 2.93 9.59 4.45
N ASN A 107 2.17 8.99 5.37
CA ASN A 107 2.33 9.30 6.78
C ASN A 107 2.87 8.06 7.52
N SER A 108 3.60 7.25 6.78
CA SER A 108 4.18 6.05 7.34
C SER A 108 5.41 6.39 8.19
N ASP A 109 5.70 7.68 8.24
CA ASP A 109 6.84 8.16 9.00
C ASP A 109 8.11 8.04 8.15
N THR A 110 9.22 8.38 8.78
CA THR A 110 10.50 8.32 8.09
C THR A 110 10.59 7.05 7.23
N THR A 111 10.02 5.99 7.76
CA THR A 111 10.01 4.71 7.05
C THR A 111 8.60 4.30 6.69
N LEU A 112 8.49 3.17 6.00
CA LEU A 112 7.20 2.66 5.59
C LEU A 112 7.31 1.15 5.36
N GLU A 113 6.65 0.40 6.24
CA GLU A 113 6.67 -1.05 6.13
C GLU A 113 5.50 -1.54 5.26
N LEU A 114 5.83 -2.36 4.28
CA LEU A 114 4.84 -2.90 3.38
C LEU A 114 4.63 -4.39 3.68
N SER A 115 3.62 -4.95 3.04
CA SER A 115 3.30 -6.36 3.23
C SER A 115 2.70 -6.94 1.95
N VAL A 116 3.40 -7.91 1.39
CA VAL A 116 2.93 -8.55 0.17
C VAL A 116 3.00 -10.07 0.33
N MET A 117 2.50 -10.77 -0.67
CA MET A 117 2.49 -12.22 -0.64
C MET A 117 2.81 -12.80 -2.03
N PRO A 118 3.90 -12.27 -2.64
CA PRO A 118 4.31 -12.73 -3.95
C PRO A 118 4.97 -14.10 -3.88
N LYS A 119 5.00 -14.77 -5.03
CA LYS A 119 5.60 -16.09 -5.10
C LYS A 119 6.46 -16.19 -6.37
N ASP A 120 7.07 -15.06 -6.72
CA ASP A 120 7.91 -15.00 -7.90
C ASP A 120 9.32 -15.46 -7.53
N SER A 121 9.65 -16.67 -7.96
CA SER A 121 10.97 -17.21 -7.68
C SER A 121 12.00 -16.65 -8.65
N GLY A 122 11.64 -16.67 -9.93
CA GLY A 122 12.52 -16.16 -10.96
C GLY A 122 13.59 -17.18 -11.33
N PRO A 123 14.39 -16.83 -12.38
CA PRO A 123 15.45 -17.71 -12.84
C PRO A 123 16.63 -17.71 -11.87
N SER A 124 17.14 -16.51 -11.61
CA SER A 124 18.28 -16.36 -10.71
C SER A 124 19.55 -16.87 -11.37
N SER A 125 19.54 -18.16 -11.69
CA SER A 125 20.68 -18.80 -12.32
C SER A 125 20.22 -19.92 -13.24
N GLY A 126 20.93 -20.09 -14.34
CA GLY A 126 20.60 -21.12 -15.31
C GLY A 126 20.21 -20.51 -16.65
N GLY A 1 0.15 -6.30 20.35
CA GLY A 1 1.10 -7.39 20.39
C GLY A 1 0.77 -8.45 19.33
N SER A 2 1.68 -9.39 19.17
CA SER A 2 1.50 -10.45 18.19
C SER A 2 2.27 -11.70 18.63
N SER A 3 3.59 -11.54 18.71
CA SER A 3 4.45 -12.64 19.10
C SER A 3 4.28 -13.81 18.14
N GLY A 4 5.32 -14.64 18.08
CA GLY A 4 5.30 -15.80 17.20
C GLY A 4 5.57 -15.40 15.76
N SER A 5 5.56 -16.39 14.88
CA SER A 5 5.80 -16.16 13.47
C SER A 5 4.88 -17.04 12.62
N SER A 6 4.63 -16.57 11.41
CA SER A 6 3.77 -17.31 10.49
C SER A 6 4.13 -16.96 9.04
N GLY A 7 4.84 -17.89 8.41
CA GLY A 7 5.26 -17.69 7.03
C GLY A 7 4.05 -17.40 6.13
N GLY A 8 4.36 -17.12 4.87
CA GLY A 8 3.30 -16.82 3.90
C GLY A 8 3.51 -15.44 3.28
N PRO A 9 3.18 -14.40 4.07
CA PRO A 9 3.34 -13.02 3.60
C PRO A 9 4.80 -12.60 3.60
N LYS A 10 5.07 -11.48 2.95
CA LYS A 10 6.42 -10.97 2.87
C LYS A 10 6.42 -9.50 3.33
N THR A 11 7.19 -9.25 4.39
CA THR A 11 7.28 -7.91 4.94
C THR A 11 8.53 -7.21 4.40
N VAL A 12 8.33 -6.00 3.91
CA VAL A 12 9.43 -5.22 3.36
C VAL A 12 9.43 -3.84 4.02
N THR A 13 10.64 -3.35 4.27
CA THR A 13 10.79 -2.04 4.90
C THR A 13 11.37 -1.04 3.89
N LEU A 14 10.95 0.21 4.04
CA LEU A 14 11.42 1.27 3.16
C LEU A 14 11.82 2.48 3.99
N LYS A 15 12.63 3.34 3.38
CA LYS A 15 13.09 4.54 4.06
C LYS A 15 12.82 5.75 3.16
N ARG A 16 12.04 6.69 3.71
CA ARG A 16 11.70 7.89 2.97
C ARG A 16 12.91 8.38 2.16
N THR A 17 12.78 8.28 0.85
CA THR A 17 13.85 8.71 -0.05
C THR A 17 13.34 9.78 -1.01
N SER A 18 12.23 9.46 -1.67
CA SER A 18 11.63 10.39 -2.62
C SER A 18 10.21 10.74 -2.19
N GLN A 19 9.54 11.49 -3.04
CA GLN A 19 8.17 11.90 -2.76
C GLN A 19 7.35 10.70 -2.28
N GLY A 20 7.29 9.69 -3.12
CA GLY A 20 6.54 8.49 -2.79
C GLY A 20 7.44 7.25 -2.85
N PHE A 21 8.58 7.36 -2.17
CA PHE A 21 9.52 6.26 -2.13
C PHE A 21 9.84 5.75 -3.54
N GLY A 22 10.73 4.78 -3.60
CA GLY A 22 11.12 4.19 -4.87
C GLY A 22 9.90 3.67 -5.64
N PHE A 23 9.43 2.51 -5.22
CA PHE A 23 8.28 1.89 -5.85
C PHE A 23 7.11 2.87 -5.94
N THR A 24 6.08 2.45 -6.65
CA THR A 24 4.90 3.28 -6.82
C THR A 24 3.68 2.42 -7.17
N LEU A 25 2.51 3.00 -6.96
CA LEU A 25 1.27 2.29 -7.25
C LEU A 25 0.59 2.94 -8.45
N ARG A 26 -0.52 2.34 -8.87
CA ARG A 26 -1.27 2.86 -10.00
C ARG A 26 -2.67 3.29 -9.56
N HIS A 27 -3.35 3.99 -10.45
CA HIS A 27 -4.69 4.46 -10.17
C HIS A 27 -5.71 3.46 -10.72
N PHE A 28 -5.41 2.18 -10.53
CA PHE A 28 -6.29 1.13 -11.00
C PHE A 28 -7.74 1.40 -10.59
N ILE A 29 -8.62 0.48 -10.98
CA ILE A 29 -10.03 0.61 -10.66
C ILE A 29 -10.21 0.56 -9.15
N VAL A 30 -10.38 1.73 -8.57
CA VAL A 30 -10.56 1.84 -7.13
C VAL A 30 -12.00 2.26 -6.83
N TYR A 31 -12.59 2.96 -7.80
CA TYR A 31 -13.96 3.43 -7.65
C TYR A 31 -14.13 4.23 -6.37
N PRO A 32 -13.49 5.42 -6.34
CA PRO A 32 -13.56 6.29 -5.18
C PRO A 32 -14.92 6.99 -5.10
N PRO A 33 -15.36 7.26 -3.85
CA PRO A 33 -16.64 7.93 -3.63
C PRO A 33 -16.54 9.42 -3.94
N GLU A 34 -17.69 10.06 -3.92
CA GLU A 34 -17.76 11.49 -4.21
C GLU A 34 -17.49 12.30 -2.93
N SER A 35 -17.06 13.54 -3.14
CA SER A 35 -16.77 14.41 -2.02
C SER A 35 -16.07 13.63 -0.91
N ALA A 36 -15.25 12.67 -1.32
CA ALA A 36 -14.53 11.85 -0.37
C ALA A 36 -13.04 12.21 -0.42
N ILE A 37 -12.72 13.37 0.13
CA ILE A 37 -11.35 13.84 0.16
C ILE A 37 -10.79 13.68 1.57
N GLN A 38 -10.78 14.80 2.30
CA GLN A 38 -10.27 14.81 3.65
C GLN A 38 -8.77 14.51 3.67
N PHE A 39 -7.99 15.51 3.29
CA PHE A 39 -6.55 15.35 3.24
C PHE A 39 -5.90 15.98 4.49
N SER A 40 -4.71 15.49 4.79
CA SER A 40 -3.98 15.98 5.94
C SER A 40 -2.93 17.01 5.50
N TYR A 41 -3.21 18.27 5.80
CA TYR A 41 -2.31 19.35 5.44
C TYR A 41 -2.70 20.65 6.14
N LYS A 42 -3.84 21.17 5.72
CA LYS A 42 -4.35 22.41 6.30
C LYS A 42 -5.66 22.13 7.03
N ASP A 43 -5.58 21.23 8.00
CA ASP A 43 -6.75 20.87 8.78
C ASP A 43 -6.38 20.85 10.26
N GLU A 44 -7.41 20.82 11.10
CA GLU A 44 -7.21 20.80 12.54
C GLU A 44 -7.67 19.46 13.12
N GLU A 45 -7.04 19.08 14.22
CA GLU A 45 -7.38 17.83 14.88
C GLU A 45 -8.89 17.66 14.95
N ASN A 46 -9.31 16.42 15.22
CA ASN A 46 -10.71 16.11 15.32
C ASN A 46 -11.42 16.52 14.01
N GLY A 47 -11.70 15.52 13.20
CA GLY A 47 -12.36 15.75 11.93
C GLY A 47 -13.69 16.46 12.13
N ASN A 48 -14.77 15.73 11.90
CA ASN A 48 -16.11 16.28 12.05
C ASN A 48 -17.11 15.14 12.21
N ARG A 49 -17.09 14.25 11.22
CA ARG A 49 -18.00 13.11 11.23
C ARG A 49 -17.39 11.95 10.45
N GLY A 50 -18.04 10.79 10.56
CA GLY A 50 -17.57 9.60 9.89
C GLY A 50 -18.73 8.64 9.61
N GLY A 51 -18.63 7.45 10.19
CA GLY A 51 -19.65 6.43 10.02
C GLY A 51 -19.62 5.86 8.59
N LYS A 52 -20.22 4.69 8.45
CA LYS A 52 -20.27 4.02 7.16
C LYS A 52 -21.10 2.75 7.28
N GLN A 53 -22.04 2.61 6.36
CA GLN A 53 -22.92 1.43 6.35
C GLN A 53 -22.16 0.23 5.78
N ARG A 54 -22.90 -0.86 5.64
CA ARG A 54 -22.32 -2.10 5.12
C ARG A 54 -23.22 -2.68 4.02
N ASN A 55 -23.68 -1.80 3.15
CA ASN A 55 -24.55 -2.20 2.06
C ASN A 55 -24.09 -1.53 0.76
N ARG A 56 -23.33 -2.28 -0.02
CA ARG A 56 -22.82 -1.77 -1.28
C ARG A 56 -22.03 -2.85 -2.02
N LEU A 57 -21.82 -2.62 -3.30
CA LEU A 57 -21.09 -3.57 -4.13
C LEU A 57 -19.83 -2.88 -4.69
N GLU A 58 -19.07 -3.65 -5.45
CA GLU A 58 -17.84 -3.14 -6.04
C GLU A 58 -17.18 -4.21 -6.90
N PRO A 59 -16.34 -3.75 -7.86
CA PRO A 59 -15.63 -4.66 -8.75
C PRO A 59 -14.48 -5.35 -8.02
N MET A 60 -13.57 -4.54 -7.52
CA MET A 60 -12.42 -5.05 -6.80
C MET A 60 -11.73 -3.95 -5.99
N ASP A 61 -10.86 -4.37 -5.09
CA ASP A 61 -10.14 -3.43 -4.25
C ASP A 61 -8.78 -4.05 -3.87
N THR A 62 -7.79 -3.81 -4.71
CA THR A 62 -6.46 -4.31 -4.48
C THR A 62 -5.41 -3.30 -4.93
N ILE A 63 -4.19 -3.52 -4.49
CA ILE A 63 -3.09 -2.64 -4.83
C ILE A 63 -2.00 -3.45 -5.56
N PHE A 64 -1.44 -2.83 -6.59
CA PHE A 64 -0.40 -3.48 -7.37
C PHE A 64 0.75 -2.51 -7.65
N VAL A 65 1.96 -3.04 -7.56
CA VAL A 65 3.15 -2.24 -7.79
C VAL A 65 3.19 -1.82 -9.27
N LYS A 66 3.57 -0.56 -9.48
CA LYS A 66 3.65 -0.03 -10.83
C LYS A 66 5.08 -0.20 -11.35
N GLN A 67 6.03 0.31 -10.58
CA GLN A 67 7.43 0.21 -10.96
C GLN A 67 8.32 0.21 -9.71
N VAL A 68 9.60 -0.03 -9.93
CA VAL A 68 10.55 -0.07 -8.84
C VAL A 68 11.77 0.79 -9.20
N LYS A 69 12.11 1.70 -8.30
CA LYS A 69 13.24 2.58 -8.51
C LYS A 69 14.54 1.77 -8.43
N GLU A 70 15.22 1.69 -9.57
CA GLU A 70 16.46 0.94 -9.63
C GLU A 70 17.53 1.63 -8.77
N GLY A 71 17.61 1.18 -7.52
CA GLY A 71 18.58 1.74 -6.59
C GLY A 71 17.87 2.53 -5.48
N GLY A 72 16.65 2.12 -5.20
CA GLY A 72 15.86 2.77 -4.16
C GLY A 72 15.68 1.86 -2.95
N PRO A 73 14.65 2.20 -2.12
CA PRO A 73 14.36 1.41 -0.93
C PRO A 73 13.67 0.09 -1.31
N ALA A 74 12.50 0.22 -1.90
CA ALA A 74 11.74 -0.95 -2.32
C ALA A 74 12.67 -1.96 -2.99
N PHE A 75 13.42 -1.45 -3.97
CA PHE A 75 14.35 -2.29 -4.70
C PHE A 75 15.20 -3.11 -3.75
N GLU A 76 15.73 -2.43 -2.74
CA GLU A 76 16.57 -3.10 -1.75
C GLU A 76 15.73 -4.01 -0.86
N ALA A 77 14.66 -3.43 -0.31
CA ALA A 77 13.78 -4.18 0.56
C ALA A 77 13.49 -5.55 -0.06
N GLY A 78 13.58 -5.60 -1.38
CA GLY A 78 13.34 -6.83 -2.10
C GLY A 78 11.98 -6.80 -2.80
N LEU A 79 11.51 -5.58 -3.07
CA LEU A 79 10.23 -5.40 -3.72
C LEU A 79 10.42 -5.53 -5.23
N CYS A 80 9.30 -5.68 -5.92
CA CYS A 80 9.32 -5.82 -7.37
C CYS A 80 7.96 -5.38 -7.92
N THR A 81 7.69 -5.81 -9.14
CA THR A 81 6.43 -5.47 -9.78
C THR A 81 5.47 -6.67 -9.77
N GLY A 82 4.19 -6.36 -9.87
CA GLY A 82 3.18 -7.41 -9.87
C GLY A 82 2.74 -7.75 -8.44
N ASP A 83 3.63 -7.45 -7.49
CA ASP A 83 3.37 -7.71 -6.10
C ASP A 83 2.27 -6.76 -5.60
N ARG A 84 1.29 -7.34 -4.93
CA ARG A 84 0.19 -6.56 -4.40
C ARG A 84 0.39 -6.29 -2.91
N ILE A 85 -0.12 -5.15 -2.46
CA ILE A 85 0.00 -4.77 -1.06
C ILE A 85 -1.12 -5.43 -0.26
N ILE A 86 -0.76 -5.94 0.91
CA ILE A 86 -1.73 -6.58 1.77
C ILE A 86 -1.78 -5.85 3.12
N LYS A 87 -0.60 -5.47 3.59
CA LYS A 87 -0.50 -4.76 4.85
C LYS A 87 0.34 -3.50 4.66
N VAL A 88 0.17 -2.56 5.58
CA VAL A 88 0.91 -1.31 5.52
C VAL A 88 0.95 -0.69 6.92
N ASN A 89 2.12 -0.18 7.27
CA ASN A 89 2.30 0.44 8.57
C ASN A 89 1.67 -0.43 9.64
N GLY A 90 1.87 -1.73 9.50
CA GLY A 90 1.31 -2.69 10.45
C GLY A 90 -0.19 -2.48 10.62
N GLU A 91 -0.83 -2.08 9.54
CA GLU A 91 -2.27 -1.85 9.57
C GLU A 91 -2.99 -2.84 8.63
N SER A 92 -4.28 -3.00 8.88
CA SER A 92 -5.08 -3.90 8.08
C SER A 92 -5.79 -3.13 6.96
N VAL A 93 -5.24 -3.25 5.76
CA VAL A 93 -5.82 -2.57 4.61
C VAL A 93 -6.82 -3.50 3.91
N ILE A 94 -7.54 -4.25 4.73
CA ILE A 94 -8.53 -5.19 4.21
C ILE A 94 -9.86 -4.45 4.03
N GLY A 95 -10.01 -3.85 2.86
CA GLY A 95 -11.22 -3.11 2.55
C GLY A 95 -10.92 -1.64 2.27
N LYS A 96 -9.99 -1.11 3.04
CA LYS A 96 -9.59 0.28 2.89
C LYS A 96 -9.43 0.60 1.40
N THR A 97 -9.61 1.87 1.08
CA THR A 97 -9.49 2.32 -0.29
C THR A 97 -8.09 2.88 -0.55
N TYR A 98 -7.65 2.73 -1.80
CA TYR A 98 -6.33 3.21 -2.17
C TYR A 98 -6.01 4.55 -1.51
N SER A 99 -6.99 5.44 -1.58
CA SER A 99 -6.82 6.76 -1.00
C SER A 99 -6.38 6.64 0.47
N GLN A 100 -7.03 5.72 1.17
CA GLN A 100 -6.71 5.49 2.57
C GLN A 100 -5.26 5.02 2.72
N VAL A 101 -5.02 3.82 2.22
CA VAL A 101 -3.69 3.23 2.29
C VAL A 101 -2.66 4.27 1.83
N ILE A 102 -3.04 5.02 0.80
CA ILE A 102 -2.17 6.05 0.26
C ILE A 102 -1.67 6.94 1.40
N ALA A 103 -2.60 7.37 2.23
CA ALA A 103 -2.28 8.22 3.35
C ALA A 103 -1.32 7.48 4.29
N LEU A 104 -1.66 6.25 4.58
CA LEU A 104 -0.84 5.43 5.45
C LEU A 104 0.62 5.52 5.01
N ILE A 105 0.81 5.57 3.70
CA ILE A 105 2.15 5.67 3.15
C ILE A 105 2.68 7.10 3.34
N GLN A 106 1.85 8.05 2.95
CA GLN A 106 2.22 9.45 3.07
C GLN A 106 2.53 9.79 4.53
N ASN A 107 1.96 8.99 5.42
CA ASN A 107 2.17 9.19 6.85
C ASN A 107 3.04 8.05 7.40
N SER A 108 3.69 7.37 6.49
CA SER A 108 4.56 6.26 6.87
C SER A 108 5.70 6.76 7.75
N ASP A 109 5.89 8.08 7.73
CA ASP A 109 6.93 8.69 8.52
C ASP A 109 8.28 8.44 7.86
N THR A 110 9.33 8.52 8.67
CA THR A 110 10.68 8.30 8.17
C THR A 110 10.73 7.05 7.29
N THR A 111 10.40 5.93 7.91
CA THR A 111 10.41 4.66 7.21
C THR A 111 9.00 4.32 6.70
N LEU A 112 8.91 3.22 5.97
CA LEU A 112 7.64 2.78 5.42
C LEU A 112 7.68 1.27 5.19
N GLU A 113 6.92 0.56 6.02
CA GLU A 113 6.86 -0.89 5.92
C GLU A 113 5.70 -1.31 5.02
N LEU A 114 5.96 -2.31 4.19
CA LEU A 114 4.95 -2.81 3.28
C LEU A 114 4.82 -4.33 3.46
N SER A 115 3.88 -4.90 2.71
CA SER A 115 3.64 -6.33 2.78
C SER A 115 2.90 -6.79 1.52
N VAL A 116 3.40 -7.87 0.94
CA VAL A 116 2.79 -8.43 -0.25
C VAL A 116 2.66 -9.95 -0.10
N MET A 117 2.20 -10.58 -1.17
CA MET A 117 2.02 -12.02 -1.16
C MET A 117 2.76 -12.67 -2.34
N PRO A 118 4.07 -12.96 -2.11
CA PRO A 118 4.89 -13.58 -3.13
C PRO A 118 4.56 -15.05 -3.29
N LYS A 119 5.02 -15.62 -4.40
CA LYS A 119 4.77 -17.03 -4.68
C LYS A 119 6.10 -17.77 -4.73
N ASP A 120 6.02 -19.08 -4.65
CA ASP A 120 7.21 -19.92 -4.69
C ASP A 120 7.93 -19.69 -6.01
N SER A 121 9.26 -19.60 -5.92
CA SER A 121 10.07 -19.38 -7.09
C SER A 121 9.80 -18.00 -7.68
N GLY A 122 10.88 -17.25 -7.91
CA GLY A 122 10.77 -15.92 -8.45
C GLY A 122 12.15 -15.29 -8.66
N PRO A 123 12.21 -14.34 -9.63
CA PRO A 123 13.46 -13.67 -9.95
C PRO A 123 13.81 -12.64 -8.86
N SER A 124 15.08 -12.61 -8.51
CA SER A 124 15.56 -11.68 -7.49
C SER A 124 16.93 -11.13 -7.89
N SER A 125 17.89 -12.03 -8.00
CA SER A 125 19.24 -11.64 -8.37
C SER A 125 19.62 -12.31 -9.70
N GLY A 126 19.57 -13.62 -9.70
CA GLY A 126 19.91 -14.38 -10.89
C GLY A 126 21.41 -14.29 -11.20
N GLY A 1 0.27 -7.25 18.53
CA GLY A 1 1.28 -8.11 19.14
C GLY A 1 1.29 -9.49 18.48
N SER A 2 0.57 -10.41 19.10
CA SER A 2 0.49 -11.77 18.60
C SER A 2 0.03 -11.76 17.13
N SER A 3 0.77 -12.47 16.30
CA SER A 3 0.46 -12.55 14.89
C SER A 3 1.06 -13.82 14.28
N GLY A 4 0.22 -14.53 13.53
CA GLY A 4 0.66 -15.76 12.89
C GLY A 4 0.32 -15.75 11.39
N SER A 5 -0.98 -15.87 11.12
CA SER A 5 -1.45 -15.88 9.74
C SER A 5 -0.83 -17.07 8.99
N SER A 6 -1.69 -18.02 8.65
CA SER A 6 -1.25 -19.20 7.93
C SER A 6 -0.42 -18.79 6.71
N GLY A 7 0.80 -19.29 6.67
CA GLY A 7 1.72 -19.00 5.58
C GLY A 7 2.55 -17.76 5.89
N GLY A 8 3.84 -17.98 6.11
CA GLY A 8 4.75 -16.89 6.40
C GLY A 8 4.61 -15.77 5.38
N PRO A 9 4.10 -14.61 5.88
CA PRO A 9 3.92 -13.45 5.01
C PRO A 9 5.25 -12.77 4.72
N LYS A 10 5.31 -12.14 3.55
CA LYS A 10 6.53 -11.45 3.14
C LYS A 10 6.42 -9.97 3.54
N THR A 11 7.46 -9.51 4.22
CA THR A 11 7.50 -8.12 4.66
C THR A 11 8.68 -7.39 4.03
N VAL A 12 8.48 -6.12 3.77
CA VAL A 12 9.51 -5.29 3.16
C VAL A 12 9.47 -3.90 3.78
N THR A 13 10.65 -3.46 4.21
CA THR A 13 10.77 -2.15 4.83
C THR A 13 11.29 -1.13 3.82
N LEU A 14 10.85 0.11 3.99
CA LEU A 14 11.26 1.18 3.09
C LEU A 14 11.65 2.41 3.93
N LYS A 15 12.47 3.26 3.33
CA LYS A 15 12.92 4.47 3.99
C LYS A 15 12.64 5.68 3.10
N ARG A 16 11.89 6.62 3.65
CA ARG A 16 11.54 7.82 2.92
C ARG A 16 12.78 8.42 2.25
N THR A 17 12.78 8.34 0.92
CA THR A 17 13.90 8.87 0.15
C THR A 17 13.42 9.99 -0.78
N SER A 18 14.08 11.13 -0.66
CA SER A 18 13.74 12.28 -1.47
C SER A 18 12.34 12.81 -1.10
N GLN A 19 11.33 12.11 -1.59
CA GLN A 19 9.95 12.50 -1.32
C GLN A 19 9.08 11.25 -1.18
N GLY A 20 9.11 10.42 -2.21
CA GLY A 20 8.33 9.20 -2.23
C GLY A 20 9.11 8.04 -1.60
N PHE A 21 8.58 6.85 -1.78
CA PHE A 21 9.21 5.65 -1.25
C PHE A 21 9.72 4.75 -2.37
N GLY A 22 10.23 5.39 -3.41
CA GLY A 22 10.75 4.65 -4.55
C GLY A 22 9.61 4.06 -5.39
N PHE A 23 9.29 2.80 -5.09
CA PHE A 23 8.23 2.11 -5.80
C PHE A 23 6.97 2.97 -5.89
N THR A 24 6.05 2.54 -6.73
CA THR A 24 4.80 3.26 -6.91
C THR A 24 3.64 2.28 -7.07
N LEU A 25 2.44 2.81 -6.86
CA LEU A 25 1.24 1.99 -6.98
C LEU A 25 0.48 2.37 -8.25
N ARG A 26 -0.60 1.65 -8.50
CA ARG A 26 -1.42 1.90 -9.67
C ARG A 26 -2.70 1.07 -9.62
N HIS A 27 -3.81 1.72 -9.89
CA HIS A 27 -5.10 1.05 -9.88
C HIS A 27 -6.11 1.88 -10.68
N PHE A 28 -7.35 1.39 -10.69
CA PHE A 28 -8.42 2.06 -11.40
C PHE A 28 -9.73 1.99 -10.62
N ILE A 29 -10.05 0.78 -10.18
CA ILE A 29 -11.27 0.56 -9.42
C ILE A 29 -11.48 1.73 -8.45
N VAL A 30 -12.39 2.61 -8.82
CA VAL A 30 -12.69 3.77 -8.01
C VAL A 30 -13.88 3.45 -7.10
N TYR A 31 -15.04 4.01 -7.45
CA TYR A 31 -16.25 3.79 -6.68
C TYR A 31 -16.08 4.28 -5.24
N PRO A 32 -16.67 5.49 -4.99
CA PRO A 32 -16.59 6.10 -3.67
C PRO A 32 -17.52 5.38 -2.69
N PRO A 33 -17.35 5.70 -1.38
CA PRO A 33 -18.17 5.12 -0.34
C PRO A 33 -19.58 5.72 -0.34
N GLU A 34 -19.63 7.03 -0.16
CA GLU A 34 -20.89 7.75 -0.14
C GLU A 34 -20.74 9.13 -0.77
N SER A 35 -20.03 10.00 -0.06
CA SER A 35 -19.80 11.35 -0.53
C SER A 35 -18.37 11.79 -0.19
N ALA A 36 -17.45 10.85 -0.34
CA ALA A 36 -16.05 11.13 -0.05
C ALA A 36 -15.39 11.72 -1.30
N ILE A 37 -15.86 12.89 -1.69
CA ILE A 37 -15.32 13.57 -2.85
C ILE A 37 -14.39 14.68 -2.40
N GLN A 38 -14.48 15.02 -1.12
CA GLN A 38 -13.66 16.07 -0.56
C GLN A 38 -12.73 15.49 0.52
N PHE A 39 -11.71 16.27 0.86
CA PHE A 39 -10.75 15.85 1.86
C PHE A 39 -10.74 16.82 3.04
N SER A 40 -10.41 18.06 2.74
CA SER A 40 -10.37 19.10 3.76
C SER A 40 -9.12 18.90 4.63
N TYR A 41 -8.66 20.00 5.20
CA TYR A 41 -7.48 19.96 6.06
C TYR A 41 -7.87 20.19 7.53
N LYS A 42 -6.99 19.75 8.41
CA LYS A 42 -7.23 19.88 9.83
C LYS A 42 -7.21 21.37 10.20
N ASP A 43 -7.98 21.70 11.22
CA ASP A 43 -8.07 23.07 11.69
C ASP A 43 -8.15 23.09 13.22
N GLU A 44 -7.36 23.97 13.81
CA GLU A 44 -7.34 24.10 15.26
C GLU A 44 -8.65 24.70 15.77
N GLU A 45 -9.65 23.83 15.89
CA GLU A 45 -10.95 24.26 16.36
C GLU A 45 -11.92 23.09 16.38
N ASN A 46 -11.73 22.21 17.35
CA ASN A 46 -12.58 21.04 17.49
C ASN A 46 -12.07 20.16 18.64
N GLY A 47 -12.89 19.20 19.02
CA GLY A 47 -12.53 18.30 20.11
C GLY A 47 -13.09 16.91 19.84
N ASN A 48 -14.40 16.83 19.74
CA ASN A 48 -15.05 15.55 19.50
C ASN A 48 -14.61 15.00 18.15
N ARG A 49 -14.66 13.68 18.03
CA ARG A 49 -14.27 13.02 16.80
C ARG A 49 -14.37 11.50 16.96
N GLY A 50 -14.52 10.82 15.83
CA GLY A 50 -14.62 9.38 15.83
C GLY A 50 -15.66 8.89 14.81
N GLY A 51 -15.46 7.66 14.36
CA GLY A 51 -16.37 7.08 13.39
C GLY A 51 -17.08 5.86 13.97
N LYS A 52 -17.39 4.91 13.09
CA LYS A 52 -18.07 3.70 13.49
C LYS A 52 -18.11 2.72 12.32
N GLN A 53 -16.93 2.35 11.86
CA GLN A 53 -16.81 1.42 10.74
C GLN A 53 -17.37 2.06 9.47
N ARG A 54 -16.60 1.91 8.40
CA ARG A 54 -17.00 2.46 7.11
C ARG A 54 -16.49 1.59 5.97
N ASN A 55 -17.36 1.35 5.01
CA ASN A 55 -17.01 0.53 3.87
C ASN A 55 -18.22 0.41 2.93
N ARG A 56 -17.93 0.15 1.67
CA ARG A 56 -18.98 0.02 0.67
C ARG A 56 -18.76 -1.24 -0.17
N LEU A 57 -19.81 -1.65 -0.87
CA LEU A 57 -19.75 -2.83 -1.70
C LEU A 57 -18.95 -2.50 -2.97
N GLU A 58 -17.65 -2.41 -2.81
CA GLU A 58 -16.76 -2.10 -3.92
C GLU A 58 -16.67 -3.31 -4.86
N PRO A 59 -16.31 -3.01 -6.13
CA PRO A 59 -16.17 -4.06 -7.14
C PRO A 59 -14.88 -4.86 -6.92
N MET A 60 -13.79 -4.13 -6.75
CA MET A 60 -12.49 -4.76 -6.53
C MET A 60 -11.46 -3.73 -6.07
N ASP A 61 -11.18 -3.77 -4.77
CA ASP A 61 -10.20 -2.85 -4.20
C ASP A 61 -8.91 -3.61 -3.88
N THR A 62 -7.90 -3.37 -4.70
CA THR A 62 -6.62 -4.03 -4.52
C THR A 62 -5.48 -3.09 -4.93
N ILE A 63 -4.32 -3.33 -4.34
CA ILE A 63 -3.15 -2.51 -4.64
C ILE A 63 -2.08 -3.38 -5.29
N PHE A 64 -1.45 -2.83 -6.33
CA PHE A 64 -0.42 -3.53 -7.04
C PHE A 64 0.73 -2.60 -7.44
N VAL A 65 1.94 -3.13 -7.33
CA VAL A 65 3.11 -2.34 -7.68
C VAL A 65 3.13 -2.06 -9.18
N LYS A 66 3.70 -0.92 -9.53
CA LYS A 66 3.78 -0.52 -10.92
C LYS A 66 5.25 -0.38 -11.33
N GLN A 67 6.01 0.26 -10.45
CA GLN A 67 7.42 0.46 -10.71
C GLN A 67 8.23 0.27 -9.42
N VAL A 68 9.53 0.09 -9.60
CA VAL A 68 10.42 -0.10 -8.46
C VAL A 68 11.69 0.71 -8.66
N LYS A 69 11.80 1.78 -7.88
CA LYS A 69 12.96 2.65 -7.97
C LYS A 69 14.22 1.80 -8.10
N GLU A 70 14.68 1.66 -9.33
CA GLU A 70 15.88 0.87 -9.60
C GLU A 70 17.07 1.45 -8.84
N GLY A 71 17.22 1.02 -7.61
CA GLY A 71 18.31 1.48 -6.77
C GLY A 71 17.80 2.35 -5.62
N GLY A 72 16.54 2.12 -5.27
CA GLY A 72 15.91 2.88 -4.20
C GLY A 72 15.68 1.99 -2.97
N PRO A 73 14.61 2.34 -2.21
CA PRO A 73 14.27 1.58 -1.01
C PRO A 73 13.63 0.23 -1.38
N ALA A 74 12.42 0.33 -1.92
CA ALA A 74 11.69 -0.87 -2.31
C ALA A 74 12.65 -1.84 -3.01
N PHE A 75 13.44 -1.28 -3.92
CA PHE A 75 14.40 -2.08 -4.66
C PHE A 75 15.26 -2.92 -3.72
N GLU A 76 15.83 -2.24 -2.73
CA GLU A 76 16.68 -2.91 -1.76
C GLU A 76 15.88 -3.96 -0.98
N ALA A 77 14.74 -3.52 -0.48
CA ALA A 77 13.87 -4.41 0.28
C ALA A 77 13.64 -5.70 -0.50
N GLY A 78 13.82 -5.59 -1.82
CA GLY A 78 13.63 -6.73 -2.70
C GLY A 78 12.23 -6.73 -3.31
N LEU A 79 11.64 -5.55 -3.33
CA LEU A 79 10.30 -5.39 -3.90
C LEU A 79 10.38 -5.57 -5.41
N CYS A 80 9.21 -5.80 -6.01
CA CYS A 80 9.13 -5.99 -7.44
C CYS A 80 7.76 -5.46 -7.92
N THR A 81 7.41 -5.84 -9.14
CA THR A 81 6.15 -5.42 -9.71
C THR A 81 5.14 -6.57 -9.69
N GLY A 82 3.86 -6.19 -9.73
CA GLY A 82 2.79 -7.18 -9.71
C GLY A 82 2.41 -7.55 -8.28
N ASP A 83 3.33 -7.27 -7.37
CA ASP A 83 3.10 -7.56 -5.95
C ASP A 83 1.95 -6.70 -5.45
N ARG A 84 1.28 -7.22 -4.43
CA ARG A 84 0.15 -6.50 -3.83
C ARG A 84 0.38 -6.32 -2.34
N ILE A 85 0.09 -5.11 -1.87
CA ILE A 85 0.25 -4.78 -0.47
C ILE A 85 -0.98 -5.27 0.32
N ILE A 86 -0.72 -6.17 1.25
CA ILE A 86 -1.78 -6.72 2.06
C ILE A 86 -1.80 -6.01 3.42
N LYS A 87 -0.63 -5.58 3.83
CA LYS A 87 -0.49 -4.88 5.10
C LYS A 87 0.29 -3.58 4.88
N VAL A 88 0.22 -2.71 5.89
CA VAL A 88 0.91 -1.44 5.82
C VAL A 88 1.19 -0.93 7.25
N ASN A 89 2.46 -0.80 7.56
CA ASN A 89 2.87 -0.34 8.87
C ASN A 89 1.96 -0.94 9.93
N GLY A 90 1.92 -2.27 9.95
CA GLY A 90 1.09 -2.99 10.90
C GLY A 90 -0.26 -2.29 11.08
N GLU A 91 -0.76 -1.74 9.99
CA GLU A 91 -2.05 -1.06 10.01
C GLU A 91 -3.11 -1.88 9.29
N SER A 92 -2.65 -2.70 8.35
CA SER A 92 -3.55 -3.54 7.59
C SER A 92 -4.47 -2.67 6.73
N VAL A 93 -4.52 -3.01 5.45
CA VAL A 93 -5.35 -2.28 4.51
C VAL A 93 -6.53 -3.16 4.09
N ILE A 94 -7.25 -3.65 5.09
CA ILE A 94 -8.41 -4.49 4.84
C ILE A 94 -9.63 -3.62 4.57
N GLY A 95 -9.91 -3.41 3.29
CA GLY A 95 -11.05 -2.60 2.90
C GLY A 95 -10.61 -1.19 2.50
N LYS A 96 -9.60 -0.70 3.22
CA LYS A 96 -9.08 0.63 2.96
C LYS A 96 -8.92 0.82 1.44
N THR A 97 -9.32 2.00 0.98
CA THR A 97 -9.23 2.31 -0.43
C THR A 97 -7.87 2.93 -0.75
N TYR A 98 -7.50 2.85 -2.02
CA TYR A 98 -6.23 3.39 -2.47
C TYR A 98 -5.94 4.74 -1.80
N SER A 99 -6.89 5.64 -1.94
CA SER A 99 -6.75 6.97 -1.35
C SER A 99 -6.42 6.85 0.13
N GLN A 100 -7.13 5.95 0.80
CA GLN A 100 -6.92 5.73 2.22
C GLN A 100 -5.50 5.25 2.48
N VAL A 101 -5.20 4.06 1.97
CA VAL A 101 -3.88 3.48 2.15
C VAL A 101 -2.83 4.52 1.78
N ILE A 102 -3.04 5.18 0.65
CA ILE A 102 -2.12 6.20 0.20
C ILE A 102 -1.68 7.07 1.38
N ALA A 103 -2.67 7.47 2.17
CA ALA A 103 -2.40 8.30 3.33
C ALA A 103 -1.54 7.51 4.32
N LEU A 104 -1.94 6.28 4.55
CA LEU A 104 -1.22 5.41 5.47
C LEU A 104 0.26 5.41 5.12
N ILE A 105 0.53 5.44 3.81
CA ILE A 105 1.89 5.45 3.34
C ILE A 105 2.50 6.83 3.56
N GLN A 106 1.74 7.85 3.19
CA GLN A 106 2.18 9.23 3.35
C GLN A 106 2.43 9.54 4.82
N ASN A 107 1.70 8.82 5.67
CA ASN A 107 1.83 9.01 7.11
C ASN A 107 2.70 7.89 7.69
N SER A 108 3.28 7.11 6.79
CA SER A 108 4.13 6.00 7.21
C SER A 108 5.30 6.52 8.03
N ASP A 109 5.51 7.84 7.95
CA ASP A 109 6.59 8.46 8.68
C ASP A 109 7.90 8.26 7.92
N THR A 110 9.00 8.35 8.66
CA THR A 110 10.32 8.17 8.07
C THR A 110 10.37 6.87 7.28
N THR A 111 10.14 5.77 7.98
CA THR A 111 10.16 4.45 7.36
C THR A 111 8.76 4.06 6.90
N LEU A 112 8.71 3.03 6.07
CA LEU A 112 7.44 2.55 5.55
C LEU A 112 7.54 1.04 5.30
N GLU A 113 6.84 0.28 6.14
CA GLU A 113 6.84 -1.16 6.01
C GLU A 113 5.64 -1.63 5.19
N LEU A 114 5.89 -2.61 4.35
CA LEU A 114 4.85 -3.16 3.49
C LEU A 114 4.81 -4.69 3.65
N SER A 115 3.84 -5.29 2.97
CA SER A 115 3.69 -6.74 3.03
C SER A 115 3.00 -7.23 1.75
N VAL A 116 3.68 -8.16 1.07
CA VAL A 116 3.16 -8.72 -0.15
C VAL A 116 3.10 -10.24 -0.03
N MET A 117 2.57 -10.88 -1.07
CA MET A 117 2.45 -12.32 -1.09
C MET A 117 2.95 -12.89 -2.42
N PRO A 118 4.26 -13.21 -2.45
CA PRO A 118 4.86 -13.77 -3.66
C PRO A 118 4.47 -15.23 -3.84
N LYS A 119 4.79 -15.76 -5.01
CA LYS A 119 4.49 -17.14 -5.33
C LYS A 119 5.65 -17.75 -6.10
N ASP A 120 5.87 -17.23 -7.29
CA ASP A 120 6.95 -17.71 -8.14
C ASP A 120 8.13 -16.73 -8.08
N SER A 121 9.23 -17.20 -7.52
CA SER A 121 10.41 -16.36 -7.40
C SER A 121 11.10 -16.25 -8.76
N GLY A 122 11.55 -17.39 -9.27
CA GLY A 122 12.23 -17.44 -10.55
C GLY A 122 13.63 -16.84 -10.45
N PRO A 123 14.64 -17.69 -10.81
CA PRO A 123 16.03 -17.26 -10.75
C PRO A 123 16.35 -16.32 -11.92
N SER A 124 16.30 -15.03 -11.64
CA SER A 124 16.59 -14.03 -12.65
C SER A 124 16.39 -12.63 -12.06
N SER A 125 17.04 -11.66 -12.70
CA SER A 125 16.95 -10.28 -12.27
C SER A 125 17.02 -9.34 -13.47
N GLY A 126 15.93 -8.61 -13.68
CA GLY A 126 15.87 -7.68 -14.79
C GLY A 126 14.43 -7.48 -15.25
N GLY A 1 -3.08 -14.15 16.72
CA GLY A 1 -1.68 -14.09 17.12
C GLY A 1 -1.14 -15.49 17.45
N SER A 2 -1.64 -16.04 18.54
CA SER A 2 -1.22 -17.36 18.97
C SER A 2 -1.08 -18.29 17.76
N SER A 3 0.16 -18.59 17.42
CA SER A 3 0.44 -19.45 16.29
C SER A 3 1.84 -20.07 16.43
N GLY A 4 2.11 -21.05 15.59
CA GLY A 4 3.39 -21.73 15.61
C GLY A 4 4.53 -20.77 15.27
N SER A 5 5.04 -20.91 14.06
CA SER A 5 6.13 -20.06 13.60
C SER A 5 5.59 -19.01 12.63
N SER A 6 6.36 -17.93 12.48
CA SER A 6 5.98 -16.86 11.60
C SER A 6 6.74 -16.96 10.28
N GLY A 7 6.07 -17.53 9.29
CA GLY A 7 6.68 -17.71 7.98
C GLY A 7 5.61 -18.00 6.92
N GLY A 8 5.14 -16.93 6.28
CA GLY A 8 4.13 -17.06 5.25
C GLY A 8 4.31 -15.99 4.17
N PRO A 9 3.83 -14.76 4.50
CA PRO A 9 3.93 -13.65 3.57
C PRO A 9 5.36 -13.11 3.50
N LYS A 10 5.52 -12.03 2.77
CA LYS A 10 6.83 -11.42 2.61
C LYS A 10 6.78 -9.98 3.13
N THR A 11 7.77 -9.64 3.95
CA THR A 11 7.85 -8.30 4.51
C THR A 11 8.92 -7.48 3.79
N VAL A 12 8.65 -6.18 3.69
CA VAL A 12 9.58 -5.28 3.03
C VAL A 12 9.54 -3.92 3.74
N THR A 13 10.72 -3.43 4.08
CA THR A 13 10.84 -2.15 4.76
C THR A 13 11.43 -1.10 3.80
N LEU A 14 11.18 0.15 4.15
CA LEU A 14 11.67 1.26 3.33
C LEU A 14 12.14 2.39 4.25
N LYS A 15 13.14 3.12 3.77
CA LYS A 15 13.68 4.23 4.53
C LYS A 15 13.78 5.46 3.64
N ARG A 16 12.98 6.47 3.96
CA ARG A 16 12.98 7.70 3.19
C ARG A 16 14.41 8.13 2.87
N THR A 17 14.74 8.07 1.59
CA THR A 17 16.07 8.45 1.13
C THR A 17 15.98 9.59 0.12
N SER A 18 15.03 9.47 -0.79
CA SER A 18 14.83 10.47 -1.82
C SER A 18 13.45 10.30 -2.45
N GLN A 19 12.65 11.35 -2.32
CA GLN A 19 11.30 11.33 -2.88
C GLN A 19 10.45 10.26 -2.19
N GLY A 20 9.25 10.07 -2.72
CA GLY A 20 8.34 9.08 -2.17
C GLY A 20 9.11 7.85 -1.67
N PHE A 21 9.40 6.95 -2.61
CA PHE A 21 10.12 5.73 -2.29
C PHE A 21 10.67 5.07 -3.55
N GLY A 22 11.21 3.88 -3.36
CA GLY A 22 11.78 3.13 -4.47
C GLY A 22 10.68 2.42 -5.27
N PHE A 23 9.44 2.70 -4.90
CA PHE A 23 8.30 2.11 -5.57
C PHE A 23 7.12 3.09 -5.63
N THR A 24 6.09 2.68 -6.35
CA THR A 24 4.91 3.51 -6.51
C THR A 24 3.69 2.65 -6.86
N LEU A 25 2.52 3.19 -6.57
CA LEU A 25 1.28 2.48 -6.86
C LEU A 25 0.58 3.14 -8.05
N ARG A 26 -0.56 2.57 -8.40
CA ARG A 26 -1.33 3.09 -9.52
C ARG A 26 -2.66 3.68 -9.02
N HIS A 27 -2.91 4.92 -9.42
CA HIS A 27 -4.14 5.59 -9.02
C HIS A 27 -5.05 5.77 -10.24
N PHE A 28 -6.31 5.44 -10.05
CA PHE A 28 -7.29 5.56 -11.12
C PHE A 28 -8.71 5.34 -10.59
N ILE A 29 -9.56 4.82 -11.47
CA ILE A 29 -10.94 4.56 -11.11
C ILE A 29 -11.55 5.82 -10.50
N VAL A 30 -12.18 6.61 -11.37
CA VAL A 30 -12.81 7.84 -10.95
C VAL A 30 -14.31 7.60 -10.72
N TYR A 31 -14.88 8.39 -9.82
CA TYR A 31 -16.29 8.26 -9.50
C TYR A 31 -16.92 9.64 -9.31
N PRO A 32 -17.54 10.15 -10.42
CA PRO A 32 -18.19 11.45 -10.37
C PRO A 32 -19.52 11.37 -9.63
N PRO A 33 -19.94 12.55 -9.09
CA PRO A 33 -21.19 12.63 -8.35
C PRO A 33 -22.39 12.58 -9.29
N GLU A 34 -22.47 13.59 -10.15
CA GLU A 34 -23.56 13.68 -11.11
C GLU A 34 -23.32 14.86 -12.07
N SER A 35 -23.09 16.02 -11.48
CA SER A 35 -22.85 17.23 -12.26
C SER A 35 -21.56 17.89 -11.81
N ALA A 36 -21.49 18.15 -10.51
CA ALA A 36 -20.32 18.78 -9.94
C ALA A 36 -19.05 18.09 -10.46
N ILE A 37 -18.37 18.78 -11.36
CA ILE A 37 -17.15 18.25 -11.95
C ILE A 37 -16.13 17.99 -10.84
N GLN A 38 -15.67 16.75 -10.79
CA GLN A 38 -14.69 16.36 -9.79
C GLN A 38 -13.37 17.09 -10.02
N PHE A 39 -12.70 17.39 -8.93
CA PHE A 39 -11.42 18.09 -9.00
C PHE A 39 -10.26 17.15 -8.65
N SER A 40 -9.26 17.16 -9.51
CA SER A 40 -8.10 16.31 -9.31
C SER A 40 -6.87 17.17 -9.06
N TYR A 41 -5.78 16.51 -8.71
CA TYR A 41 -4.52 17.21 -8.44
C TYR A 41 -4.78 18.51 -7.68
N LYS A 42 -3.83 19.43 -7.81
CA LYS A 42 -3.94 20.72 -7.15
C LYS A 42 -4.51 20.52 -5.76
N ASP A 43 -3.67 20.00 -4.87
CA ASP A 43 -4.08 19.75 -3.50
C ASP A 43 -2.95 19.05 -2.75
N GLU A 44 -2.75 19.47 -1.51
CA GLU A 44 -1.71 18.90 -0.68
C GLU A 44 -2.30 18.39 0.63
N GLU A 45 -2.37 17.07 0.74
CA GLU A 45 -2.91 16.44 1.93
C GLU A 45 -4.15 17.19 2.41
N ASN A 46 -4.51 16.95 3.67
CA ASN A 46 -5.66 17.59 4.26
C ASN A 46 -5.86 17.08 5.69
N GLY A 47 -6.86 17.64 6.35
CA GLY A 47 -7.16 17.26 7.72
C GLY A 47 -7.71 15.83 7.78
N ASN A 48 -8.76 15.68 8.58
CA ASN A 48 -9.39 14.37 8.73
C ASN A 48 -10.68 14.52 9.54
N ARG A 49 -11.71 13.80 9.13
CA ARG A 49 -12.99 13.85 9.80
C ARG A 49 -13.92 12.77 9.26
N GLY A 50 -14.70 12.18 10.17
CA GLY A 50 -15.62 11.14 9.79
C GLY A 50 -16.42 11.53 8.55
N GLY A 51 -16.36 10.66 7.54
CA GLY A 51 -17.06 10.91 6.29
C GLY A 51 -17.61 9.60 5.71
N LYS A 52 -18.41 8.92 6.52
CA LYS A 52 -19.01 7.67 6.10
C LYS A 52 -20.53 7.76 6.22
N GLN A 53 -21.15 8.23 5.14
CA GLN A 53 -22.60 8.38 5.11
C GLN A 53 -23.21 7.44 4.07
N ARG A 54 -23.58 6.25 4.52
CA ARG A 54 -24.18 5.26 3.64
C ARG A 54 -23.17 4.83 2.58
N ASN A 55 -22.98 5.69 1.59
CA ASN A 55 -22.06 5.42 0.51
C ASN A 55 -22.71 4.46 -0.48
N ARG A 56 -22.23 4.53 -1.72
CA ARG A 56 -22.76 3.67 -2.78
C ARG A 56 -21.90 2.42 -2.92
N LEU A 57 -22.10 1.74 -4.05
CA LEU A 57 -21.35 0.51 -4.32
C LEU A 57 -19.99 0.89 -4.93
N GLU A 58 -19.14 1.44 -4.08
CA GLU A 58 -17.81 1.85 -4.51
C GLU A 58 -17.20 0.77 -5.40
N PRO A 59 -16.10 1.16 -6.11
CA PRO A 59 -15.41 0.24 -7.00
C PRO A 59 -14.58 -0.77 -6.20
N MET A 60 -13.56 -0.25 -5.53
CA MET A 60 -12.69 -1.08 -4.73
C MET A 60 -11.76 -1.91 -5.61
N ASP A 61 -10.62 -1.32 -5.94
CA ASP A 61 -9.64 -1.99 -6.78
C ASP A 61 -8.40 -2.30 -5.95
N THR A 62 -7.52 -3.12 -6.52
CA THR A 62 -6.30 -3.51 -5.86
C THR A 62 -5.24 -2.40 -5.99
N ILE A 63 -4.16 -2.57 -5.25
CA ILE A 63 -3.07 -1.60 -5.28
C ILE A 63 -2.13 -1.93 -6.43
N PHE A 64 -1.50 -3.08 -6.32
CA PHE A 64 -0.56 -3.52 -7.34
C PHE A 64 0.52 -2.48 -7.58
N VAL A 65 1.74 -2.84 -7.21
CA VAL A 65 2.87 -1.94 -7.37
C VAL A 65 2.96 -1.51 -8.84
N LYS A 66 3.12 -0.21 -9.03
CA LYS A 66 3.23 0.35 -10.36
C LYS A 66 4.61 0.04 -10.94
N GLN A 67 5.62 0.57 -10.27
CA GLN A 67 7.00 0.36 -10.69
C GLN A 67 7.94 0.42 -9.50
N VAL A 68 9.22 0.21 -9.77
CA VAL A 68 10.23 0.23 -8.72
C VAL A 68 11.48 0.94 -9.24
N LYS A 69 11.97 1.87 -8.45
CA LYS A 69 13.15 2.64 -8.81
C LYS A 69 14.39 1.76 -8.60
N GLU A 70 15.28 1.81 -9.58
CA GLU A 70 16.51 1.04 -9.52
C GLU A 70 17.56 1.78 -8.68
N GLY A 71 17.61 1.42 -7.40
CA GLY A 71 18.56 2.03 -6.49
C GLY A 71 17.83 2.78 -5.37
N GLY A 72 16.73 2.20 -4.92
CA GLY A 72 15.94 2.80 -3.86
C GLY A 72 15.78 1.83 -2.69
N PRO A 73 14.86 2.21 -1.76
CA PRO A 73 14.60 1.39 -0.59
C PRO A 73 13.76 0.17 -0.96
N ALA A 74 12.63 0.43 -1.60
CA ALA A 74 11.74 -0.63 -2.01
C ALA A 74 12.52 -1.70 -2.78
N PHE A 75 13.15 -1.25 -3.87
CA PHE A 75 13.94 -2.14 -4.70
C PHE A 75 14.76 -3.10 -3.84
N GLU A 76 15.46 -2.53 -2.87
CA GLU A 76 16.30 -3.32 -1.98
C GLU A 76 15.42 -4.29 -1.17
N ALA A 77 14.44 -3.72 -0.49
CA ALA A 77 13.54 -4.51 0.33
C ALA A 77 13.18 -5.80 -0.41
N GLY A 78 13.14 -5.70 -1.73
CA GLY A 78 12.82 -6.85 -2.56
C GLY A 78 11.55 -6.61 -3.37
N LEU A 79 11.09 -5.36 -3.32
CA LEU A 79 9.88 -4.99 -4.05
C LEU A 79 10.14 -5.07 -5.55
N CYS A 80 9.05 -5.15 -6.31
CA CYS A 80 9.15 -5.25 -7.75
C CYS A 80 7.83 -4.77 -8.35
N THR A 81 7.62 -5.14 -9.61
CA THR A 81 6.40 -4.75 -10.30
C THR A 81 5.43 -5.93 -10.38
N GLY A 82 4.18 -5.66 -10.00
CA GLY A 82 3.16 -6.69 -10.01
C GLY A 82 2.75 -7.08 -8.59
N ASP A 83 3.69 -6.91 -7.67
CA ASP A 83 3.45 -7.24 -6.28
C ASP A 83 2.41 -6.27 -5.71
N ARG A 84 1.32 -6.84 -5.21
CA ARG A 84 0.26 -6.04 -4.63
C ARG A 84 0.45 -5.91 -3.12
N ILE A 85 -0.05 -4.80 -2.58
CA ILE A 85 0.06 -4.55 -1.16
C ILE A 85 -1.14 -5.17 -0.44
N ILE A 86 -0.85 -5.78 0.70
CA ILE A 86 -1.90 -6.41 1.50
C ILE A 86 -1.99 -5.72 2.85
N LYS A 87 -0.82 -5.31 3.35
CA LYS A 87 -0.76 -4.64 4.63
C LYS A 87 0.14 -3.41 4.52
N VAL A 88 0.02 -2.53 5.51
CA VAL A 88 0.81 -1.31 5.52
C VAL A 88 1.11 -0.92 6.97
N ASN A 89 2.39 -0.77 7.26
CA ASN A 89 2.82 -0.40 8.60
C ASN A 89 2.06 -1.25 9.62
N GLY A 90 1.66 -2.43 9.19
CA GLY A 90 0.94 -3.34 10.06
C GLY A 90 -0.41 -2.73 10.48
N GLU A 91 -1.04 -2.05 9.54
CA GLU A 91 -2.32 -1.42 9.80
C GLU A 91 -3.46 -2.26 9.21
N SER A 92 -3.07 -3.29 8.49
CA SER A 92 -4.04 -4.18 7.87
C SER A 92 -4.96 -3.39 6.93
N VAL A 93 -4.62 -3.44 5.66
CA VAL A 93 -5.40 -2.73 4.65
C VAL A 93 -6.37 -3.71 3.97
N ILE A 94 -6.72 -4.74 4.72
CA ILE A 94 -7.64 -5.75 4.20
C ILE A 94 -8.99 -5.10 3.91
N GLY A 95 -9.33 -4.12 4.72
CA GLY A 95 -10.59 -3.41 4.56
C GLY A 95 -10.36 -1.92 4.34
N LYS A 96 -9.29 -1.61 3.63
CA LYS A 96 -8.94 -0.22 3.34
C LYS A 96 -8.87 -0.02 1.83
N THR A 97 -9.07 1.23 1.41
CA THR A 97 -9.02 1.56 0.01
C THR A 97 -7.71 2.29 -0.33
N TYR A 98 -7.47 2.42 -1.62
CA TYR A 98 -6.26 3.08 -2.08
C TYR A 98 -6.08 4.44 -1.39
N SER A 99 -7.05 5.31 -1.60
CA SER A 99 -7.01 6.63 -0.99
C SER A 99 -6.60 6.53 0.47
N GLN A 100 -7.05 5.45 1.11
CA GLN A 100 -6.75 5.22 2.51
C GLN A 100 -5.27 4.88 2.68
N VAL A 101 -4.92 3.69 2.25
CA VAL A 101 -3.53 3.24 2.35
C VAL A 101 -2.60 4.34 1.85
N ILE A 102 -3.04 5.00 0.79
CA ILE A 102 -2.26 6.08 0.21
C ILE A 102 -1.79 7.02 1.31
N ALA A 103 -2.74 7.51 2.08
CA ALA A 103 -2.44 8.41 3.17
C ALA A 103 -1.47 7.73 4.14
N LEU A 104 -1.77 6.47 4.44
CA LEU A 104 -0.94 5.70 5.34
C LEU A 104 0.51 5.76 4.87
N ILE A 105 0.68 5.73 3.56
CA ILE A 105 2.01 5.79 2.97
C ILE A 105 2.55 7.21 3.08
N GLN A 106 1.71 8.16 2.72
CA GLN A 106 2.10 9.57 2.78
C GLN A 106 2.37 9.99 4.22
N ASN A 107 1.75 9.26 5.14
CA ASN A 107 1.91 9.55 6.56
C ASN A 107 2.64 8.38 7.22
N SER A 108 3.41 7.66 6.43
CA SER A 108 4.16 6.53 6.93
C SER A 108 5.41 7.01 7.67
N ASP A 109 5.70 8.29 7.49
CA ASP A 109 6.86 8.88 8.14
C ASP A 109 8.13 8.44 7.42
N THR A 110 9.26 8.84 7.97
CA THR A 110 10.55 8.49 7.39
C THR A 110 10.51 7.07 6.84
N THR A 111 10.27 6.12 7.73
CA THR A 111 10.21 4.72 7.35
C THR A 111 8.80 4.36 6.89
N LEU A 112 8.71 3.23 6.20
CA LEU A 112 7.43 2.77 5.69
C LEU A 112 7.53 1.27 5.39
N GLU A 113 6.84 0.48 6.21
CA GLU A 113 6.84 -0.96 6.05
C GLU A 113 5.70 -1.39 5.14
N LEU A 114 6.03 -2.21 4.16
CA LEU A 114 5.04 -2.71 3.22
C LEU A 114 4.87 -4.22 3.40
N SER A 115 3.80 -4.74 2.81
CA SER A 115 3.51 -6.16 2.90
C SER A 115 2.92 -6.66 1.59
N VAL A 116 3.52 -7.70 1.05
CA VAL A 116 3.05 -8.29 -0.19
C VAL A 116 3.01 -9.80 -0.06
N MET A 117 2.84 -10.47 -1.20
CA MET A 117 2.79 -11.91 -1.23
C MET A 117 2.99 -12.45 -2.64
N PRO A 118 4.12 -12.01 -3.27
CA PRO A 118 4.44 -12.43 -4.62
C PRO A 118 4.94 -13.88 -4.64
N LYS A 119 5.41 -14.29 -5.81
CA LYS A 119 5.93 -15.64 -5.97
C LYS A 119 6.92 -15.67 -7.13
N ASP A 120 6.37 -15.65 -8.34
CA ASP A 120 7.20 -15.68 -9.54
C ASP A 120 8.11 -14.44 -9.54
N SER A 121 9.35 -14.67 -9.13
CA SER A 121 10.33 -13.60 -9.09
C SER A 121 11.48 -13.89 -10.05
N GLY A 122 12.30 -12.88 -10.28
CA GLY A 122 13.43 -13.01 -11.18
C GLY A 122 13.79 -11.67 -11.81
N PRO A 123 14.97 -11.13 -11.42
CA PRO A 123 15.44 -9.87 -11.94
C PRO A 123 15.95 -10.03 -13.37
N SER A 124 15.99 -8.90 -14.08
CA SER A 124 16.46 -8.90 -15.45
C SER A 124 17.15 -7.57 -15.77
N SER A 125 17.95 -7.59 -16.82
CA SER A 125 18.67 -6.40 -17.24
C SER A 125 19.57 -5.91 -16.10
N GLY A 126 20.63 -5.20 -16.49
CA GLY A 126 21.56 -4.67 -15.52
C GLY A 126 21.05 -3.35 -14.94
N GLY A 1 -5.50 -8.04 23.47
CA GLY A 1 -4.79 -9.19 22.96
C GLY A 1 -3.28 -8.90 22.82
N SER A 2 -2.97 -8.02 21.88
CA SER A 2 -1.59 -7.64 21.65
C SER A 2 -0.75 -8.89 21.39
N SER A 3 -0.62 -9.23 20.11
CA SER A 3 0.15 -10.39 19.72
C SER A 3 0.23 -10.48 18.19
N GLY A 4 1.22 -11.23 17.72
CA GLY A 4 1.41 -11.40 16.29
C GLY A 4 2.50 -12.44 16.01
N SER A 5 2.74 -12.66 14.73
CA SER A 5 3.76 -13.62 14.31
C SER A 5 3.98 -13.51 12.80
N SER A 6 5.03 -14.17 12.34
CA SER A 6 5.36 -14.16 10.93
C SER A 6 5.64 -15.59 10.45
N GLY A 7 5.55 -15.77 9.14
CA GLY A 7 5.79 -17.08 8.54
C GLY A 7 4.69 -17.42 7.53
N GLY A 8 5.01 -17.18 6.26
CA GLY A 8 4.08 -17.46 5.19
C GLY A 8 3.99 -16.28 4.22
N PRO A 9 3.59 -15.10 4.76
CA PRO A 9 3.47 -13.91 3.96
C PRO A 9 4.85 -13.32 3.63
N LYS A 10 4.84 -12.08 3.16
CA LYS A 10 6.08 -11.40 2.80
C LYS A 10 6.08 -10.01 3.42
N THR A 11 7.27 -9.60 3.86
CA THR A 11 7.42 -8.29 4.47
C THR A 11 8.57 -7.53 3.80
N VAL A 12 8.34 -6.23 3.61
CA VAL A 12 9.34 -5.38 2.99
C VAL A 12 9.30 -4.01 3.63
N THR A 13 10.44 -3.60 4.16
CA THR A 13 10.56 -2.30 4.81
C THR A 13 11.13 -1.27 3.84
N LEU A 14 10.86 -0.01 4.15
CA LEU A 14 11.34 1.09 3.31
C LEU A 14 11.70 2.28 4.21
N LYS A 15 12.45 3.20 3.62
CA LYS A 15 12.86 4.39 4.35
C LYS A 15 12.41 5.64 3.58
N ARG A 16 11.76 6.54 4.31
CA ARG A 16 11.28 7.77 3.72
C ARG A 16 12.35 8.38 2.82
N THR A 17 12.07 8.38 1.53
CA THR A 17 12.99 8.95 0.55
C THR A 17 12.29 9.95 -0.34
N SER A 18 12.99 10.36 -1.38
CA SER A 18 12.44 11.33 -2.32
C SER A 18 11.08 10.85 -2.83
N GLN A 19 10.55 11.59 -3.79
CA GLN A 19 9.26 11.25 -4.38
C GLN A 19 9.23 9.77 -4.75
N GLY A 20 8.55 8.99 -3.92
CA GLY A 20 8.43 7.57 -4.16
C GLY A 20 9.43 6.78 -3.30
N PHE A 21 8.93 5.70 -2.72
CA PHE A 21 9.76 4.86 -1.86
C PHE A 21 10.42 3.75 -2.69
N GLY A 22 10.88 4.12 -3.87
CA GLY A 22 11.52 3.16 -4.76
C GLY A 22 10.49 2.34 -5.53
N PHE A 23 9.25 2.80 -5.46
CA PHE A 23 8.16 2.12 -6.16
C PHE A 23 6.89 2.98 -6.16
N THR A 24 5.91 2.54 -6.93
CA THR A 24 4.66 3.26 -7.04
C THR A 24 3.49 2.27 -7.20
N LEU A 25 2.30 2.77 -6.93
CA LEU A 25 1.10 1.95 -7.04
C LEU A 25 0.28 2.41 -8.25
N ARG A 26 -0.83 1.72 -8.46
CA ARG A 26 -1.71 2.05 -9.57
C ARG A 26 -3.16 1.69 -9.22
N HIS A 27 -4.05 2.02 -10.14
CA HIS A 27 -5.46 1.74 -9.94
C HIS A 27 -6.01 2.64 -8.83
N PHE A 28 -6.98 3.46 -9.19
CA PHE A 28 -7.59 4.36 -8.24
C PHE A 28 -9.12 4.18 -8.20
N ILE A 29 -9.54 2.97 -8.52
CA ILE A 29 -10.95 2.64 -8.53
C ILE A 29 -11.47 2.58 -7.09
N VAL A 30 -11.87 3.73 -6.58
CA VAL A 30 -12.39 3.81 -5.23
C VAL A 30 -13.91 3.75 -5.26
N TYR A 31 -14.50 3.60 -4.07
CA TYR A 31 -15.94 3.53 -3.96
C TYR A 31 -16.40 4.00 -2.57
N PRO A 32 -16.07 5.28 -2.26
CA PRO A 32 -16.44 5.85 -0.97
C PRO A 32 -17.94 6.19 -0.94
N PRO A 33 -18.44 6.44 0.31
CA PRO A 33 -19.84 6.77 0.49
C PRO A 33 -20.11 8.22 0.05
N GLU A 34 -21.29 8.69 0.43
CA GLU A 34 -21.70 10.04 0.08
C GLU A 34 -20.98 11.06 0.98
N SER A 35 -21.24 10.93 2.28
CA SER A 35 -20.64 11.83 3.25
C SER A 35 -19.95 11.01 4.35
N ALA A 36 -20.73 10.17 5.00
CA ALA A 36 -20.22 9.33 6.07
C ALA A 36 -19.54 10.22 7.12
N ILE A 37 -19.15 9.59 8.21
CA ILE A 37 -18.50 10.30 9.30
C ILE A 37 -16.99 10.35 9.03
N GLN A 38 -16.42 11.53 9.24
CA GLN A 38 -14.99 11.73 9.02
C GLN A 38 -14.19 10.67 9.79
N PHE A 39 -14.54 10.51 11.06
CA PHE A 39 -13.86 9.55 11.91
C PHE A 39 -14.48 9.51 13.30
N SER A 40 -14.28 8.39 13.99
CA SER A 40 -14.81 8.22 15.33
C SER A 40 -14.22 6.97 15.97
N TYR A 41 -13.17 7.17 16.75
CA TYR A 41 -12.50 6.07 17.42
C TYR A 41 -11.50 6.59 18.44
N LYS A 42 -11.29 5.77 19.48
CA LYS A 42 -10.35 6.13 20.54
C LYS A 42 -8.93 5.77 20.10
N ASP A 43 -8.00 5.96 21.03
CA ASP A 43 -6.61 5.65 20.75
C ASP A 43 -6.17 4.48 21.62
N GLU A 44 -6.23 4.70 22.93
CA GLU A 44 -5.84 3.68 23.88
C GLU A 44 -7.07 3.14 24.62
N GLU A 45 -7.57 3.97 25.54
CA GLU A 45 -8.73 3.59 26.33
C GLU A 45 -9.88 3.17 25.40
N ASN A 46 -10.46 2.02 25.72
CA ASN A 46 -11.56 1.50 24.93
C ASN A 46 -11.10 1.29 23.49
N GLY A 47 -11.94 0.63 22.72
CA GLY A 47 -11.64 0.36 21.33
C GLY A 47 -12.28 -0.94 20.85
N ASN A 48 -13.41 -0.79 20.18
CA ASN A 48 -14.14 -1.94 19.67
C ASN A 48 -15.40 -1.45 18.94
N ARG A 49 -15.26 -1.27 17.63
CA ARG A 49 -16.37 -0.82 16.82
C ARG A 49 -16.46 -1.66 15.54
N GLY A 50 -17.56 -1.45 14.82
CA GLY A 50 -17.78 -2.18 13.58
C GLY A 50 -19.11 -1.76 12.93
N GLY A 51 -19.28 -2.20 11.69
CA GLY A 51 -20.48 -1.87 10.95
C GLY A 51 -20.49 -2.56 9.59
N LYS A 52 -19.62 -2.08 8.70
CA LYS A 52 -19.52 -2.63 7.37
C LYS A 52 -20.83 -2.39 6.62
N GLN A 53 -21.80 -3.24 6.91
CA GLN A 53 -23.10 -3.13 6.26
C GLN A 53 -22.97 -3.29 4.76
N ARG A 54 -24.11 -3.31 4.08
CA ARG A 54 -24.13 -3.45 2.63
C ARG A 54 -23.56 -4.81 2.23
N ASN A 55 -23.71 -5.13 0.95
CA ASN A 55 -23.22 -6.40 0.43
C ASN A 55 -22.36 -6.12 -0.80
N ARG A 56 -21.05 -6.18 -0.59
CA ARG A 56 -20.10 -5.94 -1.67
C ARG A 56 -18.67 -6.09 -1.16
N LEU A 57 -17.83 -6.67 -1.99
CA LEU A 57 -16.44 -6.88 -1.64
C LEU A 57 -15.56 -5.99 -2.53
N GLU A 58 -16.17 -4.94 -3.05
CA GLU A 58 -15.45 -4.00 -3.91
C GLU A 58 -15.09 -4.68 -5.23
N PRO A 59 -14.72 -3.84 -6.23
CA PRO A 59 -14.35 -4.34 -7.54
C PRO A 59 -12.95 -4.96 -7.51
N MET A 60 -12.02 -4.23 -6.91
CA MET A 60 -10.65 -4.70 -6.80
C MET A 60 -10.02 -4.25 -5.48
N ASP A 61 -9.88 -2.93 -5.34
CA ASP A 61 -9.30 -2.37 -4.14
C ASP A 61 -7.93 -3.00 -3.89
N THR A 62 -7.29 -3.40 -4.99
CA THR A 62 -5.98 -4.01 -4.90
C THR A 62 -4.89 -2.96 -5.02
N ILE A 63 -3.69 -3.33 -4.59
CA ILE A 63 -2.55 -2.42 -4.64
C ILE A 63 -1.39 -3.12 -5.35
N PHE A 64 -1.49 -3.16 -6.67
CA PHE A 64 -0.46 -3.79 -7.48
C PHE A 64 0.68 -2.81 -7.77
N VAL A 65 1.89 -3.23 -7.42
CA VAL A 65 3.06 -2.40 -7.63
C VAL A 65 3.13 -2.00 -9.10
N LYS A 66 3.17 -0.69 -9.33
CA LYS A 66 3.24 -0.15 -10.67
C LYS A 66 4.67 -0.30 -11.21
N GLN A 67 5.61 0.24 -10.44
CA GLN A 67 7.00 0.17 -10.83
C GLN A 67 7.90 0.14 -9.59
N VAL A 68 9.20 0.09 -9.83
CA VAL A 68 10.16 0.06 -8.74
C VAL A 68 11.42 0.82 -9.16
N LYS A 69 11.62 1.97 -8.53
CA LYS A 69 12.78 2.79 -8.81
C LYS A 69 14.03 1.91 -8.87
N GLU A 70 15.12 2.52 -9.32
CA GLU A 70 16.38 1.81 -9.42
C GLU A 70 17.41 2.40 -8.46
N GLY A 71 17.40 1.88 -7.24
CA GLY A 71 18.32 2.35 -6.23
C GLY A 71 17.58 3.02 -5.07
N GLY A 72 16.35 2.56 -4.86
CA GLY A 72 15.53 3.10 -3.79
C GLY A 72 15.37 2.09 -2.65
N PRO A 73 14.39 2.40 -1.75
CA PRO A 73 14.14 1.53 -0.61
C PRO A 73 13.38 0.27 -1.04
N ALA A 74 12.34 0.49 -1.82
CA ALA A 74 11.52 -0.61 -2.31
C ALA A 74 12.41 -1.59 -3.09
N PHE A 75 13.25 -1.01 -3.94
CA PHE A 75 14.15 -1.81 -4.75
C PHE A 75 15.04 -2.70 -3.87
N GLU A 76 15.56 -2.10 -2.82
CA GLU A 76 16.42 -2.81 -1.89
C GLU A 76 15.60 -3.80 -1.06
N ALA A 77 14.52 -3.30 -0.51
CA ALA A 77 13.64 -4.12 0.31
C ALA A 77 13.44 -5.48 -0.38
N GLY A 78 13.55 -5.46 -1.69
CA GLY A 78 13.38 -6.67 -2.47
C GLY A 78 12.07 -6.65 -3.26
N LEU A 79 11.46 -5.46 -3.30
CA LEU A 79 10.22 -5.28 -4.00
C LEU A 79 10.44 -5.51 -5.51
N CYS A 80 9.39 -5.30 -6.27
CA CYS A 80 9.46 -5.48 -7.72
C CYS A 80 8.10 -5.12 -8.31
N THR A 81 7.89 -5.58 -9.53
CA THR A 81 6.64 -5.32 -10.22
C THR A 81 5.74 -6.56 -10.21
N GLY A 82 4.48 -6.34 -9.87
CA GLY A 82 3.52 -7.43 -9.82
C GLY A 82 3.11 -7.71 -8.37
N ASP A 83 4.02 -7.41 -7.46
CA ASP A 83 3.77 -7.63 -6.05
C ASP A 83 2.70 -6.66 -5.56
N ARG A 84 1.59 -7.22 -5.11
CA ARG A 84 0.48 -6.41 -4.62
C ARG A 84 0.59 -6.25 -3.10
N ILE A 85 0.09 -5.11 -2.63
CA ILE A 85 0.13 -4.82 -1.21
C ILE A 85 -1.13 -5.38 -0.55
N ILE A 86 -0.95 -5.85 0.68
CA ILE A 86 -2.06 -6.42 1.43
C ILE A 86 -2.24 -5.64 2.74
N LYS A 87 -1.10 -5.35 3.37
CA LYS A 87 -1.12 -4.62 4.63
C LYS A 87 -0.17 -3.43 4.52
N VAL A 88 -0.34 -2.50 5.46
CA VAL A 88 0.49 -1.31 5.49
C VAL A 88 0.77 -0.92 6.94
N ASN A 89 2.06 -0.79 7.25
CA ASN A 89 2.47 -0.44 8.59
C ASN A 89 1.73 -1.31 9.60
N GLY A 90 1.32 -2.48 9.13
CA GLY A 90 0.60 -3.42 9.98
C GLY A 90 -0.77 -2.85 10.39
N GLU A 91 -1.34 -2.05 9.50
CA GLU A 91 -2.63 -1.45 9.76
C GLU A 91 -3.74 -2.26 9.09
N SER A 92 -3.37 -2.93 8.00
CA SER A 92 -4.32 -3.74 7.27
C SER A 92 -5.28 -2.84 6.48
N VAL A 93 -5.56 -3.27 5.25
CA VAL A 93 -6.45 -2.52 4.39
C VAL A 93 -7.88 -3.00 4.59
N ILE A 94 -8.23 -3.24 5.84
CA ILE A 94 -9.56 -3.70 6.18
C ILE A 94 -10.56 -2.56 6.02
N GLY A 95 -11.27 -2.59 4.90
CA GLY A 95 -12.26 -1.56 4.62
C GLY A 95 -11.63 -0.41 3.83
N LYS A 96 -10.35 -0.20 4.06
CA LYS A 96 -9.62 0.86 3.39
C LYS A 96 -9.99 0.85 1.91
N THR A 97 -9.71 1.98 1.26
CA THR A 97 -10.00 2.12 -0.16
C THR A 97 -8.80 2.68 -0.90
N TYR A 98 -7.70 1.94 -0.82
CA TYR A 98 -6.47 2.35 -1.48
C TYR A 98 -6.03 3.74 -1.01
N SER A 99 -6.69 4.74 -1.57
CA SER A 99 -6.38 6.12 -1.22
C SER A 99 -6.06 6.22 0.27
N GLN A 100 -6.70 5.37 1.05
CA GLN A 100 -6.49 5.35 2.48
C GLN A 100 -5.05 4.95 2.81
N VAL A 101 -4.72 3.72 2.42
CA VAL A 101 -3.38 3.20 2.66
C VAL A 101 -2.35 4.18 2.10
N ILE A 102 -2.69 4.77 0.96
CA ILE A 102 -1.82 5.73 0.32
C ILE A 102 -1.32 6.74 1.35
N ALA A 103 -2.28 7.30 2.09
CA ALA A 103 -1.96 8.28 3.11
C ALA A 103 -0.94 7.70 4.08
N LEU A 104 -1.23 6.47 4.52
CA LEU A 104 -0.35 5.78 5.45
C LEU A 104 1.08 5.82 4.91
N ILE A 105 1.20 5.59 3.60
CA ILE A 105 2.49 5.58 2.95
C ILE A 105 3.08 6.99 3.00
N GLN A 106 2.25 7.97 2.64
CA GLN A 106 2.68 9.35 2.63
C GLN A 106 3.12 9.77 4.03
N ASN A 107 2.37 9.31 5.02
CA ASN A 107 2.67 9.63 6.40
C ASN A 107 3.42 8.46 7.05
N SER A 108 4.04 7.65 6.20
CA SER A 108 4.77 6.49 6.67
C SER A 108 5.75 6.91 7.77
N ASP A 109 6.08 8.19 7.77
CA ASP A 109 7.00 8.73 8.76
C ASP A 109 8.44 8.41 8.34
N THR A 110 9.30 8.30 9.33
CA THR A 110 10.71 8.00 9.08
C THR A 110 10.83 6.92 8.01
N THR A 111 10.28 5.75 8.31
CA THR A 111 10.33 4.63 7.40
C THR A 111 8.92 4.25 6.95
N LEU A 112 8.86 3.38 5.95
CA LEU A 112 7.58 2.92 5.43
C LEU A 112 7.63 1.40 5.25
N GLU A 113 6.83 0.72 6.06
CA GLU A 113 6.76 -0.73 6.00
C GLU A 113 5.61 -1.17 5.09
N LEU A 114 5.92 -2.14 4.23
CA LEU A 114 4.94 -2.66 3.30
C LEU A 114 4.74 -4.15 3.55
N SER A 115 3.61 -4.65 3.09
CA SER A 115 3.29 -6.06 3.25
C SER A 115 2.77 -6.65 1.94
N VAL A 116 3.44 -7.69 1.47
CA VAL A 116 3.05 -8.33 0.24
C VAL A 116 2.94 -9.85 0.47
N MET A 117 2.88 -10.58 -0.63
CA MET A 117 2.77 -12.03 -0.56
C MET A 117 3.05 -12.67 -1.92
N PRO A 118 4.25 -12.33 -2.46
CA PRO A 118 4.65 -12.86 -3.76
C PRO A 118 5.09 -14.33 -3.63
N LYS A 119 5.26 -14.96 -4.79
CA LYS A 119 5.66 -16.35 -4.83
C LYS A 119 6.66 -16.56 -5.97
N ASP A 120 6.17 -16.31 -7.18
CA ASP A 120 7.00 -16.47 -8.36
C ASP A 120 8.31 -15.72 -8.16
N SER A 121 9.40 -16.46 -8.23
CA SER A 121 10.72 -15.87 -8.06
C SER A 121 11.38 -15.68 -9.42
N GLY A 122 12.53 -15.01 -9.39
CA GLY A 122 13.27 -14.75 -10.62
C GLY A 122 14.74 -14.44 -10.32
N PRO A 123 15.62 -14.79 -11.30
CA PRO A 123 17.04 -14.56 -11.15
C PRO A 123 17.38 -13.08 -11.32
N SER A 124 18.34 -12.63 -10.52
CA SER A 124 18.76 -11.23 -10.57
C SER A 124 19.97 -11.09 -11.50
N SER A 125 19.70 -10.62 -12.71
CA SER A 125 20.74 -10.42 -13.69
C SER A 125 21.60 -9.21 -13.32
N GLY A 126 22.74 -9.09 -13.99
CA GLY A 126 23.65 -8.00 -13.74
C GLY A 126 24.64 -7.82 -14.90
N GLY A 1 8.63 -8.80 17.49
CA GLY A 1 8.26 -10.13 17.94
C GLY A 1 9.49 -10.98 18.24
N SER A 2 9.50 -11.56 19.42
CA SER A 2 10.61 -12.40 19.84
C SER A 2 10.27 -13.88 19.64
N SER A 3 10.41 -14.31 18.39
CA SER A 3 10.11 -15.69 18.05
C SER A 3 10.65 -16.01 16.65
N GLY A 4 11.42 -17.08 16.57
CA GLY A 4 12.00 -17.49 15.30
C GLY A 4 10.98 -18.28 14.47
N SER A 5 10.30 -17.55 13.60
CA SER A 5 9.30 -18.16 12.74
C SER A 5 8.96 -17.21 11.58
N SER A 6 8.81 -17.80 10.41
CA SER A 6 8.47 -17.02 9.22
C SER A 6 8.00 -17.94 8.11
N GLY A 7 7.16 -17.38 7.24
CA GLY A 7 6.62 -18.15 6.13
C GLY A 7 5.15 -17.77 5.86
N GLY A 8 4.89 -17.42 4.61
CA GLY A 8 3.54 -17.04 4.23
C GLY A 8 3.50 -15.60 3.70
N PRO A 9 3.27 -14.66 4.65
CA PRO A 9 3.21 -13.24 4.29
C PRO A 9 4.61 -12.69 4.03
N LYS A 10 4.64 -11.53 3.37
CA LYS A 10 5.90 -10.89 3.06
C LYS A 10 5.92 -9.49 3.66
N THR A 11 7.10 -9.10 4.13
CA THR A 11 7.26 -7.78 4.74
C THR A 11 8.46 -7.06 4.12
N VAL A 12 8.27 -5.78 3.88
CA VAL A 12 9.32 -4.96 3.29
C VAL A 12 9.30 -3.58 3.94
N THR A 13 10.50 -3.08 4.25
CA THR A 13 10.63 -1.78 4.88
C THR A 13 11.21 -0.77 3.88
N LEU A 14 10.91 0.49 4.12
CA LEU A 14 11.40 1.56 3.26
C LEU A 14 11.86 2.73 4.12
N LYS A 15 12.82 3.48 3.58
CA LYS A 15 13.35 4.63 4.29
C LYS A 15 13.41 5.83 3.33
N ARG A 16 12.60 6.83 3.64
CA ARG A 16 12.55 8.02 2.83
C ARG A 16 13.96 8.40 2.35
N THR A 17 14.16 8.30 1.05
CA THR A 17 15.44 8.62 0.45
C THR A 17 15.26 9.06 -1.00
N SER A 18 14.10 9.64 -1.27
CA SER A 18 13.78 10.11 -2.61
C SER A 18 12.48 10.90 -2.60
N GLN A 19 12.02 11.24 -3.79
CA GLN A 19 10.78 11.99 -3.94
C GLN A 19 9.71 11.42 -3.00
N GLY A 20 9.43 10.14 -3.18
CA GLY A 20 8.43 9.47 -2.37
C GLY A 20 9.07 8.37 -1.51
N PHE A 21 9.65 7.40 -2.18
CA PHE A 21 10.28 6.29 -1.49
C PHE A 21 11.14 5.46 -2.46
N GLY A 22 10.47 4.64 -3.24
CA GLY A 22 11.16 3.79 -4.20
C GLY A 22 10.17 2.84 -4.88
N PHE A 23 8.99 3.35 -5.14
CA PHE A 23 7.95 2.55 -5.79
C PHE A 23 6.70 3.39 -6.04
N THR A 24 5.68 2.72 -6.58
CA THR A 24 4.42 3.39 -6.87
C THR A 24 3.29 2.36 -6.96
N LEU A 25 2.07 2.87 -6.86
CA LEU A 25 0.89 2.02 -6.93
C LEU A 25 0.08 2.38 -8.17
N ARG A 26 -0.99 1.64 -8.37
CA ARG A 26 -1.87 1.86 -9.51
C ARG A 26 -3.33 1.75 -9.09
N HIS A 27 -4.18 2.48 -9.80
CA HIS A 27 -5.60 2.48 -9.52
C HIS A 27 -6.26 3.69 -10.19
N PHE A 28 -7.59 3.66 -10.20
CA PHE A 28 -8.35 4.74 -10.79
C PHE A 28 -9.84 4.41 -10.83
N ILE A 29 -10.12 3.12 -11.00
CA ILE A 29 -11.50 2.67 -11.05
C ILE A 29 -12.25 3.16 -9.81
N VAL A 30 -12.93 4.28 -9.98
CA VAL A 30 -13.69 4.87 -8.88
C VAL A 30 -15.10 4.31 -8.89
N TYR A 31 -15.64 4.11 -7.69
CA TYR A 31 -16.98 3.59 -7.54
C TYR A 31 -17.84 4.49 -6.66
N PRO A 32 -18.10 5.71 -7.17
CA PRO A 32 -18.90 6.68 -6.44
C PRO A 32 -20.39 6.31 -6.48
N PRO A 33 -21.17 6.95 -5.57
CA PRO A 33 -22.60 6.69 -5.50
C PRO A 33 -23.33 7.37 -6.66
N GLU A 34 -22.86 7.09 -7.86
CA GLU A 34 -23.46 7.66 -9.06
C GLU A 34 -23.35 9.19 -9.02
N SER A 35 -24.21 9.80 -8.20
CA SER A 35 -24.22 11.24 -8.07
C SER A 35 -23.97 11.64 -6.61
N ALA A 36 -23.00 12.51 -6.43
CA ALA A 36 -22.66 12.98 -5.10
C ALA A 36 -21.48 13.95 -5.19
N ILE A 37 -21.18 14.59 -4.06
CA ILE A 37 -20.08 15.54 -4.00
C ILE A 37 -18.82 14.89 -4.57
N GLN A 38 -18.17 15.63 -5.45
CA GLN A 38 -16.94 15.14 -6.07
C GLN A 38 -15.91 14.78 -5.01
N PHE A 39 -15.78 15.67 -4.03
CA PHE A 39 -14.83 15.46 -2.95
C PHE A 39 -14.89 16.60 -1.94
N SER A 40 -15.11 16.25 -0.68
CA SER A 40 -15.18 17.23 0.38
C SER A 40 -14.15 16.91 1.47
N TYR A 41 -13.14 17.76 1.54
CA TYR A 41 -12.08 17.58 2.51
C TYR A 41 -12.29 18.50 3.72
N LYS A 42 -12.10 17.93 4.90
CA LYS A 42 -12.27 18.69 6.13
C LYS A 42 -10.90 19.03 6.70
N ASP A 43 -10.14 17.99 7.02
CA ASP A 43 -8.81 18.17 7.56
C ASP A 43 -8.16 16.81 7.80
N GLU A 44 -8.87 15.97 8.54
CA GLU A 44 -8.39 14.63 8.84
C GLU A 44 -9.29 13.59 8.20
N GLU A 45 -8.82 13.05 7.08
CA GLU A 45 -9.58 12.04 6.36
C GLU A 45 -9.80 10.81 7.25
N ASN A 46 -11.05 10.41 7.35
CA ASN A 46 -11.40 9.26 8.15
C ASN A 46 -12.68 8.62 7.59
N GLY A 47 -12.55 7.37 7.17
CA GLY A 47 -13.68 6.64 6.63
C GLY A 47 -14.94 6.87 7.45
N ASN A 48 -16.07 6.53 6.85
CA ASN A 48 -17.36 6.70 7.51
C ASN A 48 -18.48 6.30 6.56
N ARG A 49 -18.47 6.94 5.39
CA ARG A 49 -19.48 6.67 4.39
C ARG A 49 -19.50 5.18 4.04
N GLY A 50 -20.52 4.78 3.31
CA GLY A 50 -20.67 3.38 2.91
C GLY A 50 -20.80 3.26 1.39
N GLY A 51 -22.03 3.00 0.96
CA GLY A 51 -22.32 2.85 -0.46
C GLY A 51 -23.75 2.34 -0.69
N LYS A 52 -24.11 2.25 -1.95
CA LYS A 52 -25.44 1.78 -2.32
C LYS A 52 -25.32 0.71 -3.40
N GLN A 53 -24.83 1.12 -4.56
CA GLN A 53 -24.66 0.21 -5.68
C GLN A 53 -23.79 -0.97 -5.26
N ARG A 54 -23.81 -2.00 -6.09
CA ARG A 54 -23.03 -3.20 -5.83
C ARG A 54 -23.23 -4.22 -6.94
N ASN A 55 -22.13 -4.80 -7.38
CA ASN A 55 -22.17 -5.81 -8.44
C ASN A 55 -21.68 -7.14 -7.89
N ARG A 56 -20.51 -7.10 -7.26
CA ARG A 56 -19.93 -8.30 -6.68
C ARG A 56 -19.11 -7.95 -5.44
N LEU A 57 -19.70 -7.12 -4.59
CA LEU A 57 -19.03 -6.70 -3.38
C LEU A 57 -17.82 -5.83 -3.73
N GLU A 58 -18.11 -4.62 -4.18
CA GLU A 58 -17.06 -3.69 -4.55
C GLU A 58 -16.16 -4.31 -5.62
N PRO A 59 -15.38 -3.42 -6.29
CA PRO A 59 -14.47 -3.87 -7.33
C PRO A 59 -13.24 -4.55 -6.75
N MET A 60 -12.21 -4.63 -7.56
CA MET A 60 -10.96 -5.26 -7.12
C MET A 60 -10.05 -4.24 -6.45
N ASP A 61 -10.43 -3.86 -5.23
CA ASP A 61 -9.65 -2.89 -4.46
C ASP A 61 -8.25 -3.45 -4.24
N THR A 62 -7.40 -3.24 -5.24
CA THR A 62 -6.02 -3.71 -5.16
C THR A 62 -5.05 -2.55 -5.35
N ILE A 63 -3.79 -2.81 -5.04
CA ILE A 63 -2.76 -1.80 -5.17
C ILE A 63 -1.87 -2.15 -6.38
N PHE A 64 -1.19 -3.28 -6.26
CA PHE A 64 -0.30 -3.73 -7.32
C PHE A 64 0.76 -2.68 -7.63
N VAL A 65 2.01 -3.07 -7.41
CA VAL A 65 3.13 -2.18 -7.66
C VAL A 65 3.32 -2.01 -9.17
N LYS A 66 3.32 -0.75 -9.59
CA LYS A 66 3.49 -0.43 -11.00
C LYS A 66 4.98 -0.50 -11.35
N GLN A 67 5.76 0.29 -10.64
CA GLN A 67 7.20 0.33 -10.88
C GLN A 67 7.95 0.30 -9.54
N VAL A 68 9.28 0.25 -9.65
CA VAL A 68 10.12 0.22 -8.47
C VAL A 68 11.50 0.81 -8.82
N LYS A 69 11.79 1.95 -8.22
CA LYS A 69 13.06 2.62 -8.46
C LYS A 69 14.17 1.56 -8.52
N GLU A 70 15.05 1.74 -9.50
CA GLU A 70 16.16 0.82 -9.69
C GLU A 70 17.38 1.29 -8.89
N GLY A 71 17.54 0.69 -7.72
CA GLY A 71 18.67 1.03 -6.86
C GLY A 71 18.20 1.89 -5.67
N GLY A 72 16.98 1.60 -5.22
CA GLY A 72 16.40 2.33 -4.10
C GLY A 72 16.09 1.39 -2.95
N PRO A 73 15.15 1.85 -2.07
CA PRO A 73 14.76 1.05 -0.92
C PRO A 73 13.84 -0.10 -1.34
N ALA A 74 12.65 0.26 -1.81
CA ALA A 74 11.69 -0.73 -2.24
C ALA A 74 12.41 -1.84 -3.00
N PHE A 75 13.28 -1.43 -3.91
CA PHE A 75 14.04 -2.38 -4.71
C PHE A 75 14.79 -3.37 -3.82
N GLU A 76 15.59 -2.82 -2.92
CA GLU A 76 16.36 -3.64 -2.01
C GLU A 76 15.43 -4.40 -1.06
N ALA A 77 14.46 -3.67 -0.53
CA ALA A 77 13.50 -4.26 0.39
C ALA A 77 13.03 -5.60 -0.17
N GLY A 78 13.09 -5.72 -1.50
CA GLY A 78 12.67 -6.94 -2.16
C GLY A 78 11.38 -6.71 -2.96
N LEU A 79 10.97 -5.45 -3.01
CA LEU A 79 9.77 -5.09 -3.75
C LEU A 79 10.01 -5.29 -5.24
N CYS A 80 8.99 -4.94 -6.03
CA CYS A 80 9.08 -5.07 -7.47
C CYS A 80 7.76 -4.59 -8.07
N THR A 81 7.56 -4.92 -9.34
CA THR A 81 6.35 -4.54 -10.04
C THR A 81 5.40 -5.74 -10.16
N GLY A 82 4.14 -5.48 -9.86
CA GLY A 82 3.12 -6.52 -9.93
C GLY A 82 2.68 -6.95 -8.53
N ASP A 83 3.66 -7.06 -7.64
CA ASP A 83 3.37 -7.45 -6.27
C ASP A 83 2.27 -6.56 -5.70
N ARG A 84 1.26 -7.22 -5.13
CA ARG A 84 0.14 -6.50 -4.56
C ARG A 84 0.36 -6.28 -3.06
N ILE A 85 -0.12 -5.15 -2.58
CA ILE A 85 0.02 -4.81 -1.17
C ILE A 85 -1.10 -5.49 -0.37
N ILE A 86 -0.70 -6.12 0.73
CA ILE A 86 -1.66 -6.80 1.58
C ILE A 86 -1.78 -6.05 2.91
N LYS A 87 -0.66 -5.51 3.34
CA LYS A 87 -0.63 -4.76 4.59
C LYS A 87 0.19 -3.47 4.39
N VAL A 88 0.04 -2.56 5.35
CA VAL A 88 0.75 -1.31 5.29
C VAL A 88 0.94 -0.76 6.71
N ASN A 89 2.20 -0.63 7.10
CA ASN A 89 2.53 -0.13 8.42
C ASN A 89 1.70 -0.88 9.46
N GLY A 90 1.45 -2.14 9.18
CA GLY A 90 0.68 -2.98 10.08
C GLY A 90 -0.77 -2.48 10.18
N GLU A 91 -1.23 -1.87 9.10
CA GLU A 91 -2.58 -1.34 9.06
C GLU A 91 -3.41 -2.12 8.05
N SER A 92 -4.06 -3.17 8.54
CA SER A 92 -4.89 -4.01 7.70
C SER A 92 -5.66 -3.14 6.69
N VAL A 93 -5.34 -3.34 5.42
CA VAL A 93 -5.98 -2.59 4.35
C VAL A 93 -7.37 -3.18 4.09
N ILE A 94 -8.17 -3.22 5.14
CA ILE A 94 -9.52 -3.76 5.04
C ILE A 94 -10.53 -2.61 5.16
N GLY A 95 -11.41 -2.54 4.17
CA GLY A 95 -12.42 -1.50 4.16
C GLY A 95 -11.82 -0.15 3.71
N LYS A 96 -10.62 -0.24 3.15
CA LYS A 96 -9.94 0.96 2.68
C LYS A 96 -10.16 1.10 1.17
N THR A 97 -9.98 2.32 0.70
CA THR A 97 -10.16 2.62 -0.71
C THR A 97 -8.86 3.14 -1.32
N TYR A 98 -7.84 2.29 -1.26
CA TYR A 98 -6.53 2.66 -1.80
C TYR A 98 -6.02 3.95 -1.16
N SER A 99 -6.51 5.06 -1.68
CA SER A 99 -6.12 6.37 -1.18
C SER A 99 -5.94 6.31 0.34
N GLN A 100 -6.72 5.44 0.97
CA GLN A 100 -6.66 5.29 2.41
C GLN A 100 -5.27 4.78 2.82
N VAL A 101 -4.89 3.66 2.24
CA VAL A 101 -3.61 3.06 2.55
C VAL A 101 -2.49 4.03 2.13
N ILE A 102 -2.79 4.81 1.11
CA ILE A 102 -1.83 5.79 0.61
C ILE A 102 -1.44 6.75 1.74
N ALA A 103 -2.47 7.26 2.41
CA ALA A 103 -2.24 8.18 3.51
C ALA A 103 -1.35 7.52 4.57
N LEU A 104 -1.50 6.21 4.67
CA LEU A 104 -0.71 5.45 5.63
C LEU A 104 0.77 5.49 5.22
N ILE A 105 0.98 5.51 3.91
CA ILE A 105 2.34 5.55 3.39
C ILE A 105 2.88 6.99 3.49
N GLN A 106 1.98 7.94 3.31
CA GLN A 106 2.35 9.34 3.38
C GLN A 106 2.45 9.79 4.85
N ASN A 107 1.69 9.11 5.70
CA ASN A 107 1.68 9.43 7.11
C ASN A 107 2.61 8.46 7.85
N SER A 108 3.23 7.59 7.08
CA SER A 108 4.14 6.61 7.65
C SER A 108 5.41 7.31 8.17
N ASP A 109 5.55 8.56 7.77
CA ASP A 109 6.70 9.35 8.19
C ASP A 109 7.89 9.00 7.29
N THR A 110 9.08 9.16 7.85
CA THR A 110 10.30 8.88 7.12
C THR A 110 10.27 7.45 6.58
N THR A 111 10.20 6.50 7.50
CA THR A 111 10.16 5.09 7.13
C THR A 111 8.76 4.71 6.64
N LEU A 112 8.70 3.56 6.00
CA LEU A 112 7.43 3.06 5.49
C LEU A 112 7.54 1.55 5.26
N GLU A 113 6.76 0.80 6.02
CA GLU A 113 6.76 -0.64 5.91
C GLU A 113 5.61 -1.10 5.00
N LEU A 114 5.91 -2.07 4.15
CA LEU A 114 4.92 -2.61 3.24
C LEU A 114 4.84 -4.13 3.41
N SER A 115 3.89 -4.72 2.70
CA SER A 115 3.69 -6.16 2.77
C SER A 115 2.97 -6.65 1.52
N VAL A 116 3.61 -7.59 0.84
CA VAL A 116 3.04 -8.15 -0.38
C VAL A 116 2.78 -9.64 -0.18
N MET A 117 2.29 -10.27 -1.24
CA MET A 117 1.99 -11.70 -1.19
C MET A 117 2.68 -12.44 -2.34
N PRO A 118 3.86 -13.04 -2.01
CA PRO A 118 4.62 -13.78 -3.00
C PRO A 118 3.97 -15.13 -3.29
N LYS A 119 4.44 -15.76 -4.36
CA LYS A 119 3.91 -17.06 -4.76
C LYS A 119 5.07 -17.96 -5.20
N ASP A 120 5.90 -17.42 -6.09
CA ASP A 120 7.04 -18.16 -6.60
C ASP A 120 8.19 -17.20 -6.88
N SER A 121 7.89 -16.20 -7.70
CA SER A 121 8.89 -15.20 -8.05
C SER A 121 9.65 -14.76 -6.80
N GLY A 122 10.79 -14.12 -7.04
CA GLY A 122 11.62 -13.64 -5.95
C GLY A 122 12.96 -14.38 -5.92
N PRO A 123 13.95 -13.82 -6.67
CA PRO A 123 15.27 -14.41 -6.73
C PRO A 123 16.06 -14.15 -5.44
N SER A 124 16.95 -15.08 -5.13
CA SER A 124 17.77 -14.96 -3.94
C SER A 124 19.22 -14.70 -4.32
N SER A 125 19.56 -15.08 -5.54
CA SER A 125 20.92 -14.90 -6.03
C SER A 125 20.88 -14.55 -7.53
N GLY A 126 21.68 -13.56 -7.89
CA GLY A 126 21.75 -13.12 -9.27
C GLY A 126 20.40 -12.60 -9.74
N GLY A 1 13.08 -2.42 13.75
CA GLY A 1 12.29 -3.54 13.29
C GLY A 1 13.17 -4.76 13.04
N SER A 2 13.49 -4.97 11.77
CA SER A 2 14.31 -6.10 11.38
C SER A 2 13.62 -7.41 11.76
N SER A 3 12.67 -7.80 10.94
CA SER A 3 11.93 -9.02 11.18
C SER A 3 11.33 -9.55 9.87
N GLY A 4 11.80 -10.72 9.46
CA GLY A 4 11.32 -11.33 8.24
C GLY A 4 10.86 -12.77 8.48
N SER A 5 9.62 -13.03 8.08
CA SER A 5 9.05 -14.36 8.26
C SER A 5 8.94 -15.06 6.91
N SER A 6 10.01 -15.77 6.56
CA SER A 6 10.05 -16.49 5.31
C SER A 6 8.69 -17.16 5.04
N GLY A 7 8.28 -17.98 6.00
CA GLY A 7 7.01 -18.68 5.89
C GLY A 7 5.86 -17.80 6.36
N GLY A 8 4.89 -17.61 5.49
CA GLY A 8 3.73 -16.80 5.80
C GLY A 8 3.76 -15.47 5.05
N PRO A 9 3.30 -14.39 5.74
CA PRO A 9 3.27 -13.07 5.15
C PRO A 9 4.67 -12.47 5.08
N LYS A 10 5.01 -11.96 3.91
CA LYS A 10 6.32 -11.36 3.69
C LYS A 10 6.23 -9.84 3.97
N THR A 11 7.23 -9.35 4.67
CA THR A 11 7.28 -7.94 5.03
C THR A 11 8.45 -7.26 4.31
N VAL A 12 8.23 -6.00 3.94
CA VAL A 12 9.26 -5.24 3.26
C VAL A 12 9.30 -3.82 3.84
N THR A 13 10.46 -3.47 4.38
CA THR A 13 10.65 -2.16 4.97
C THR A 13 11.19 -1.18 3.93
N LEU A 14 10.66 0.04 3.98
CA LEU A 14 11.08 1.07 3.05
C LEU A 14 11.57 2.29 3.84
N LYS A 15 12.28 3.17 3.13
CA LYS A 15 12.81 4.37 3.75
C LYS A 15 12.52 5.57 2.85
N ARG A 16 11.66 6.45 3.35
CA ARG A 16 11.29 7.65 2.60
C ARG A 16 12.55 8.41 2.16
N THR A 17 12.65 8.63 0.86
CA THR A 17 13.79 9.34 0.32
C THR A 17 13.38 10.75 -0.11
N SER A 18 12.11 10.88 -0.46
CA SER A 18 11.59 12.17 -0.89
C SER A 18 10.14 12.01 -1.34
N GLN A 19 9.56 13.12 -1.81
CA GLN A 19 8.19 13.12 -2.27
C GLN A 19 7.92 11.86 -3.09
N GLY A 20 7.02 11.03 -2.57
CA GLY A 20 6.66 9.80 -3.24
C GLY A 20 7.76 8.75 -3.10
N PHE A 21 7.49 7.78 -2.23
CA PHE A 21 8.44 6.70 -1.99
C PHE A 21 8.88 6.05 -3.30
N GLY A 22 10.04 5.39 -3.24
CA GLY A 22 10.58 4.72 -4.41
C GLY A 22 9.46 4.11 -5.26
N PHE A 23 9.17 2.84 -4.97
CA PHE A 23 8.13 2.14 -5.69
C PHE A 23 6.88 3.00 -5.87
N THR A 24 5.99 2.54 -6.72
CA THR A 24 4.76 3.26 -6.99
C THR A 24 3.59 2.30 -7.15
N LEU A 25 2.39 2.85 -7.08
CA LEU A 25 1.19 2.04 -7.21
C LEU A 25 0.50 2.38 -8.53
N ARG A 26 -0.44 1.53 -8.91
CA ARG A 26 -1.18 1.72 -10.15
C ARG A 26 -2.58 1.11 -10.03
N HIS A 27 -3.48 1.64 -10.85
CA HIS A 27 -4.86 1.15 -10.84
C HIS A 27 -5.53 1.55 -9.52
N PHE A 28 -6.49 2.45 -9.63
CA PHE A 28 -7.21 2.90 -8.45
C PHE A 28 -8.54 3.56 -8.84
N ILE A 29 -9.38 3.77 -7.84
CA ILE A 29 -10.68 4.38 -8.07
C ILE A 29 -10.85 5.57 -7.12
N VAL A 30 -11.88 6.36 -7.40
CA VAL A 30 -12.18 7.52 -6.59
C VAL A 30 -13.69 7.70 -6.47
N TYR A 31 -14.13 8.02 -5.26
CA TYR A 31 -15.54 8.22 -5.01
C TYR A 31 -15.76 9.08 -3.75
N PRO A 32 -15.51 10.40 -3.92
CA PRO A 32 -15.67 11.33 -2.81
C PRO A 32 -17.15 11.61 -2.55
N PRO A 33 -17.41 12.25 -1.38
CA PRO A 33 -18.78 12.58 -0.99
C PRO A 33 -19.30 13.77 -1.80
N GLU A 34 -20.61 13.96 -1.73
CA GLU A 34 -21.24 15.05 -2.44
C GLU A 34 -21.21 16.34 -1.61
N SER A 35 -20.83 17.42 -2.25
CA SER A 35 -20.75 18.71 -1.58
C SER A 35 -19.60 18.69 -0.57
N ALA A 36 -19.73 17.79 0.41
CA ALA A 36 -18.71 17.67 1.44
C ALA A 36 -17.33 17.78 0.80
N ILE A 37 -16.54 18.70 1.33
CA ILE A 37 -15.18 18.91 0.83
C ILE A 37 -14.31 17.72 1.21
N GLN A 38 -13.37 17.41 0.32
CA GLN A 38 -12.47 16.30 0.54
C GLN A 38 -11.01 16.76 0.40
N PHE A 39 -10.62 17.67 1.28
CA PHE A 39 -9.27 18.19 1.25
C PHE A 39 -8.67 18.24 2.66
N SER A 40 -7.36 18.37 2.71
CA SER A 40 -6.66 18.43 3.99
C SER A 40 -5.15 18.55 3.76
N TYR A 41 -4.68 19.78 3.81
CA TYR A 41 -3.26 20.04 3.60
C TYR A 41 -2.69 20.90 4.73
N LYS A 42 -1.69 20.36 5.41
CA LYS A 42 -1.05 21.05 6.50
C LYS A 42 -2.08 21.30 7.62
N ASP A 43 -1.64 21.11 8.85
CA ASP A 43 -2.50 21.30 9.99
C ASP A 43 -1.68 21.16 11.28
N GLU A 44 -0.98 20.03 11.38
CA GLU A 44 -0.16 19.76 12.54
C GLU A 44 -0.97 19.97 13.83
N GLU A 45 -0.33 19.66 14.94
CA GLU A 45 -0.97 19.80 16.24
C GLU A 45 -2.23 18.92 16.30
N ASN A 46 -2.55 18.48 17.51
CA ASN A 46 -3.71 17.63 17.72
C ASN A 46 -3.58 16.37 16.87
N GLY A 47 -4.39 15.39 17.20
CA GLY A 47 -4.38 14.13 16.47
C GLY A 47 -4.78 12.96 17.39
N ASN A 48 -6.00 12.49 17.19
CA ASN A 48 -6.51 11.38 17.98
C ASN A 48 -7.99 11.15 17.64
N ARG A 49 -8.29 9.92 17.26
CA ARG A 49 -9.65 9.57 16.91
C ARG A 49 -10.09 8.31 17.67
N GLY A 50 -11.40 8.10 17.73
CA GLY A 50 -11.95 6.95 18.41
C GLY A 50 -13.47 6.88 18.23
N GLY A 51 -13.88 6.61 17.00
CA GLY A 51 -15.29 6.52 16.69
C GLY A 51 -15.60 5.23 15.91
N LYS A 52 -16.56 5.34 15.00
CA LYS A 52 -16.95 4.20 14.19
C LYS A 52 -17.83 4.68 13.03
N GLN A 53 -17.62 4.07 11.88
CA GLN A 53 -18.39 4.43 10.69
C GLN A 53 -19.23 3.24 10.23
N ARG A 54 -20.29 3.55 9.51
CA ARG A 54 -21.18 2.53 9.01
C ARG A 54 -21.38 2.70 7.50
N ASN A 55 -20.63 1.93 6.73
CA ASN A 55 -20.71 1.99 5.29
C ASN A 55 -19.72 1.00 4.67
N ARG A 56 -20.06 0.52 3.50
CA ARG A 56 -19.21 -0.43 2.79
C ARG A 56 -19.66 -0.58 1.34
N LEU A 57 -20.13 0.52 0.79
CA LEU A 57 -20.60 0.53 -0.59
C LEU A 57 -19.56 1.25 -1.47
N GLU A 58 -18.45 0.57 -1.69
CA GLU A 58 -17.38 1.12 -2.51
C GLU A 58 -16.78 0.04 -3.40
N PRO A 59 -16.15 0.49 -4.51
CA PRO A 59 -15.52 -0.43 -5.44
C PRO A 59 -14.20 -0.97 -4.88
N MET A 60 -13.21 -0.10 -4.84
CA MET A 60 -11.90 -0.47 -4.32
C MET A 60 -11.28 -1.57 -5.18
N ASP A 61 -9.98 -1.78 -4.97
CA ASP A 61 -9.25 -2.80 -5.71
C ASP A 61 -7.88 -3.01 -5.06
N THR A 62 -7.24 -4.10 -5.46
CA THR A 62 -5.93 -4.43 -4.93
C THR A 62 -4.92 -3.34 -5.28
N ILE A 63 -3.78 -3.38 -4.60
CA ILE A 63 -2.74 -2.40 -4.82
C ILE A 63 -1.51 -3.11 -5.40
N PHE A 64 -1.44 -3.11 -6.73
CA PHE A 64 -0.33 -3.75 -7.42
C PHE A 64 0.80 -2.74 -7.68
N VAL A 65 2.02 -3.24 -7.63
CA VAL A 65 3.18 -2.41 -7.86
C VAL A 65 3.28 -2.07 -9.36
N LYS A 66 3.75 -0.87 -9.62
CA LYS A 66 3.89 -0.41 -10.99
C LYS A 66 5.36 -0.56 -11.43
N GLN A 67 6.25 -0.09 -10.57
CA GLN A 67 7.67 -0.17 -10.84
C GLN A 67 8.47 -0.10 -9.54
N VAL A 68 9.77 -0.31 -9.67
CA VAL A 68 10.65 -0.27 -8.52
C VAL A 68 11.91 0.54 -8.85
N LYS A 69 12.07 1.65 -8.15
CA LYS A 69 13.20 2.52 -8.37
C LYS A 69 14.46 1.66 -8.59
N GLU A 70 15.40 2.24 -9.32
CA GLU A 70 16.65 1.55 -9.61
C GLU A 70 17.73 1.97 -8.62
N GLY A 71 17.62 1.47 -7.40
CA GLY A 71 18.57 1.79 -6.36
C GLY A 71 17.94 2.65 -5.28
N GLY A 72 16.66 2.42 -5.06
CA GLY A 72 15.92 3.17 -4.05
C GLY A 72 15.65 2.31 -2.81
N PRO A 73 14.54 2.65 -2.10
CA PRO A 73 14.17 1.92 -0.90
C PRO A 73 13.58 0.56 -1.25
N ALA A 74 12.40 0.60 -1.86
CA ALA A 74 11.71 -0.62 -2.24
C ALA A 74 12.70 -1.54 -2.96
N PHE A 75 13.47 -0.96 -3.86
CA PHE A 75 14.46 -1.71 -4.61
C PHE A 75 15.34 -2.54 -3.68
N GLU A 76 15.59 -1.98 -2.50
CA GLU A 76 16.43 -2.66 -1.52
C GLU A 76 15.60 -3.70 -0.75
N ALA A 77 14.50 -3.23 -0.17
CA ALA A 77 13.62 -4.09 0.59
C ALA A 77 13.51 -5.44 -0.13
N GLY A 78 13.61 -5.39 -1.44
CA GLY A 78 13.52 -6.59 -2.25
C GLY A 78 12.22 -6.60 -3.06
N LEU A 79 11.48 -5.51 -2.95
CA LEU A 79 10.22 -5.38 -3.67
C LEU A 79 10.43 -5.72 -5.15
N CYS A 80 9.36 -5.62 -5.91
CA CYS A 80 9.41 -5.89 -7.34
C CYS A 80 8.12 -5.41 -7.97
N THR A 81 7.88 -5.87 -9.19
CA THR A 81 6.69 -5.48 -9.92
C THR A 81 5.67 -6.63 -9.91
N GLY A 82 4.44 -6.28 -9.58
CA GLY A 82 3.38 -7.26 -9.53
C GLY A 82 2.94 -7.53 -8.09
N ASP A 83 3.93 -7.61 -7.22
CA ASP A 83 3.66 -7.86 -5.81
C ASP A 83 2.65 -6.85 -5.30
N ARG A 84 1.56 -7.37 -4.74
CA ARG A 84 0.51 -6.53 -4.21
C ARG A 84 0.69 -6.35 -2.70
N ILE A 85 0.26 -5.20 -2.21
CA ILE A 85 0.36 -4.89 -0.80
C ILE A 85 -0.83 -5.51 -0.06
N ILE A 86 -0.53 -6.21 1.02
CA ILE A 86 -1.55 -6.84 1.82
C ILE A 86 -1.65 -6.15 3.18
N LYS A 87 -0.50 -5.68 3.65
CA LYS A 87 -0.44 -5.00 4.92
C LYS A 87 0.56 -3.85 4.84
N VAL A 88 0.29 -2.81 5.63
CA VAL A 88 1.16 -1.65 5.65
C VAL A 88 1.39 -1.21 7.09
N ASN A 89 2.66 -1.03 7.43
CA ASN A 89 3.01 -0.62 8.78
C ASN A 89 2.03 -1.21 9.78
N GLY A 90 1.73 -2.48 9.57
CA GLY A 90 0.80 -3.18 10.44
C GLY A 90 -0.41 -2.30 10.78
N GLU A 91 -1.02 -1.77 9.73
CA GLU A 91 -2.19 -0.91 9.89
C GLU A 91 -3.45 -1.63 9.44
N SER A 92 -3.25 -2.61 8.56
CA SER A 92 -4.36 -3.39 8.04
C SER A 92 -4.98 -2.67 6.83
N VAL A 93 -4.79 -3.28 5.67
CA VAL A 93 -5.32 -2.71 4.44
C VAL A 93 -5.97 -3.82 3.61
N ILE A 94 -6.88 -4.53 4.26
CA ILE A 94 -7.58 -5.62 3.59
C ILE A 94 -8.81 -5.06 2.88
N GLY A 95 -9.46 -4.12 3.54
CA GLY A 95 -10.65 -3.50 2.97
C GLY A 95 -10.51 -1.97 2.94
N LYS A 96 -9.27 -1.53 2.81
CA LYS A 96 -8.99 -0.10 2.75
C LYS A 96 -8.89 0.34 1.29
N THR A 97 -9.27 1.58 1.06
CA THR A 97 -9.23 2.15 -0.28
C THR A 97 -7.85 2.72 -0.58
N TYR A 98 -7.61 2.99 -1.86
CA TYR A 98 -6.35 3.55 -2.29
C TYR A 98 -6.02 4.83 -1.52
N SER A 99 -6.86 5.83 -1.72
CA SER A 99 -6.67 7.11 -1.05
C SER A 99 -6.35 6.89 0.43
N GLN A 100 -6.90 5.81 0.96
CA GLN A 100 -6.68 5.48 2.36
C GLN A 100 -5.26 4.96 2.57
N VAL A 101 -5.01 3.77 2.06
CA VAL A 101 -3.70 3.16 2.18
C VAL A 101 -2.63 4.16 1.73
N ILE A 102 -3.02 5.01 0.80
CA ILE A 102 -2.12 6.02 0.27
C ILE A 102 -1.59 6.88 1.42
N ALA A 103 -2.51 7.31 2.26
CA ALA A 103 -2.15 8.14 3.41
C ALA A 103 -1.22 7.34 4.33
N LEU A 104 -1.51 6.06 4.44
CA LEU A 104 -0.70 5.18 5.29
C LEU A 104 0.75 5.21 4.79
N ILE A 105 0.90 5.43 3.50
CA ILE A 105 2.22 5.48 2.90
C ILE A 105 2.81 6.88 3.09
N GLN A 106 1.98 7.88 2.86
CA GLN A 106 2.41 9.26 3.00
C GLN A 106 2.74 9.57 4.46
N ASN A 107 2.08 8.85 5.35
CA ASN A 107 2.29 9.03 6.77
C ASN A 107 3.16 7.89 7.30
N SER A 108 3.73 7.14 6.36
CA SER A 108 4.59 6.02 6.72
C SER A 108 5.69 6.49 7.66
N ASP A 109 5.93 7.79 7.64
CA ASP A 109 6.96 8.37 8.48
C ASP A 109 8.33 8.18 7.82
N THR A 110 9.35 8.11 8.67
CA THR A 110 10.71 7.93 8.18
C THR A 110 10.79 6.71 7.26
N THR A 111 10.27 5.59 7.77
CA THR A 111 10.27 4.36 7.01
C THR A 111 8.86 3.99 6.57
N LEU A 112 8.76 2.89 5.85
CA LEU A 112 7.47 2.41 5.38
C LEU A 112 7.52 0.89 5.20
N GLU A 113 6.81 0.21 6.08
CA GLU A 113 6.77 -1.25 6.04
C GLU A 113 5.55 -1.71 5.24
N LEU A 114 5.81 -2.65 4.34
CA LEU A 114 4.76 -3.20 3.50
C LEU A 114 4.78 -4.73 3.59
N SER A 115 3.73 -5.33 3.06
CA SER A 115 3.61 -6.77 3.07
C SER A 115 2.95 -7.26 1.77
N VAL A 116 3.61 -8.19 1.11
CA VAL A 116 3.11 -8.74 -0.14
C VAL A 116 2.86 -10.24 0.04
N MET A 117 2.61 -10.90 -1.09
CA MET A 117 2.37 -12.33 -1.07
C MET A 117 3.06 -13.02 -2.26
N PRO A 118 4.34 -13.41 -2.03
CA PRO A 118 5.11 -14.07 -3.06
C PRO A 118 4.66 -15.52 -3.23
N LYS A 119 5.18 -16.15 -4.27
CA LYS A 119 4.84 -17.53 -4.57
C LYS A 119 5.99 -18.19 -5.33
N ASP A 120 6.05 -17.87 -6.62
CA ASP A 120 7.10 -18.41 -7.47
C ASP A 120 7.89 -17.26 -8.11
N SER A 121 9.10 -17.09 -7.62
CA SER A 121 9.97 -16.03 -8.12
C SER A 121 10.88 -16.58 -9.22
N GLY A 122 11.51 -15.66 -9.94
CA GLY A 122 12.41 -16.04 -11.02
C GLY A 122 12.17 -15.17 -12.25
N PRO A 123 13.15 -15.23 -13.19
CA PRO A 123 13.07 -14.45 -14.42
C PRO A 123 12.07 -15.08 -15.39
N SER A 124 10.80 -15.00 -15.02
CA SER A 124 9.73 -15.55 -15.84
C SER A 124 9.83 -15.00 -17.26
N SER A 125 9.27 -15.74 -18.20
CA SER A 125 9.28 -15.33 -19.59
C SER A 125 8.11 -14.39 -19.87
N GLY A 126 8.36 -13.44 -20.76
CA GLY A 126 7.34 -12.47 -21.13
C GLY A 126 7.61 -11.11 -20.47
#